data_9C5Q
#
_entry.id   9C5Q
#
loop_
_entity.id
_entity.type
_entity.pdbx_description
1 polymer "DNA (5'-D(P*TP*TP*TP*TP*TP*TP*TP*TP*CP*CP*CP*GP*GP*G)-3')"
2 polymer 'DNA polymerase theta'
#
loop_
_entity_poly.entity_id
_entity_poly.type
_entity_poly.pdbx_seq_one_letter_code
_entity_poly.pdbx_strand_id
1 'polydeoxyribonucleotide' (DT)(DT)(DT)(DT)(DT)(DT)(DT)(DT)(DC)(DC)(DC)(DG)(DG)(DG) D,B
2 'polypeptide(L)'
;KLLLANWGLPKAVLEKYHSFGVKKMFEWQAECLLLGQVLEGKNLVYSAPTSAGKTLVAELLILKRVLEMRKKALFILPFV
SVAKEKKYYLQSLFQEVGIKVDGYMGSTSPSRHFSSLDIAVCTIERANGLINRLIEENKMDLLGMVVVDELHMLGDSHRG
YLLELLLTKICYITRKSASCQADLASSLSNAVQIVGMSATLPNLELVASWLNAELYHTDFRPVPLLESVKVGNSIYDSSM
KLVREFEPMLQVKGDEDHVVSLCYETICDNHSVLLFCPSKKWCEKLADIIAREFYNLHHQAEGLVKPSECPPVILEQKEL
LEVMDQLRRLPSGLDSVLQKTVPWGVAFHHAGLTFEERDIIEGAFRQGLIRVLAATSTLSSGVNLPARRVIIRTPIFGGR
PLDILTYKQMVGRAGRKGVDTVGESILICKNSEKSKGIALLQGSLKPVRSCLQRREGEEVTGSMIRAILEIIVGGVASTS
QDMHTYAACTFLAASMKEGKQGIQRNQESVQLGAIEACVMWLLENEFIQSTEASDGTEGKVYHPTHLGSATLSSSLSPAD
TLDIFADLQRAMKGFVLENDLHILYLVTPMFEDWTTIDWYRFFCLWEKLPTSMKRVAELVGVEEGFLARCVAAAAAAAAA
AQHRQMAIHKRFFTSLVLLDLISEVPLREINQKYGCNRGQIQSLQQSAAVYAGMITVFSNRLGWHNMELLLSQFQKRLTF
GIQRELCDLVRVSLLNAQRARVLYASGFHTVADLARANIVEVEVILKNAVPFKSARKAVDEEEEAVEERRNMRTIWVTGR
KGLTEREAAALIVEEARMILQQDL
;
C,A
#
loop_
_chem_comp.id
_chem_comp.type
_chem_comp.name
_chem_comp.formula
DC DNA linking 2'-DEOXYCYTIDINE-5'-MONOPHOSPHATE 'C9 H14 N3 O7 P'
DG DNA linking 2'-DEOXYGUANOSINE-5'-MONOPHOSPHATE 'C10 H14 N5 O7 P'
DT DNA linking THYMIDINE-5'-MONOPHOSPHATE 'C10 H15 N2 O8 P'
#
# COMPACT_ATOMS: atom_id res chain seq x y z
N LYS B 1 -1.18 10.01 65.56
CA LYS B 1 -2.48 10.63 65.32
C LYS B 1 -2.50 11.34 63.97
N LEU B 2 -2.53 12.67 64.01
CA LEU B 2 -2.52 13.47 62.79
C LEU B 2 -1.16 13.48 62.10
N LEU B 3 -0.10 13.06 62.78
CA LEU B 3 1.21 13.01 62.16
C LEU B 3 1.26 11.93 61.08
N LEU B 4 1.97 12.23 59.99
CA LEU B 4 2.06 11.28 58.88
C LEU B 4 2.83 10.03 59.26
N ALA B 5 3.74 10.13 60.23
CA ALA B 5 4.54 8.97 60.61
C ALA B 5 3.70 7.90 61.28
N ASN B 6 2.66 8.29 62.00
CA ASN B 6 1.79 7.32 62.69
C ASN B 6 0.60 6.91 61.83
N TRP B 7 0.89 6.44 60.62
CA TRP B 7 -0.15 5.97 59.72
C TRP B 7 0.22 4.72 58.93
N GLY B 8 1.39 4.13 59.17
CA GLY B 8 1.78 2.92 58.47
C GLY B 8 2.09 3.12 57.00
N LEU B 9 3.18 3.83 56.71
CA LEU B 9 3.58 4.10 55.34
C LEU B 9 5.01 3.63 55.11
N PRO B 10 5.37 3.31 53.86
CA PRO B 10 6.76 2.96 53.56
C PRO B 10 7.72 4.09 53.93
N LYS B 11 8.91 3.71 54.36
CA LYS B 11 9.91 4.68 54.80
C LYS B 11 10.29 5.63 53.66
N ALA B 12 10.53 5.08 52.47
CA ALA B 12 10.89 5.92 51.34
C ALA B 12 9.74 6.85 50.96
N VAL B 13 8.51 6.35 50.99
CA VAL B 13 7.35 7.17 50.65
C VAL B 13 7.22 8.32 51.63
N LEU B 14 7.36 8.03 52.93
CA LEU B 14 7.22 9.08 53.93
C LEU B 14 8.37 10.10 53.83
N GLU B 15 9.59 9.63 53.55
CA GLU B 15 10.70 10.56 53.39
C GLU B 15 10.49 11.46 52.18
N LYS B 16 10.03 10.88 51.06
CA LYS B 16 9.75 11.69 49.88
C LYS B 16 8.64 12.70 50.13
N TYR B 17 7.60 12.30 50.86
CA TYR B 17 6.50 13.22 51.13
C TYR B 17 6.95 14.34 52.06
N HIS B 18 7.78 14.02 53.06
CA HIS B 18 8.37 15.04 53.90
C HIS B 18 9.34 15.95 53.16
N SER B 19 9.91 15.48 52.05
CA SER B 19 10.76 16.34 51.23
C SER B 19 9.95 17.51 50.66
N PHE B 20 8.71 17.25 50.24
CA PHE B 20 7.85 18.31 49.76
C PHE B 20 7.48 19.30 50.86
N GLY B 21 7.56 18.89 52.13
CA GLY B 21 7.24 19.77 53.23
C GLY B 21 5.86 19.60 53.81
N VAL B 22 5.32 18.39 53.80
CA VAL B 22 3.99 18.11 54.36
C VAL B 22 4.18 17.15 55.52
N LYS B 23 3.70 17.52 56.70
CA LYS B 23 3.86 16.71 57.90
C LYS B 23 2.52 16.26 58.48
N LYS B 24 1.59 17.18 58.70
CA LYS B 24 0.32 16.86 59.34
C LYS B 24 -0.78 16.70 58.30
N MET B 25 -1.93 16.23 58.77
CA MET B 25 -3.14 16.13 57.97
C MET B 25 -4.29 16.72 58.75
N PHE B 26 -5.23 17.35 58.04
CA PHE B 26 -6.36 17.97 58.70
C PHE B 26 -7.29 16.91 59.28
N GLU B 27 -8.13 17.34 60.23
CA GLU B 27 -9.00 16.39 60.93
C GLU B 27 -10.05 15.79 60.01
N TRP B 28 -10.47 16.52 58.98
CA TRP B 28 -11.49 16.00 58.08
C TRP B 28 -10.97 14.81 57.29
N GLN B 29 -9.68 14.82 56.93
CA GLN B 29 -9.10 13.68 56.23
C GLN B 29 -9.15 12.42 57.07
N ALA B 30 -8.78 12.53 58.36
CA ALA B 30 -8.87 11.38 59.24
C ALA B 30 -10.32 10.94 59.44
N GLU B 31 -11.23 11.91 59.58
CA GLU B 31 -12.64 11.57 59.78
C GLU B 31 -13.20 10.80 58.58
N CYS B 32 -12.85 11.22 57.37
CA CYS B 32 -13.34 10.52 56.18
C CYS B 32 -12.61 9.19 55.96
N LEU B 33 -11.35 9.09 56.42
CA LEU B 33 -10.63 7.83 56.29
C LEU B 33 -11.19 6.77 57.23
N LEU B 34 -11.61 7.18 58.43
CA LEU B 34 -12.17 6.26 59.42
C LEU B 34 -13.70 6.30 59.43
N LEU B 35 -14.31 6.49 58.27
CA LEU B 35 -15.77 6.58 58.15
C LEU B 35 -16.30 5.24 57.68
N GLY B 36 -16.77 4.42 58.62
CA GLY B 36 -17.33 3.13 58.25
C GLY B 36 -16.26 2.16 57.82
N GLN B 37 -16.60 1.33 56.83
CA GLN B 37 -15.70 0.31 56.30
C GLN B 37 -15.07 0.71 54.97
N VAL B 38 -14.77 2.00 54.79
CA VAL B 38 -14.09 2.42 53.57
C VAL B 38 -12.68 1.86 53.51
N LEU B 39 -12.01 1.75 54.66
CA LEU B 39 -10.62 1.33 54.68
C LEU B 39 -10.45 -0.08 54.11
N GLU B 40 -11.33 -1.01 54.49
CA GLU B 40 -11.30 -2.37 54.00
C GLU B 40 -12.52 -2.58 53.10
N GLY B 41 -12.26 -2.72 51.80
CA GLY B 41 -13.32 -2.91 50.83
C GLY B 41 -14.24 -1.71 50.72
N LYS B 42 -15.36 -1.94 50.03
CA LYS B 42 -16.44 -0.96 49.88
C LYS B 42 -15.99 0.28 49.11
N ASN B 43 -16.95 1.11 48.72
CA ASN B 43 -16.68 2.30 47.92
C ASN B 43 -16.83 3.56 48.77
N LEU B 44 -16.31 4.67 48.24
CA LEU B 44 -16.31 5.94 48.96
C LEU B 44 -16.62 7.09 48.01
N VAL B 45 -17.42 8.03 48.48
CA VAL B 45 -17.73 9.26 47.75
C VAL B 45 -17.66 10.42 48.74
N TYR B 46 -16.91 11.46 48.39
CA TYR B 46 -16.78 12.61 49.27
C TYR B 46 -16.58 13.87 48.44
N SER B 47 -16.83 15.02 49.06
CA SER B 47 -16.70 16.32 48.41
C SER B 47 -16.04 17.29 49.37
N ALA B 48 -14.91 17.85 48.96
CA ALA B 48 -14.13 18.78 49.77
C ALA B 48 -13.70 19.96 48.92
N PRO B 49 -13.47 21.13 49.52
CA PRO B 49 -12.99 22.27 48.75
C PRO B 49 -11.60 22.01 48.17
N THR B 50 -11.34 22.61 47.01
CA THR B 50 -10.10 22.33 46.30
C THR B 50 -8.89 22.95 47.00
N SER B 51 -9.09 23.99 47.80
CA SER B 51 -7.97 24.63 48.49
C SER B 51 -7.31 23.68 49.47
N ALA B 52 -8.11 22.94 50.25
CA ALA B 52 -7.57 21.95 51.17
C ALA B 52 -7.02 20.75 50.41
N GLY B 53 -6.03 20.10 51.01
CA GLY B 53 -5.43 18.92 50.41
C GLY B 53 -6.45 17.81 50.20
N LYS B 54 -6.80 17.57 48.94
CA LYS B 54 -7.85 16.63 48.60
C LYS B 54 -7.34 15.26 48.16
N THR B 55 -6.12 15.19 47.63
CA THR B 55 -5.59 13.94 47.10
C THR B 55 -4.90 13.08 48.16
N LEU B 56 -4.81 13.56 49.40
CA LEU B 56 -4.17 12.76 50.45
C LEU B 56 -4.85 11.42 50.60
N VAL B 57 -6.17 11.42 50.76
CA VAL B 57 -6.91 10.18 51.00
C VAL B 57 -6.88 9.30 49.76
N ALA B 58 -6.98 9.90 48.58
CA ALA B 58 -6.97 9.10 47.35
C ALA B 58 -5.65 8.37 47.18
N GLU B 59 -4.53 9.08 47.38
CA GLU B 59 -3.22 8.44 47.29
C GLU B 59 -3.03 7.41 48.39
N LEU B 60 -3.49 7.69 49.61
CA LEU B 60 -3.36 6.70 50.68
C LEU B 60 -4.12 5.42 50.34
N LEU B 61 -5.34 5.56 49.85
CA LEU B 61 -6.15 4.39 49.52
C LEU B 61 -5.56 3.61 48.35
N ILE B 62 -5.11 4.31 47.31
CA ILE B 62 -4.55 3.60 46.16
C ILE B 62 -3.26 2.89 46.54
N LEU B 63 -2.42 3.52 47.38
CA LEU B 63 -1.22 2.87 47.85
C LEU B 63 -1.55 1.63 48.67
N LYS B 64 -2.52 1.76 49.57
CA LYS B 64 -2.90 0.61 50.41
C LYS B 64 -3.38 -0.56 49.56
N ARG B 65 -4.30 -0.28 48.62
CA ARG B 65 -4.85 -1.35 47.80
C ARG B 65 -3.78 -1.97 46.90
N VAL B 66 -2.93 -1.16 46.27
CA VAL B 66 -1.90 -1.69 45.39
C VAL B 66 -0.90 -2.54 46.18
N LEU B 67 -0.49 -2.07 47.36
CA LEU B 67 0.50 -2.80 48.13
C LEU B 67 -0.09 -4.06 48.76
N GLU B 68 -1.40 -4.08 49.03
CA GLU B 68 -2.01 -5.25 49.63
C GLU B 68 -2.35 -6.31 48.58
N MET B 69 -3.18 -5.94 47.60
CA MET B 69 -3.61 -6.85 46.56
C MET B 69 -3.02 -6.42 45.22
N ARG B 70 -2.33 -7.33 44.56
CA ARG B 70 -1.70 -7.05 43.27
C ARG B 70 -2.79 -6.93 42.21
N LYS B 71 -3.14 -5.69 41.85
CA LYS B 71 -4.17 -5.45 40.85
C LYS B 71 -3.94 -4.08 40.24
N LYS B 72 -4.31 -3.93 38.97
CA LYS B 72 -4.13 -2.67 38.27
C LYS B 72 -5.11 -1.62 38.80
N ALA B 73 -4.79 -0.36 38.52
CA ALA B 73 -5.62 0.76 38.98
C ALA B 73 -5.68 1.81 37.88
N LEU B 74 -6.73 2.63 37.93
CA LEU B 74 -6.92 3.72 36.98
C LEU B 74 -7.13 5.02 37.73
N PHE B 75 -6.72 6.12 37.10
CA PHE B 75 -6.72 7.45 37.71
C PHE B 75 -7.30 8.47 36.73
N ILE B 76 -8.50 8.17 36.20
CA ILE B 76 -9.14 9.02 35.21
C ILE B 76 -9.14 10.48 35.68
N LEU B 77 -8.64 11.36 34.82
CA LEU B 77 -8.53 12.78 35.08
C LEU B 77 -9.13 13.58 33.94
N PRO B 78 -9.63 14.79 34.21
CA PRO B 78 -10.37 15.53 33.18
C PRO B 78 -9.52 15.98 31.99
N PHE B 79 -8.40 16.64 32.25
CA PHE B 79 -7.62 17.28 31.20
C PHE B 79 -6.26 16.62 31.06
N VAL B 80 -5.48 17.11 30.09
CA VAL B 80 -4.21 16.47 29.75
C VAL B 80 -3.08 17.03 30.59
N SER B 81 -2.98 18.36 30.69
CA SER B 81 -1.88 18.97 31.44
C SER B 81 -1.90 18.55 32.91
N VAL B 82 -3.08 18.57 33.52
CA VAL B 82 -3.21 18.09 34.89
C VAL B 82 -2.86 16.62 34.97
N ALA B 83 -3.23 15.86 33.95
CA ALA B 83 -2.86 14.44 33.91
C ALA B 83 -1.35 14.26 33.88
N LYS B 84 -0.66 15.05 33.06
CA LYS B 84 0.80 14.95 32.99
C LYS B 84 1.45 15.34 34.32
N GLU B 85 0.96 16.42 34.94
CA GLU B 85 1.52 16.82 36.23
C GLU B 85 1.28 15.75 37.29
N LYS B 86 0.09 15.16 37.31
CA LYS B 86 -0.20 14.10 38.26
C LYS B 86 0.66 12.87 38.01
N LYS B 87 0.90 12.56 36.73
CA LYS B 87 1.78 11.43 36.42
C LYS B 87 3.19 11.67 36.93
N TYR B 88 3.72 12.88 36.71
CA TYR B 88 5.05 13.19 37.22
C TYR B 88 5.09 13.13 38.74
N TYR B 89 4.06 13.66 39.40
CA TYR B 89 3.99 13.61 40.87
C TYR B 89 3.99 12.16 41.35
N LEU B 90 3.14 11.33 40.76
CA LEU B 90 3.02 9.94 41.20
C LEU B 90 4.31 9.17 40.95
N GLN B 91 4.97 9.42 39.81
CA GLN B 91 6.23 8.74 39.53
C GLN B 91 7.31 9.16 40.52
N SER B 92 7.45 10.47 40.74
CA SER B 92 8.46 10.95 41.67
C SER B 92 8.19 10.47 43.09
N LEU B 93 6.92 10.20 43.43
CA LEU B 93 6.62 9.72 44.77
C LEU B 93 6.89 8.22 44.89
N PHE B 94 6.31 7.43 43.99
CA PHE B 94 6.58 5.98 43.94
C PHE B 94 7.74 5.67 43.00
N GLN B 95 8.85 6.38 43.15
CA GLN B 95 10.05 6.10 42.36
C GLN B 95 10.96 5.05 43.01
N GLU B 96 10.63 4.56 44.21
CA GLU B 96 11.53 3.66 44.92
C GLU B 96 10.98 2.23 45.01
N VAL B 97 9.78 2.06 45.57
CA VAL B 97 9.25 0.72 45.80
C VAL B 97 9.00 -0.01 44.49
N GLY B 98 8.52 0.71 43.49
CA GLY B 98 8.33 0.14 42.17
C GLY B 98 6.88 -0.06 41.80
N ILE B 99 6.33 0.89 41.04
CA ILE B 99 4.97 0.77 40.52
C ILE B 99 4.92 0.90 39.00
N LYS B 100 5.87 1.58 38.38
CA LYS B 100 5.86 1.87 36.94
C LYS B 100 4.63 2.69 36.58
N VAL B 101 4.52 3.85 37.22
CA VAL B 101 3.45 4.79 36.90
C VAL B 101 3.65 5.29 35.48
N ASP B 102 2.62 5.13 34.66
CA ASP B 102 2.70 5.51 33.25
C ASP B 102 1.34 6.04 32.83
N GLY B 103 1.36 7.06 31.98
CA GLY B 103 0.15 7.76 31.59
C GLY B 103 -0.20 7.54 30.14
N TYR B 104 -1.50 7.52 29.86
CA TYR B 104 -2.03 7.41 28.51
C TYR B 104 -2.44 8.76 27.93
N MET B 105 -2.24 9.86 28.65
CA MET B 105 -2.78 11.15 28.24
C MET B 105 -2.21 11.60 26.91
N GLY B 106 -3.05 12.22 26.09
CA GLY B 106 -2.61 12.76 24.82
C GLY B 106 -2.14 11.67 23.88
N SER B 107 -1.16 12.01 23.05
CA SER B 107 -0.56 11.06 22.13
C SER B 107 0.64 10.33 22.74
N THR B 108 0.95 10.59 24.00
CA THR B 108 2.08 9.95 24.68
C THR B 108 1.69 8.52 25.06
N SER B 109 1.68 7.66 24.04
CA SER B 109 1.32 6.27 24.22
C SER B 109 2.40 5.54 25.03
N PRO B 110 2.00 4.56 25.82
CA PRO B 110 2.99 3.78 26.59
C PRO B 110 3.97 3.05 25.68
N SER B 111 5.22 2.96 26.13
CA SER B 111 6.22 2.18 25.43
C SER B 111 5.99 0.68 25.63
N ARG B 112 5.57 0.28 26.83
CA ARG B 112 5.30 -1.10 27.15
C ARG B 112 3.81 -1.39 26.98
N HIS B 113 3.38 -2.57 27.41
CA HIS B 113 1.99 -2.98 27.30
C HIS B 113 1.26 -2.77 28.62
N PHE B 114 -0.07 -2.98 28.58
CA PHE B 114 -0.89 -2.76 29.77
C PHE B 114 -0.61 -3.79 30.85
N SER B 115 -0.26 -5.02 30.47
CA SER B 115 -0.05 -6.07 31.46
C SER B 115 1.11 -5.75 32.39
N SER B 116 2.21 -5.20 31.84
CA SER B 116 3.37 -4.88 32.67
C SER B 116 3.10 -3.73 33.62
N LEU B 117 2.15 -2.86 33.28
CA LEU B 117 1.85 -1.70 34.11
C LEU B 117 1.16 -2.13 35.40
N ASP B 118 1.21 -1.24 36.39
CA ASP B 118 0.49 -1.41 37.64
C ASP B 118 -0.50 -0.28 37.90
N ILE B 119 -0.11 0.97 37.69
CA ILE B 119 -0.99 2.12 37.84
C ILE B 119 -0.95 2.92 36.55
N ALA B 120 -2.13 3.18 35.99
CA ALA B 120 -2.26 3.92 34.74
C ALA B 120 -3.02 5.21 34.98
N VAL B 121 -2.50 6.33 34.48
CA VAL B 121 -3.14 7.63 34.57
C VAL B 121 -3.66 7.98 33.19
N CYS B 122 -4.97 8.01 33.04
CA CYS B 122 -5.60 8.22 31.75
C CYS B 122 -6.59 9.38 31.83
N THR B 123 -6.99 9.86 30.65
CA THR B 123 -8.04 10.86 30.56
C THR B 123 -9.40 10.17 30.55
N ILE B 124 -10.46 10.95 30.32
CA ILE B 124 -11.81 10.38 30.35
C ILE B 124 -12.03 9.43 29.19
N GLU B 125 -11.65 9.84 27.98
CA GLU B 125 -12.00 9.04 26.81
C GLU B 125 -10.98 7.96 26.48
N ARG B 126 -9.80 7.99 27.11
CA ARG B 126 -8.80 6.96 26.88
C ARG B 126 -8.84 5.86 27.92
N ALA B 127 -9.79 5.91 28.85
CA ALA B 127 -10.05 4.80 29.75
C ALA B 127 -11.23 3.95 29.30
N ASN B 128 -12.22 4.57 28.63
CA ASN B 128 -13.34 3.81 28.08
C ASN B 128 -12.85 2.81 27.04
N GLY B 129 -11.92 3.24 26.17
CA GLY B 129 -11.37 2.32 25.19
C GLY B 129 -10.58 1.19 25.84
N LEU B 130 -9.84 1.52 26.91
CA LEU B 130 -9.09 0.49 27.62
C LEU B 130 -10.03 -0.54 28.24
N ILE B 131 -11.13 -0.09 28.84
CA ILE B 131 -12.09 -1.02 29.42
C ILE B 131 -12.77 -1.84 28.32
N ASN B 132 -13.07 -1.21 27.18
CA ASN B 132 -13.66 -1.95 26.08
C ASN B 132 -12.74 -3.05 25.57
N ARG B 133 -11.44 -2.75 25.48
CA ARG B 133 -10.48 -3.78 25.07
C ARG B 133 -10.36 -4.88 26.13
N LEU B 134 -10.36 -4.50 27.41
CA LEU B 134 -10.31 -5.48 28.49
C LEU B 134 -11.57 -6.33 28.55
N ILE B 135 -12.67 -5.87 27.95
CA ILE B 135 -13.85 -6.72 27.79
C ILE B 135 -13.73 -7.60 26.57
N GLU B 136 -13.23 -7.05 25.45
CA GLU B 136 -13.08 -7.84 24.23
C GLU B 136 -12.15 -9.03 24.44
N GLU B 137 -11.03 -8.81 25.14
CA GLU B 137 -10.14 -9.89 25.55
C GLU B 137 -10.42 -10.20 27.02
N ASN B 138 -10.67 -11.47 27.32
CA ASN B 138 -11.19 -11.85 28.65
C ASN B 138 -10.08 -11.70 29.68
N LYS B 139 -9.82 -10.45 30.07
CA LYS B 139 -8.83 -10.12 31.09
C LYS B 139 -9.33 -9.03 32.02
N MET B 140 -10.64 -8.97 32.26
CA MET B 140 -11.22 -7.93 33.10
C MET B 140 -10.83 -8.05 34.58
N ASP B 141 -10.52 -9.26 35.04
CA ASP B 141 -10.25 -9.51 36.46
C ASP B 141 -8.98 -8.84 36.97
N LEU B 142 -8.14 -8.29 36.07
CA LEU B 142 -6.95 -7.59 36.54
C LEU B 142 -7.29 -6.30 37.27
N LEU B 143 -8.39 -5.67 36.92
CA LEU B 143 -8.78 -4.41 37.57
C LEU B 143 -9.11 -4.64 39.04
N GLY B 144 -8.62 -3.75 39.89
CA GLY B 144 -8.88 -3.85 41.31
C GLY B 144 -9.27 -2.54 41.98
N MET B 145 -9.19 -1.44 41.23
CA MET B 145 -9.54 -0.13 41.76
C MET B 145 -9.67 0.85 40.61
N VAL B 146 -10.70 1.69 40.67
CA VAL B 146 -10.90 2.77 39.71
C VAL B 146 -11.10 4.06 40.49
N VAL B 147 -10.27 5.06 40.21
CA VAL B 147 -10.32 6.34 40.89
C VAL B 147 -10.80 7.39 39.90
N VAL B 148 -11.84 8.12 40.28
CA VAL B 148 -12.48 9.10 39.41
C VAL B 148 -12.39 10.47 40.07
N ASP B 149 -11.96 11.47 39.31
CA ASP B 149 -11.88 12.84 39.78
C ASP B 149 -12.95 13.68 39.10
N GLU B 150 -13.47 14.66 39.84
CA GLU B 150 -14.49 15.59 39.33
C GLU B 150 -15.74 14.83 38.88
N LEU B 151 -16.39 14.19 39.87
CA LEU B 151 -17.51 13.29 39.56
C LEU B 151 -18.74 14.02 39.05
N HIS B 152 -18.95 15.29 39.42
CA HIS B 152 -20.20 15.96 39.08
C HIS B 152 -20.34 16.24 37.59
N MET B 153 -19.28 16.06 36.80
CA MET B 153 -19.41 16.21 35.36
C MET B 153 -20.16 15.07 34.70
N LEU B 154 -20.45 13.99 35.44
CA LEU B 154 -21.18 12.86 34.88
C LEU B 154 -22.60 13.23 34.48
N GLY B 155 -23.16 14.28 35.06
CA GLY B 155 -24.53 14.66 34.77
C GLY B 155 -24.75 15.08 33.33
N ASP B 156 -24.18 16.23 32.95
CA ASP B 156 -24.34 16.74 31.60
C ASP B 156 -23.04 17.41 31.17
N SER B 157 -22.58 17.06 29.97
CA SER B 157 -21.39 17.64 29.38
C SER B 157 -21.28 17.15 27.94
N HIS B 158 -20.30 17.69 27.22
CA HIS B 158 -20.02 17.21 25.87
C HIS B 158 -19.32 15.86 25.89
N ARG B 159 -18.53 15.60 26.94
CA ARG B 159 -17.84 14.32 27.07
C ARG B 159 -17.86 13.79 28.50
N GLY B 160 -18.70 14.33 29.37
CA GLY B 160 -18.72 13.92 30.76
C GLY B 160 -19.57 12.70 31.04
N TYR B 161 -20.46 12.33 30.12
CA TYR B 161 -21.33 11.18 30.32
C TYR B 161 -20.58 9.86 30.21
N LEU B 162 -19.32 9.88 29.77
CA LEU B 162 -18.55 8.65 29.68
C LEU B 162 -18.36 8.00 31.06
N LEU B 163 -18.32 8.81 32.12
CA LEU B 163 -18.28 8.25 33.46
C LEU B 163 -19.54 7.44 33.76
N GLU B 164 -20.70 7.96 33.37
CA GLU B 164 -21.96 7.24 33.56
C GLU B 164 -22.08 6.05 32.62
N LEU B 165 -21.38 6.07 31.48
CA LEU B 165 -21.34 4.89 30.62
C LEU B 165 -20.38 3.82 31.13
N LEU B 166 -19.34 4.22 31.88
CA LEU B 166 -18.28 3.33 32.32
C LEU B 166 -18.56 2.68 33.67
N LEU B 167 -18.98 3.48 34.65
CA LEU B 167 -19.10 2.97 36.02
C LEU B 167 -20.16 1.88 36.12
N THR B 168 -21.33 2.11 35.53
CA THR B 168 -22.38 1.10 35.57
C THR B 168 -21.93 -0.18 34.88
N LYS B 169 -21.24 -0.04 33.75
CA LYS B 169 -20.78 -1.21 33.02
C LYS B 169 -19.82 -2.04 33.86
N ILE B 170 -18.81 -1.40 34.45
CA ILE B 170 -17.82 -2.16 35.20
C ILE B 170 -18.46 -2.79 36.43
N CYS B 171 -19.29 -2.02 37.15
CA CYS B 171 -19.93 -2.56 38.35
C CYS B 171 -20.83 -3.75 38.01
N TYR B 172 -21.65 -3.61 36.97
CA TYR B 172 -22.56 -4.68 36.58
C TYR B 172 -21.77 -5.92 36.18
N ILE B 173 -20.82 -5.78 35.27
CA ILE B 173 -20.07 -6.94 34.77
C ILE B 173 -19.32 -7.62 35.91
N THR B 174 -18.79 -6.83 36.85
CA THR B 174 -17.96 -7.42 37.89
C THR B 174 -18.78 -8.07 39.00
N ARG B 175 -19.96 -7.55 39.31
CA ARG B 175 -20.69 -8.08 40.45
C ARG B 175 -22.01 -8.77 40.06
N LYS B 176 -22.84 -8.11 39.26
CA LYS B 176 -24.19 -8.61 39.05
C LYS B 176 -24.19 -9.87 38.17
N SER B 177 -23.36 -9.89 37.13
CA SER B 177 -23.29 -11.02 36.23
C SER B 177 -22.33 -12.09 36.71
N ALA B 178 -21.66 -11.89 37.85
CA ALA B 178 -20.75 -12.87 38.42
C ALA B 178 -21.35 -13.64 39.59
N SER B 179 -22.17 -12.99 40.41
CA SER B 179 -22.78 -13.65 41.55
C SER B 179 -24.21 -14.05 41.24
N SER B 189 -16.46 -10.13 49.08
CA SER B 189 -16.12 -8.72 49.28
C SER B 189 -16.24 -7.94 47.97
N ASN B 190 -15.80 -6.69 47.99
CA ASN B 190 -15.84 -5.86 46.80
C ASN B 190 -14.69 -6.23 45.87
N ALA B 191 -15.02 -6.75 44.68
CA ALA B 191 -13.99 -7.13 43.74
C ALA B 191 -13.28 -5.91 43.16
N VAL B 192 -14.06 -4.87 42.82
CA VAL B 192 -13.51 -3.62 42.31
C VAL B 192 -13.96 -2.49 43.23
N GLN B 193 -13.00 -1.70 43.69
CA GLN B 193 -13.27 -0.57 44.58
C GLN B 193 -13.28 0.72 43.76
N ILE B 194 -14.30 1.55 43.99
CA ILE B 194 -14.46 2.81 43.27
C ILE B 194 -14.49 3.94 44.29
N VAL B 195 -13.65 4.95 44.07
CA VAL B 195 -13.66 6.17 44.88
C VAL B 195 -13.86 7.36 43.95
N GLY B 196 -14.47 8.42 44.48
CA GLY B 196 -14.80 9.56 43.66
C GLY B 196 -14.73 10.85 44.46
N MET B 197 -14.54 11.95 43.73
CA MET B 197 -14.47 13.28 44.31
C MET B 197 -15.43 14.20 43.57
N SER B 198 -16.13 15.04 44.32
CA SER B 198 -17.08 15.99 43.76
C SER B 198 -16.88 17.33 44.44
N ALA B 199 -17.79 18.28 44.18
CA ALA B 199 -17.71 19.62 44.74
C ALA B 199 -19.08 20.03 45.27
N THR B 200 -19.36 19.66 46.53
CA THR B 200 -20.53 20.10 47.28
C THR B 200 -21.82 19.97 46.47
N LEU B 201 -22.12 18.75 46.08
CA LEU B 201 -23.36 18.51 45.35
C LEU B 201 -24.55 18.58 46.29
N PRO B 202 -25.68 19.13 45.83
CA PRO B 202 -26.87 19.22 46.71
C PRO B 202 -27.54 17.87 46.93
N ASN B 203 -27.27 16.87 46.10
CA ASN B 203 -27.88 15.54 46.20
C ASN B 203 -26.79 14.46 46.16
N LEU B 204 -25.73 14.66 46.95
CA LEU B 204 -24.65 13.69 46.99
C LEU B 204 -25.08 12.36 47.58
N GLU B 205 -26.17 12.33 48.35
CA GLU B 205 -26.65 11.07 48.91
C GLU B 205 -27.11 10.12 47.80
N LEU B 206 -27.79 10.66 46.79
CA LEU B 206 -28.30 9.83 45.70
C LEU B 206 -27.19 9.17 44.89
N VAL B 207 -26.03 9.82 44.76
CA VAL B 207 -24.92 9.24 44.04
C VAL B 207 -24.29 8.10 44.84
N ALA B 208 -24.15 8.27 46.14
CA ALA B 208 -23.53 7.25 46.97
C ALA B 208 -24.37 5.96 47.00
N SER B 209 -25.70 6.11 47.07
CA SER B 209 -26.56 4.92 47.11
C SER B 209 -26.50 4.15 45.79
N TRP B 210 -26.37 4.87 44.67
CA TRP B 210 -26.27 4.19 43.37
C TRP B 210 -25.01 3.33 43.30
N LEU B 211 -23.89 3.86 43.78
CA LEU B 211 -22.64 3.12 43.79
C LEU B 211 -22.47 2.26 45.04
N ASN B 212 -23.41 2.31 45.98
CA ASN B 212 -23.35 1.54 47.23
C ASN B 212 -22.10 1.90 48.01
N ALA B 213 -22.02 3.16 48.43
CA ALA B 213 -20.84 3.69 49.09
C ALA B 213 -21.18 4.45 50.36
N GLU B 214 -20.17 5.06 50.98
CA GLU B 214 -20.37 5.92 52.13
C GLU B 214 -20.56 7.37 51.65
N LEU B 215 -20.53 8.31 52.59
CA LEU B 215 -20.72 9.72 52.24
C LEU B 215 -20.07 10.59 53.30
N TYR B 216 -19.15 11.45 52.89
CA TYR B 216 -18.52 12.43 53.76
C TYR B 216 -18.57 13.79 53.10
N HIS B 217 -19.12 14.78 53.81
CA HIS B 217 -19.20 16.14 53.32
C HIS B 217 -18.57 17.08 54.35
N THR B 218 -17.65 17.92 53.89
CA THR B 218 -16.94 18.83 54.79
C THR B 218 -16.78 20.18 54.10
N ASP B 219 -16.49 21.20 54.92
CA ASP B 219 -16.29 22.55 54.42
C ASP B 219 -15.26 23.22 55.33
N PHE B 220 -13.99 23.17 54.93
CA PHE B 220 -12.90 23.73 55.70
C PHE B 220 -11.83 24.25 54.76
N ARG B 221 -11.48 25.53 54.90
CA ARG B 221 -10.47 26.16 54.07
C ARG B 221 -9.41 26.79 54.97
N PRO B 222 -8.12 26.61 54.66
CA PRO B 222 -7.09 27.27 55.47
C PRO B 222 -7.17 28.79 55.45
N VAL B 223 -7.60 29.38 54.33
CA VAL B 223 -7.71 30.83 54.20
C VAL B 223 -9.20 31.18 54.12
N PRO B 224 -9.71 31.99 55.04
CA PRO B 224 -11.13 32.42 55.00
C PRO B 224 -11.37 33.61 54.07
N LEU B 225 -11.51 33.33 52.78
CA LEU B 225 -11.70 34.39 51.81
C LEU B 225 -13.06 35.05 51.99
N LEU B 226 -13.09 36.36 51.71
CA LEU B 226 -14.32 37.15 51.78
C LEU B 226 -14.70 37.59 50.37
N GLU B 227 -15.90 37.24 49.94
CA GLU B 227 -16.38 37.60 48.60
C GLU B 227 -16.97 39.01 48.64
N SER B 228 -16.06 39.98 48.72
CA SER B 228 -16.43 41.39 48.88
C SER B 228 -16.85 41.98 47.53
N VAL B 229 -18.09 41.70 47.16
CA VAL B 229 -18.64 42.26 45.93
C VAL B 229 -18.79 43.77 46.07
N LYS B 230 -18.40 44.50 45.03
CA LYS B 230 -18.48 45.96 45.03
C LYS B 230 -19.34 46.42 43.87
N VAL B 231 -20.25 47.35 44.14
CA VAL B 231 -21.07 47.98 43.11
C VAL B 231 -20.90 49.50 43.23
N GLY B 232 -20.49 50.13 42.13
CA GLY B 232 -20.26 51.56 42.16
C GLY B 232 -19.18 51.91 43.17
N ASN B 233 -19.45 52.93 43.98
CA ASN B 233 -18.55 53.33 45.06
C ASN B 233 -18.82 52.59 46.36
N SER B 234 -19.89 51.81 46.42
CA SER B 234 -20.23 51.05 47.61
C SER B 234 -19.65 49.64 47.52
N ILE B 235 -19.19 49.13 48.65
CA ILE B 235 -18.54 47.83 48.70
C ILE B 235 -19.52 46.92 49.47
N TYR B 236 -20.82 47.20 49.30
CA TYR B 236 -21.87 46.37 49.88
C TYR B 236 -21.65 44.90 49.54
N ASP B 237 -21.39 44.10 50.56
CA ASP B 237 -21.02 42.70 50.36
C ASP B 237 -21.60 41.87 51.50
N SER B 238 -21.19 40.60 51.55
CA SER B 238 -21.64 39.63 52.56
C SER B 238 -23.16 39.55 52.44
N SER B 239 -23.91 39.72 53.52
CA SER B 239 -25.37 39.72 53.45
C SER B 239 -25.92 41.12 53.22
N MET B 240 -25.44 41.77 52.15
CA MET B 240 -25.84 43.13 51.79
C MET B 240 -25.56 44.11 52.93
N LYS B 241 -24.28 44.22 53.28
CA LYS B 241 -23.85 45.11 54.35
C LYS B 241 -22.60 45.87 53.92
N LEU B 242 -22.58 47.17 54.19
CA LEU B 242 -21.42 47.99 53.84
C LEU B 242 -20.27 47.70 54.79
N VAL B 243 -19.08 47.52 54.23
CA VAL B 243 -17.89 47.22 55.02
C VAL B 243 -16.85 48.30 54.81
N ARG B 244 -16.84 48.90 53.62
CA ARG B 244 -15.85 49.93 53.29
C ARG B 244 -16.40 50.80 52.17
N GLU B 245 -15.81 51.98 52.02
CA GLU B 245 -16.15 52.91 50.95
C GLU B 245 -14.91 53.16 50.10
N PHE B 246 -15.08 53.04 48.78
CA PHE B 246 -13.95 53.17 47.85
C PHE B 246 -13.84 54.63 47.40
N GLU B 247 -12.64 55.20 47.54
CA GLU B 247 -12.42 56.56 47.09
C GLU B 247 -11.80 56.57 45.70
N PRO B 248 -12.06 57.62 44.91
CA PRO B 248 -11.48 57.69 43.56
C PRO B 248 -10.02 58.08 43.59
N MET B 249 -9.13 57.15 43.29
CA MET B 249 -7.71 57.43 43.21
C MET B 249 -7.46 57.90 41.77
N LEU B 250 -6.22 57.90 41.26
CA LEU B 250 -5.98 58.44 39.93
C LEU B 250 -6.80 57.69 38.89
N GLN B 251 -7.33 58.43 37.92
CA GLN B 251 -8.16 57.83 36.88
C GLN B 251 -8.01 58.66 35.61
N VAL B 252 -8.39 58.05 34.49
CA VAL B 252 -8.31 58.72 33.20
C VAL B 252 -9.63 58.54 32.45
N ASP B 257 -15.90 52.71 36.99
CA ASP B 257 -15.31 51.42 37.33
C ASP B 257 -14.05 51.61 38.18
N HIS B 258 -13.16 52.48 37.72
CA HIS B 258 -11.91 52.78 38.42
C HIS B 258 -11.10 51.52 38.68
N VAL B 259 -10.93 50.72 37.63
CA VAL B 259 -10.25 49.43 37.77
C VAL B 259 -8.77 49.63 38.11
N VAL B 260 -8.16 50.69 37.56
CA VAL B 260 -6.74 50.91 37.77
C VAL B 260 -6.44 51.21 39.23
N SER B 261 -7.34 51.94 39.89
CA SER B 261 -7.11 52.29 41.29
C SER B 261 -7.15 51.07 42.20
N LEU B 262 -8.01 50.10 41.88
CA LEU B 262 -8.15 48.93 42.74
C LEU B 262 -6.85 48.13 42.79
N CYS B 263 -6.17 47.98 41.65
CA CYS B 263 -4.93 47.20 41.60
C CYS B 263 -3.76 47.93 42.26
N TYR B 264 -3.87 49.24 42.47
CA TYR B 264 -2.75 50.00 43.02
C TYR B 264 -2.42 49.57 44.44
N GLU B 265 -3.43 49.54 45.33
CA GLU B 265 -3.18 49.14 46.71
C GLU B 265 -2.74 47.69 46.79
N THR B 266 -3.26 46.84 45.91
CA THR B 266 -2.81 45.46 45.84
C THR B 266 -1.35 45.38 45.41
N ILE B 267 -0.96 46.20 44.43
CA ILE B 267 0.40 46.19 43.92
C ILE B 267 1.39 46.64 44.98
N CYS B 268 1.00 47.59 45.82
CA CYS B 268 1.92 48.30 46.70
C CYS B 268 2.73 47.38 47.61
N ASP B 269 2.07 46.73 48.57
CA ASP B 269 2.81 46.02 49.61
C ASP B 269 3.58 44.85 49.00
N ASN B 270 2.88 43.77 48.64
CA ASN B 270 3.53 42.66 47.95
C ASN B 270 2.61 41.91 47.00
N HIS B 271 1.36 42.30 46.84
CA HIS B 271 0.35 41.37 46.33
C HIS B 271 0.16 41.51 44.83
N SER B 272 -0.66 40.61 44.28
CA SER B 272 -0.90 40.50 42.85
C SER B 272 -2.40 40.51 42.58
N VAL B 273 -2.75 40.75 41.31
CA VAL B 273 -4.14 40.85 40.90
C VAL B 273 -4.37 39.87 39.75
N LEU B 274 -5.62 39.40 39.63
CA LEU B 274 -6.02 38.51 38.55
C LEU B 274 -7.33 39.03 37.97
N LEU B 275 -7.29 39.44 36.70
CA LEU B 275 -8.46 39.97 36.02
C LEU B 275 -8.96 38.93 35.02
N PHE B 276 -10.25 38.59 35.12
CA PHE B 276 -10.86 37.60 34.23
C PHE B 276 -11.67 38.34 33.18
N CYS B 277 -11.07 38.51 32.01
CA CYS B 277 -11.72 39.20 30.91
C CYS B 277 -12.86 38.37 30.34
N PRO B 278 -13.87 39.01 29.75
CA PRO B 278 -14.93 38.24 29.09
C PRO B 278 -14.67 38.04 27.61
N SER B 279 -13.49 38.45 27.14
CA SER B 279 -13.13 38.29 25.74
C SER B 279 -11.61 38.33 25.62
N LYS B 280 -11.05 37.78 24.55
CA LYS B 280 -9.60 37.75 24.44
C LYS B 280 -9.11 39.17 24.28
N LYS B 281 -9.50 39.81 23.20
CA LYS B 281 -9.10 41.18 22.95
C LYS B 281 -9.21 42.02 24.20
N TRP B 282 -10.30 41.87 24.94
CA TRP B 282 -10.50 42.71 26.11
C TRP B 282 -9.33 42.60 27.08
N CYS B 283 -8.71 41.42 27.16
CA CYS B 283 -7.51 41.26 27.99
C CYS B 283 -6.38 42.15 27.49
N GLU B 284 -6.21 42.24 26.17
CA GLU B 284 -5.18 43.12 25.60
C GLU B 284 -5.46 44.57 25.94
N LYS B 285 -6.73 45.00 25.85
CA LYS B 285 -7.08 46.39 26.10
C LYS B 285 -6.75 46.80 27.53
N LEU B 286 -7.10 45.96 28.51
CA LEU B 286 -6.83 46.28 29.89
C LEU B 286 -5.36 46.11 30.27
N ALA B 287 -4.60 45.32 29.50
CA ALA B 287 -3.18 45.16 29.81
C ALA B 287 -2.38 46.41 29.47
N ASP B 288 -2.64 47.01 28.30
CA ASP B 288 -1.90 48.20 27.91
C ASP B 288 -2.28 49.39 28.78
N ILE B 289 -3.55 49.46 29.22
CA ILE B 289 -4.00 50.59 30.02
C ILE B 289 -3.25 50.64 31.35
N ILE B 290 -3.08 49.48 32.00
CA ILE B 290 -2.37 49.45 33.28
C ILE B 290 -0.90 49.78 33.08
N ALA B 291 -0.31 49.34 31.97
CA ALA B 291 1.10 49.61 31.72
C ALA B 291 1.37 51.10 31.57
N ARG B 292 0.42 51.84 30.99
CA ARG B 292 0.60 53.27 30.82
C ARG B 292 0.69 53.99 32.16
N GLU B 293 -0.17 53.61 33.10
CA GLU B 293 -0.20 54.30 34.39
C GLU B 293 1.04 53.99 35.22
N PHE B 294 1.55 52.75 35.14
CA PHE B 294 2.72 52.38 35.94
C PHE B 294 3.94 53.21 35.54
N TYR B 295 4.17 53.38 34.24
CA TYR B 295 5.28 54.21 33.76
C TYR B 295 4.98 55.69 33.88
N ASN B 296 3.70 56.07 34.00
CA ASN B 296 3.32 57.48 33.95
C ASN B 296 3.92 58.27 35.11
N LEU B 297 3.88 57.71 36.33
CA LEU B 297 4.28 58.49 37.51
C LEU B 297 5.24 57.72 38.40
N HIS B 298 5.96 56.74 37.85
CA HIS B 298 6.97 56.02 38.61
C HIS B 298 8.35 56.08 37.98
N HIS B 299 8.46 56.52 36.72
CA HIS B 299 9.74 56.68 36.07
C HIS B 299 9.89 58.01 35.34
N GLN B 300 8.84 58.82 35.25
CA GLN B 300 8.88 60.11 34.58
C GLN B 300 9.34 60.00 33.14
N PRO B 311 5.45 57.04 45.14
CA PRO B 311 5.66 55.66 45.60
C PRO B 311 6.45 54.82 44.61
N PRO B 312 7.26 53.88 45.11
CA PRO B 312 8.03 53.03 44.21
C PRO B 312 7.20 51.87 43.69
N VAL B 313 7.51 51.45 42.46
CA VAL B 313 6.76 50.36 41.83
C VAL B 313 7.13 49.00 42.42
N ILE B 314 8.33 48.88 42.98
CA ILE B 314 8.80 47.65 43.64
C ILE B 314 8.79 46.49 42.67
N LEU B 315 9.73 46.48 41.72
CA LEU B 315 9.93 45.33 40.84
C LEU B 315 11.41 45.20 40.55
N GLU B 316 11.82 43.98 40.22
CA GLU B 316 13.19 43.70 39.86
C GLU B 316 13.39 43.85 38.35
N GLN B 317 14.64 44.03 37.94
CA GLN B 317 14.97 44.22 36.54
C GLN B 317 16.03 43.27 36.01
N LYS B 318 16.68 42.49 36.87
CA LYS B 318 17.71 41.57 36.40
C LYS B 318 17.10 40.39 35.66
N GLU B 319 16.04 39.80 36.20
CA GLU B 319 15.41 38.64 35.59
C GLU B 319 14.33 39.02 34.57
N LEU B 320 13.72 40.20 34.70
CA LEU B 320 12.71 40.61 33.72
C LEU B 320 13.31 40.75 32.34
N LEU B 321 14.51 41.33 32.24
CA LEU B 321 15.17 41.43 30.95
C LEU B 321 15.58 40.06 30.42
N GLU B 322 15.90 39.13 31.33
CA GLU B 322 16.21 37.76 30.90
C GLU B 322 14.99 37.10 30.28
N VAL B 323 13.81 37.35 30.83
CA VAL B 323 12.57 36.78 30.28
C VAL B 323 12.36 37.27 28.86
N MET B 324 12.71 38.53 28.58
CA MET B 324 12.58 39.06 27.23
C MET B 324 13.33 38.23 26.22
N ASP B 325 14.49 37.68 26.60
CA ASP B 325 15.28 36.88 25.66
C ASP B 325 14.53 35.61 25.25
N GLN B 326 13.90 34.94 26.22
CA GLN B 326 13.15 33.72 25.89
C GLN B 326 11.98 34.01 24.97
N LEU B 327 11.25 35.11 25.22
CA LEU B 327 10.12 35.48 24.39
C LEU B 327 10.51 35.96 23.00
N ARG B 328 11.81 36.18 22.76
CA ARG B 328 12.28 36.72 21.49
C ARG B 328 12.76 35.65 20.52
N ARG B 329 13.04 34.43 20.99
CA ARG B 329 13.62 33.39 20.15
C ARG B 329 12.59 32.42 19.60
N LEU B 330 11.30 32.65 19.83
CA LEU B 330 10.28 31.79 19.25
C LEU B 330 10.25 31.94 17.74
N PRO B 331 9.93 30.86 17.02
CA PRO B 331 9.85 30.96 15.55
C PRO B 331 8.82 31.97 15.07
N SER B 332 7.72 32.13 15.79
CA SER B 332 6.71 33.11 15.41
C SER B 332 7.09 34.52 15.83
N GLY B 333 8.08 34.67 16.71
CA GLY B 333 8.56 35.98 17.12
C GLY B 333 7.74 36.56 18.25
N LEU B 334 8.24 37.68 18.78
CA LEU B 334 7.57 38.39 19.85
C LEU B 334 6.33 39.12 19.33
N ASP B 335 5.41 39.40 20.24
CA ASP B 335 4.17 40.09 19.92
C ASP B 335 4.28 41.56 20.31
N SER B 336 3.65 42.42 19.50
CA SER B 336 3.74 43.86 19.74
C SER B 336 3.13 44.25 21.09
N VAL B 337 1.98 43.67 21.43
CA VAL B 337 1.35 43.98 22.70
C VAL B 337 2.09 43.32 23.86
N LEU B 338 2.96 42.35 23.56
CA LEU B 338 3.77 41.68 24.57
C LEU B 338 5.14 42.34 24.74
N GLN B 339 5.34 43.52 24.18
CA GLN B 339 6.60 44.25 24.32
C GLN B 339 6.46 45.56 25.09
N LYS B 340 5.29 46.20 25.04
CA LYS B 340 5.08 47.47 25.72
C LYS B 340 4.48 47.33 27.11
N THR B 341 4.08 46.11 27.51
CA THR B 341 3.51 45.89 28.83
C THR B 341 4.33 44.95 29.69
N VAL B 342 5.15 44.09 29.10
CA VAL B 342 6.00 43.14 29.83
C VAL B 342 7.09 43.84 30.65
N PRO B 343 7.65 44.98 30.21
CA PRO B 343 8.67 45.65 31.06
C PRO B 343 8.19 45.92 32.48
N TRP B 344 6.92 46.22 32.68
CA TRP B 344 6.31 46.24 34.00
C TRP B 344 5.49 44.96 34.20
N GLY B 345 5.03 44.77 35.43
CA GLY B 345 4.35 43.54 35.77
C GLY B 345 2.95 43.41 35.20
N VAL B 346 2.80 43.53 33.88
CA VAL B 346 1.52 43.39 33.20
C VAL B 346 1.72 42.51 31.97
N ALA B 347 0.75 41.63 31.71
CA ALA B 347 0.77 40.76 30.54
C ALA B 347 -0.64 40.23 30.32
N PHE B 348 -0.77 39.27 29.40
CA PHE B 348 -2.03 38.62 29.10
C PHE B 348 -1.78 37.13 28.89
N HIS B 349 -2.79 36.33 29.20
CA HIS B 349 -2.67 34.87 29.14
C HIS B 349 -3.91 34.26 28.49
N HIS B 350 -4.34 34.80 27.36
CA HIS B 350 -5.47 34.24 26.64
C HIS B 350 -5.02 33.00 25.87
N ALA B 351 -5.91 32.46 25.04
CA ALA B 351 -5.62 31.24 24.30
C ALA B 351 -5.00 31.49 22.93
N GLY B 352 -4.78 32.75 22.57
CA GLY B 352 -4.18 33.06 21.28
C GLY B 352 -2.67 33.09 21.33
N LEU B 353 -2.08 32.15 22.06
CA LEU B 353 -0.64 32.07 22.22
C LEU B 353 -0.17 30.64 22.04
N THR B 354 1.08 30.49 21.62
CA THR B 354 1.68 29.16 21.50
C THR B 354 1.80 28.52 22.88
N PHE B 355 1.64 27.20 22.93
CA PHE B 355 1.70 26.49 24.20
C PHE B 355 3.01 26.73 24.93
N GLU B 356 4.12 26.86 24.19
CA GLU B 356 5.39 27.19 24.82
C GLU B 356 5.44 28.66 25.24
N GLU B 357 4.94 29.56 24.38
CA GLU B 357 4.94 30.98 24.70
C GLU B 357 4.06 31.27 25.91
N ARG B 358 2.87 30.67 25.96
CA ARG B 358 1.98 30.86 27.09
C ARG B 358 2.49 30.18 28.36
N ASP B 359 3.45 29.27 28.23
CA ASP B 359 4.01 28.62 29.42
C ASP B 359 4.95 29.56 30.17
N ILE B 360 5.70 30.39 29.43
CA ILE B 360 6.64 31.31 30.07
C ILE B 360 5.89 32.34 30.92
N ILE B 361 4.78 32.86 30.39
CA ILE B 361 3.99 33.82 31.15
C ILE B 361 3.50 33.20 32.45
N GLU B 362 3.09 31.93 32.40
CA GLU B 362 2.70 31.22 33.62
C GLU B 362 3.89 31.05 34.55
N GLY B 363 5.07 30.77 34.00
CA GLY B 363 6.24 30.55 34.82
C GLY B 363 6.68 31.79 35.58
N ALA B 364 6.57 32.96 34.95
CA ALA B 364 6.94 34.20 35.62
C ALA B 364 6.03 34.48 36.80
N PHE B 365 4.73 34.24 36.66
CA PHE B 365 3.79 34.45 37.75
C PHE B 365 4.01 33.48 38.90
N ARG B 366 4.73 32.39 38.67
CA ARG B 366 4.93 31.40 39.72
C ARG B 366 5.77 31.95 40.87
N GLN B 367 6.68 32.88 40.59
CA GLN B 367 7.54 33.45 41.63
C GLN B 367 7.96 34.85 41.21
N GLY B 368 7.32 35.86 41.80
CA GLY B 368 7.72 37.24 41.62
C GLY B 368 7.62 37.72 40.18
N LEU B 369 8.54 38.62 39.82
CA LEU B 369 8.60 39.23 38.50
C LEU B 369 7.28 39.90 38.13
N ILE B 370 6.51 39.27 37.24
CA ILE B 370 5.23 39.83 36.83
C ILE B 370 4.26 39.81 38.01
N ARG B 371 3.43 40.85 38.09
CA ARG B 371 2.48 40.99 39.20
C ARG B 371 1.04 40.96 38.74
N VAL B 372 0.66 41.78 37.76
CA VAL B 372 -0.71 41.80 37.27
C VAL B 372 -0.83 40.84 36.10
N LEU B 373 -1.99 40.20 35.98
CA LEU B 373 -2.25 39.24 34.93
C LEU B 373 -3.70 39.38 34.46
N ALA B 374 -3.96 38.87 33.26
CA ALA B 374 -5.30 38.87 32.68
C ALA B 374 -5.54 37.51 32.02
N ALA B 375 -6.81 37.12 31.96
CA ALA B 375 -7.17 35.82 31.40
C ALA B 375 -8.63 35.84 30.98
N THR B 376 -8.97 34.95 30.05
CA THR B 376 -10.36 34.79 29.67
C THR B 376 -11.01 33.65 30.44
N SER B 377 -10.54 32.42 30.19
CA SER B 377 -10.99 31.26 30.96
C SER B 377 -9.89 30.24 31.24
N THR B 378 -8.67 30.46 30.72
CA THR B 378 -7.65 29.42 30.80
C THR B 378 -7.23 29.13 32.24
N LEU B 379 -7.09 30.18 33.05
CA LEU B 379 -6.72 30.01 34.44
C LEU B 379 -7.92 29.80 35.36
N SER B 380 -9.10 29.52 34.80
CA SER B 380 -10.24 29.13 35.61
C SER B 380 -10.33 27.64 35.80
N SER B 381 -9.82 26.85 34.84
CA SER B 381 -9.84 25.40 34.93
C SER B 381 -8.76 24.85 34.02
N GLY B 382 -7.75 24.21 34.62
CA GLY B 382 -6.68 23.63 33.83
C GLY B 382 -5.29 23.87 34.44
N VAL B 383 -5.13 25.00 35.12
CA VAL B 383 -3.87 25.35 35.76
C VAL B 383 -4.15 25.72 37.21
N ASN B 384 -3.10 25.65 38.03
CA ASN B 384 -3.17 25.94 39.46
C ASN B 384 -2.22 27.10 39.75
N LEU B 385 -2.75 28.33 39.66
CA LEU B 385 -2.00 29.55 39.91
C LEU B 385 -2.75 30.39 40.93
N PRO B 386 -2.56 30.13 42.22
CA PRO B 386 -3.22 30.95 43.24
C PRO B 386 -2.59 32.32 43.36
N ALA B 387 -3.37 33.25 43.89
CA ALA B 387 -2.93 34.63 44.06
C ALA B 387 -3.83 35.31 45.09
N ARG B 388 -3.63 36.61 45.26
CA ARG B 388 -4.44 37.42 46.16
C ARG B 388 -5.76 37.80 45.52
N ARG B 389 -6.42 38.81 46.08
CA ARG B 389 -7.72 39.31 45.62
C ARG B 389 -7.85 39.26 44.10
N VAL B 390 -8.99 38.74 43.65
CA VAL B 390 -9.26 38.48 42.23
C VAL B 390 -10.43 39.33 41.79
N ILE B 391 -10.26 40.04 40.67
CA ILE B 391 -11.31 40.86 40.10
C ILE B 391 -11.96 40.10 38.95
N ILE B 392 -13.28 39.95 39.02
CA ILE B 392 -14.03 39.20 38.02
C ILE B 392 -14.56 40.08 36.89
N ARG B 393 -14.57 41.40 37.07
CA ARG B 393 -15.05 42.38 36.10
C ARG B 393 -16.55 42.15 35.88
N THR B 394 -17.04 42.19 34.66
CA THR B 394 -18.48 42.17 34.41
C THR B 394 -19.08 40.82 34.83
N PRO B 395 -20.31 40.84 35.36
CA PRO B 395 -20.99 39.59 35.72
C PRO B 395 -21.77 38.94 34.59
N ILE B 396 -21.63 39.40 33.35
CA ILE B 396 -22.29 38.81 32.19
C ILE B 396 -21.20 38.47 31.18
N PHE B 397 -21.13 37.19 30.80
CA PHE B 397 -20.11 36.71 29.89
C PHE B 397 -20.75 36.27 28.59
N GLY B 398 -20.29 36.83 27.47
CA GLY B 398 -20.79 36.46 26.16
C GLY B 398 -22.27 36.70 25.96
N GLY B 399 -22.79 37.76 26.55
CA GLY B 399 -24.21 38.06 26.41
C GLY B 399 -25.14 37.15 27.18
N ARG B 400 -24.62 36.32 28.07
CA ARG B 400 -25.41 35.39 28.85
C ARG B 400 -25.03 35.49 30.32
N PRO B 401 -25.94 35.17 31.23
CA PRO B 401 -25.60 35.19 32.65
C PRO B 401 -24.48 34.22 32.98
N LEU B 402 -23.62 34.63 33.90
CA LEU B 402 -22.49 33.80 34.29
C LEU B 402 -22.97 32.53 35.00
N ASP B 403 -22.31 31.42 34.71
CA ASP B 403 -22.67 30.14 35.30
C ASP B 403 -22.26 30.11 36.76
N ILE B 404 -23.08 29.44 37.58
CA ILE B 404 -22.80 29.33 39.00
C ILE B 404 -21.52 28.54 39.23
N LEU B 405 -21.36 27.43 38.51
CA LEU B 405 -20.16 26.61 38.68
C LEU B 405 -18.91 27.36 38.27
N THR B 406 -18.97 28.13 37.19
CA THR B 406 -17.81 28.89 36.74
C THR B 406 -17.40 29.94 37.76
N TYR B 407 -18.37 30.64 38.36
CA TYR B 407 -18.04 31.67 39.34
C TYR B 407 -17.35 31.07 40.56
N LYS B 408 -17.87 29.95 41.07
CA LYS B 408 -17.25 29.29 42.21
C LYS B 408 -15.89 28.71 41.87
N GLN B 409 -15.62 28.44 40.59
CA GLN B 409 -14.32 27.93 40.19
C GLN B 409 -13.26 29.02 40.21
N MET B 410 -13.62 30.24 39.77
CA MET B 410 -12.65 31.33 39.75
C MET B 410 -12.26 31.76 41.16
N VAL B 411 -13.26 31.93 42.05
CA VAL B 411 -12.99 32.37 43.40
C VAL B 411 -12.23 31.34 44.23
N GLY B 412 -12.17 30.09 43.75
CA GLY B 412 -11.38 29.09 44.44
C GLY B 412 -9.89 29.40 44.42
N ARG B 413 -9.44 30.11 43.38
CA ARG B 413 -8.04 30.52 43.25
C ARG B 413 -7.80 31.93 43.78
N ALA B 414 -8.62 32.39 44.73
CA ALA B 414 -8.50 33.73 45.30
C ALA B 414 -7.77 33.72 46.64
N GLY B 415 -6.82 32.81 46.82
CA GLY B 415 -6.05 32.76 48.05
C GLY B 415 -4.72 32.05 47.87
N ARG B 416 -3.64 32.69 48.31
CA ARG B 416 -2.30 32.12 48.22
C ARG B 416 -1.98 31.42 49.55
N LYS B 417 -1.67 30.14 49.49
CA LYS B 417 -1.45 29.35 50.70
C LYS B 417 -0.03 29.54 51.21
N GLY B 418 0.09 29.77 52.52
CA GLY B 418 1.39 29.86 53.16
C GLY B 418 2.07 31.22 53.10
N VAL B 419 1.40 32.24 52.58
CA VAL B 419 2.00 33.57 52.50
C VAL B 419 1.16 34.57 53.25
N ASP B 420 -0.08 34.78 52.79
CA ASP B 420 -0.98 35.73 53.41
C ASP B 420 -1.91 35.02 54.40
N THR B 421 -2.89 35.75 54.92
CA THR B 421 -3.83 35.21 55.89
C THR B 421 -5.26 35.13 55.39
N VAL B 422 -5.69 36.03 54.52
CA VAL B 422 -7.06 36.04 54.01
C VAL B 422 -7.04 36.29 52.51
N GLY B 423 -8.12 35.87 51.85
CA GLY B 423 -8.33 36.12 50.44
C GLY B 423 -9.50 37.06 50.21
N GLU B 424 -9.65 37.48 48.97
CA GLU B 424 -10.71 38.40 48.58
C GLU B 424 -11.19 38.04 47.18
N SER B 425 -12.43 38.46 46.88
CA SER B 425 -13.02 38.25 45.56
C SER B 425 -14.01 39.38 45.33
N ILE B 426 -13.60 40.38 44.55
CA ILE B 426 -14.40 41.57 44.31
C ILE B 426 -14.93 41.50 42.88
N LEU B 427 -16.26 41.48 42.75
CA LEU B 427 -16.92 41.43 41.46
C LEU B 427 -17.48 42.82 41.15
N ILE B 428 -17.01 43.41 40.05
CA ILE B 428 -17.38 44.76 39.67
C ILE B 428 -18.66 44.67 38.85
N CYS B 429 -19.80 44.92 39.49
CA CYS B 429 -21.11 44.89 38.83
C CYS B 429 -21.67 46.29 38.77
N LYS B 430 -22.17 46.69 37.61
CA LYS B 430 -22.71 48.02 37.43
C LYS B 430 -23.99 48.19 38.24
N ASN B 431 -24.27 49.44 38.63
CA ASN B 431 -25.44 49.73 39.44
C ASN B 431 -26.74 49.36 38.74
N SER B 432 -26.73 49.28 37.40
CA SER B 432 -27.94 48.92 36.68
C SER B 432 -28.36 47.48 36.99
N GLU B 433 -27.40 46.56 37.05
CA GLU B 433 -27.74 45.16 37.29
C GLU B 433 -27.96 44.88 38.76
N LYS B 434 -26.92 45.05 39.58
CA LYS B 434 -27.01 44.93 41.03
C LYS B 434 -27.45 43.53 41.47
N SER B 435 -28.70 43.17 41.15
CA SER B 435 -29.25 41.91 41.63
C SER B 435 -28.54 40.70 41.01
N LYS B 436 -27.93 40.87 39.83
CA LYS B 436 -27.23 39.75 39.20
C LYS B 436 -26.07 39.28 40.06
N GLY B 437 -25.31 40.21 40.64
CA GLY B 437 -24.24 39.82 41.55
C GLY B 437 -24.76 39.16 42.82
N ILE B 438 -25.89 39.63 43.34
CA ILE B 438 -26.46 39.03 44.54
C ILE B 438 -26.89 37.60 44.27
N ALA B 439 -27.55 37.36 43.13
CA ALA B 439 -27.97 36.00 42.79
C ALA B 439 -26.76 35.09 42.62
N LEU B 440 -25.70 35.59 41.97
CA LEU B 440 -24.48 34.80 41.84
C LEU B 440 -23.78 34.63 43.19
N LEU B 441 -23.93 35.61 44.08
CA LEU B 441 -23.34 35.50 45.41
C LEU B 441 -24.07 34.49 46.28
N GLN B 442 -25.40 34.46 46.19
CA GLN B 442 -26.23 33.59 47.02
C GLN B 442 -26.67 32.39 46.18
N GLY B 443 -26.05 31.23 46.45
CA GLY B 443 -26.34 30.01 45.72
C GLY B 443 -25.19 29.03 45.82
N SER B 444 -25.48 27.73 45.76
CA SER B 444 -24.44 26.72 45.91
C SER B 444 -24.21 25.93 44.62
N LEU B 445 -25.23 25.26 44.12
CA LEU B 445 -25.11 24.39 42.93
C LEU B 445 -26.52 23.97 42.52
N LYS B 446 -26.59 23.08 41.54
CA LYS B 446 -27.83 22.51 41.04
C LYS B 446 -27.76 20.99 41.06
N PRO B 447 -28.90 20.31 41.18
CA PRO B 447 -28.88 18.84 41.21
C PRO B 447 -28.36 18.26 39.90
N VAL B 448 -27.71 17.10 40.01
CA VAL B 448 -27.09 16.46 38.85
C VAL B 448 -28.13 15.63 38.10
N ARG B 449 -28.24 15.87 36.80
CA ARG B 449 -29.17 15.16 35.95
C ARG B 449 -28.52 13.88 35.43
N SER B 450 -29.15 13.23 34.46
CA SER B 450 -28.66 11.96 33.92
C SER B 450 -28.32 11.99 32.44
N CYS B 451 -28.85 12.98 31.71
CA CYS B 451 -28.61 13.10 30.27
C CYS B 451 -29.34 11.98 29.54
N LEU B 452 -29.55 10.88 30.23
CA LEU B 452 -30.29 9.78 29.62
C LEU B 452 -31.77 10.06 29.79
N GLN B 453 -32.15 10.54 30.97
CA GLN B 453 -33.55 10.81 31.26
C GLN B 453 -34.23 11.63 30.17
N ARG B 454 -33.69 12.81 29.87
CA ARG B 454 -34.32 13.73 28.91
C ARG B 454 -35.66 13.22 28.40
N ARG B 455 -35.63 12.30 27.45
CA ARG B 455 -36.85 11.77 26.88
C ARG B 455 -36.87 10.26 27.01
N GLU B 456 -38.05 9.70 27.26
CA GLU B 456 -38.24 8.26 27.38
C GLU B 456 -39.07 7.70 26.24
N GLY B 457 -40.28 8.22 26.03
CA GLY B 457 -41.10 7.80 24.92
C GLY B 457 -40.80 8.53 23.62
N GLU B 458 -40.12 9.66 23.69
CA GLU B 458 -39.75 10.44 22.51
C GLU B 458 -38.47 9.84 21.92
N GLU B 459 -37.84 10.59 21.01
CA GLU B 459 -36.62 10.10 20.37
C GLU B 459 -35.54 9.83 21.41
N VAL B 460 -34.89 8.66 21.31
CA VAL B 460 -33.90 8.27 22.29
C VAL B 460 -32.65 9.13 22.14
N THR B 461 -32.06 9.52 23.26
CA THR B 461 -30.87 10.34 23.24
C THR B 461 -29.66 9.55 22.75
N GLY B 462 -28.66 10.28 22.27
CA GLY B 462 -27.46 9.65 21.75
C GLY B 462 -26.63 8.96 22.81
N SER B 463 -26.86 9.26 24.09
CA SER B 463 -26.15 8.58 25.15
C SER B 463 -26.66 7.16 25.37
N MET B 464 -27.97 6.94 25.21
CA MET B 464 -28.53 5.61 25.40
C MET B 464 -28.20 4.68 24.23
N ILE B 465 -28.16 5.20 23.02
CA ILE B 465 -27.80 4.38 21.85
C ILE B 465 -26.39 3.84 22.02
N ARG B 466 -25.45 4.70 22.44
CA ARG B 466 -24.09 4.25 22.66
C ARG B 466 -23.99 3.30 23.85
N ALA B 467 -24.92 3.39 24.80
CA ALA B 467 -24.84 2.58 26.00
C ALA B 467 -25.03 1.09 25.70
N ILE B 468 -26.09 0.75 24.97
CA ILE B 468 -26.40 -0.67 24.77
C ILE B 468 -25.59 -1.25 23.61
N LEU B 469 -25.24 -0.44 22.61
CA LEU B 469 -24.40 -0.93 21.52
C LEU B 469 -23.02 -1.33 22.01
N GLU B 470 -22.53 -0.71 23.07
CA GLU B 470 -21.16 -0.90 23.53
C GLU B 470 -21.00 -2.15 24.38
N ILE B 471 -22.10 -2.76 24.83
CA ILE B 471 -22.03 -4.05 25.49
C ILE B 471 -22.43 -5.21 24.58
N ILE B 472 -23.31 -4.97 23.60
CA ILE B 472 -23.68 -6.02 22.66
C ILE B 472 -22.47 -6.43 21.83
N VAL B 473 -21.68 -5.45 21.38
CA VAL B 473 -20.48 -5.75 20.61
C VAL B 473 -19.52 -6.61 21.43
N GLY B 474 -19.38 -6.29 22.71
CA GLY B 474 -18.55 -7.09 23.59
C GLY B 474 -19.15 -8.44 23.95
N GLY B 475 -20.42 -8.67 23.63
CA GLY B 475 -21.05 -9.95 23.89
C GLY B 475 -21.48 -10.18 25.32
N VAL B 476 -21.41 -9.16 26.18
CA VAL B 476 -21.80 -9.34 27.58
C VAL B 476 -23.28 -9.69 27.68
N ALA B 477 -24.13 -8.98 26.94
CA ALA B 477 -25.56 -9.21 26.93
C ALA B 477 -25.99 -9.61 25.53
N SER B 478 -26.69 -10.74 25.42
CA SER B 478 -27.19 -11.23 24.14
C SER B 478 -28.71 -11.23 24.05
N THR B 479 -29.38 -11.89 25.00
CA THR B 479 -30.83 -11.92 25.00
C THR B 479 -31.38 -10.58 25.48
N SER B 480 -32.53 -10.19 24.91
CA SER B 480 -33.15 -8.93 25.29
C SER B 480 -33.56 -8.93 26.76
N GLN B 481 -33.86 -10.10 27.32
CA GLN B 481 -34.16 -10.18 28.75
C GLN B 481 -32.95 -9.83 29.59
N ASP B 482 -31.76 -10.30 29.18
CA ASP B 482 -30.54 -9.99 29.92
C ASP B 482 -30.24 -8.49 29.88
N MET B 483 -30.42 -7.86 28.73
CA MET B 483 -30.08 -6.45 28.60
C MET B 483 -31.06 -5.57 29.37
N HIS B 484 -32.32 -6.01 29.48
CA HIS B 484 -33.28 -5.27 30.29
C HIS B 484 -32.83 -5.18 31.74
N THR B 485 -32.11 -6.19 32.23
CA THR B 485 -31.52 -6.10 33.57
C THR B 485 -30.44 -5.02 33.61
N TYR B 486 -29.69 -4.86 32.52
CA TYR B 486 -28.60 -3.91 32.50
C TYR B 486 -29.09 -2.48 32.72
N ALA B 487 -30.20 -2.12 32.07
CA ALA B 487 -30.73 -0.77 32.23
C ALA B 487 -31.31 -0.53 33.62
N ALA B 488 -31.51 -1.58 34.41
CA ALA B 488 -32.00 -1.44 35.78
C ALA B 488 -30.89 -1.12 36.77
N CYS B 489 -29.64 -1.05 36.32
CA CYS B 489 -28.52 -0.78 37.19
C CYS B 489 -27.83 0.56 36.91
N THR B 490 -28.32 1.34 35.95
CA THR B 490 -27.68 2.60 35.57
C THR B 490 -28.53 3.81 35.91
N PHE B 491 -29.83 3.77 35.65
CA PHE B 491 -30.69 4.94 35.81
C PHE B 491 -31.98 4.65 36.58
N LEU B 492 -32.52 3.44 36.50
CA LEU B 492 -33.76 3.14 37.20
C LEU B 492 -33.59 3.29 38.70
N ALA B 493 -32.48 2.81 39.25
CA ALA B 493 -32.20 3.00 40.66
C ALA B 493 -31.60 4.36 40.97
N ALA B 494 -31.19 5.11 39.94
CA ALA B 494 -30.56 6.41 40.17
C ALA B 494 -31.54 7.39 40.80
N SER B 495 -32.59 7.76 40.05
CA SER B 495 -33.53 8.78 40.52
C SER B 495 -34.96 8.36 40.21
N MET B 496 -35.27 7.09 40.41
CA MET B 496 -36.64 6.60 40.25
C MET B 496 -36.98 5.56 41.30
N GLY B 513 -39.99 -0.25 26.61
CA GLY B 513 -40.22 1.15 26.28
C GLY B 513 -39.06 1.80 25.56
N ALA B 514 -38.14 2.38 26.33
CA ALA B 514 -36.97 3.02 25.72
C ALA B 514 -36.02 2.00 25.12
N ILE B 515 -35.88 0.84 25.77
CA ILE B 515 -35.01 -0.21 25.26
C ILE B 515 -35.49 -0.76 23.92
N GLU B 516 -36.80 -1.02 23.78
CA GLU B 516 -37.31 -1.58 22.54
C GLU B 516 -37.10 -0.62 21.37
N ALA B 517 -37.34 0.67 21.59
CA ALA B 517 -37.11 1.65 20.54
C ALA B 517 -35.63 1.88 20.26
N CYS B 518 -34.76 1.61 21.24
CA CYS B 518 -33.33 1.80 21.03
C CYS B 518 -32.74 0.66 20.19
N VAL B 519 -33.26 -0.56 20.36
CA VAL B 519 -32.79 -1.68 19.57
C VAL B 519 -33.14 -1.47 18.10
N MET B 520 -34.31 -0.91 17.82
CA MET B 520 -34.73 -0.70 16.45
C MET B 520 -33.79 0.25 15.72
N TRP B 521 -33.38 1.34 16.38
CA TRP B 521 -32.50 2.30 15.73
C TRP B 521 -31.20 1.67 15.26
N LEU B 522 -30.75 0.63 15.97
CA LEU B 522 -29.52 -0.06 15.59
C LEU B 522 -29.75 -1.08 14.48
N LEU B 523 -30.99 -1.26 14.02
CA LEU B 523 -31.31 -2.32 13.07
C LEU B 523 -31.27 -1.85 11.62
N GLU B 524 -32.09 -0.86 11.25
CA GLU B 524 -32.08 -0.39 9.87
C GLU B 524 -30.80 0.37 9.54
N ASN B 525 -30.02 0.75 10.55
CA ASN B 525 -28.74 1.41 10.32
C ASN B 525 -27.58 0.42 10.22
N GLU B 526 -27.88 -0.88 10.24
CA GLU B 526 -26.89 -1.94 10.00
C GLU B 526 -25.77 -1.90 11.03
N PHE B 527 -26.14 -1.91 12.30
CA PHE B 527 -25.18 -2.02 13.39
C PHE B 527 -25.19 -3.37 14.08
N ILE B 528 -26.32 -4.07 14.08
CA ILE B 528 -26.43 -5.42 14.61
C ILE B 528 -27.25 -6.26 13.65
N GLN B 529 -27.11 -7.58 13.77
CA GLN B 529 -27.89 -8.52 12.98
C GLN B 529 -28.72 -9.39 13.91
N SER B 530 -29.92 -9.75 13.46
CA SER B 530 -30.89 -10.48 14.26
C SER B 530 -31.17 -11.83 13.64
N THR B 531 -31.22 -12.85 14.50
CA THR B 531 -31.59 -14.20 14.09
C THR B 531 -33.11 -14.37 14.24
N GLU B 532 -33.59 -15.61 14.18
CA GLU B 532 -35.01 -15.91 14.31
C GLU B 532 -35.62 -15.33 15.59
N LYS B 540 -34.55 -14.93 20.50
CA LYS B 540 -34.08 -13.63 20.00
C LYS B 540 -32.65 -13.38 20.44
N VAL B 541 -31.71 -13.59 19.53
CA VAL B 541 -30.28 -13.39 19.79
C VAL B 541 -29.74 -12.38 18.78
N TYR B 542 -28.95 -11.42 19.28
CA TYR B 542 -28.37 -10.38 18.44
C TYR B 542 -26.85 -10.55 18.39
N HIS B 543 -26.29 -10.39 17.19
CA HIS B 543 -24.86 -10.50 16.99
C HIS B 543 -24.33 -9.24 16.33
N PRO B 544 -23.10 -8.85 16.64
CA PRO B 544 -22.52 -7.66 15.99
C PRO B 544 -22.27 -7.89 14.51
N THR B 545 -22.36 -6.81 13.74
CA THR B 545 -22.01 -6.82 12.34
C THR B 545 -20.60 -6.26 12.17
N HIS B 546 -20.15 -6.13 10.92
CA HIS B 546 -18.83 -5.58 10.68
C HIS B 546 -18.77 -4.07 10.95
N LEU B 547 -19.86 -3.35 10.66
CA LEU B 547 -19.89 -1.92 10.94
C LEU B 547 -19.93 -1.65 12.44
N GLY B 548 -20.64 -2.49 13.20
CA GLY B 548 -20.70 -2.30 14.64
C GLY B 548 -19.36 -2.50 15.31
N SER B 549 -18.59 -3.49 14.85
CA SER B 549 -17.27 -3.73 15.42
C SER B 549 -16.31 -2.59 15.09
N ALA B 550 -16.45 -2.01 13.89
CA ALA B 550 -15.57 -0.91 13.49
C ALA B 550 -15.76 0.31 14.37
N THR B 551 -17.00 0.63 14.73
CA THR B 551 -17.26 1.79 15.56
C THR B 551 -16.61 1.67 16.93
N LEU B 552 -16.70 0.48 17.54
CA LEU B 552 -16.13 0.30 18.88
C LEU B 552 -14.61 0.34 18.86
N SER B 553 -13.99 -0.25 17.83
CA SER B 553 -12.53 -0.29 17.76
C SER B 553 -11.95 1.10 17.61
N SER B 554 -12.47 1.88 16.65
CA SER B 554 -11.97 3.23 16.45
C SER B 554 -12.52 4.20 17.49
N SER B 555 -13.75 3.97 17.96
CA SER B 555 -14.35 4.73 19.06
C SER B 555 -14.55 6.20 18.70
N LEU B 556 -15.21 6.44 17.56
CA LEU B 556 -15.60 7.82 17.23
C LEU B 556 -16.89 8.20 17.94
N SER B 557 -18.01 7.60 17.51
CA SER B 557 -19.34 7.71 18.10
C SER B 557 -20.30 6.85 17.29
N PRO B 558 -21.39 6.36 17.86
CA PRO B 558 -22.46 5.77 17.05
C PRO B 558 -23.26 6.75 16.22
N ALA B 559 -22.88 8.03 16.21
CA ALA B 559 -23.64 9.05 15.49
C ALA B 559 -22.83 9.72 14.38
N ASP B 560 -21.56 10.03 14.62
CA ASP B 560 -20.70 10.60 13.59
C ASP B 560 -20.04 9.56 12.70
N THR B 561 -20.14 8.27 13.06
CA THR B 561 -19.63 7.22 12.20
C THR B 561 -20.42 7.16 10.88
N LEU B 562 -21.70 7.53 10.92
CA LEU B 562 -22.51 7.57 9.71
C LEU B 562 -22.06 8.64 8.73
N ASP B 563 -21.22 9.58 9.18
CA ASP B 563 -20.65 10.60 8.29
C ASP B 563 -19.31 10.16 7.71
N ILE B 564 -18.47 9.52 8.52
CA ILE B 564 -17.19 9.02 8.03
C ILE B 564 -17.41 7.87 7.06
N PHE B 565 -18.38 7.01 7.34
CA PHE B 565 -18.66 5.89 6.45
C PHE B 565 -19.11 6.37 5.08
N ALA B 566 -19.96 7.40 5.04
CA ALA B 566 -20.42 7.94 3.76
C ALA B 566 -19.29 8.61 2.98
N ASP B 567 -18.22 9.02 3.65
CA ASP B 567 -17.09 9.62 2.96
C ASP B 567 -16.16 8.55 2.38
N LEU B 568 -15.97 7.45 3.10
CA LEU B 568 -15.11 6.38 2.61
C LEU B 568 -15.80 5.58 1.51
N GLN B 569 -17.12 5.40 1.59
CA GLN B 569 -17.84 4.70 0.54
C GLN B 569 -17.81 5.47 -0.77
N ARG B 570 -17.93 6.80 -0.70
CA ARG B 570 -17.85 7.63 -1.89
C ARG B 570 -16.45 7.64 -2.49
N ALA B 571 -15.43 7.32 -1.70
CA ALA B 571 -14.06 7.34 -2.21
C ALA B 571 -13.76 6.16 -3.12
N MET B 572 -14.36 5.00 -2.87
CA MET B 572 -14.10 3.84 -3.71
C MET B 572 -14.96 3.87 -4.97
N LYS B 573 -14.97 5.01 -5.66
CA LYS B 573 -15.60 5.14 -6.97
C LYS B 573 -14.78 6.05 -7.87
N GLY B 574 -13.50 6.22 -7.58
CA GLY B 574 -12.66 7.20 -8.24
C GLY B 574 -11.78 7.90 -7.22
N PHE B 575 -10.48 7.89 -7.46
CA PHE B 575 -9.53 8.39 -6.46
C PHE B 575 -8.38 9.08 -7.19
N VAL B 576 -8.14 10.34 -6.85
CA VAL B 576 -7.05 11.10 -7.44
C VAL B 576 -5.76 10.74 -6.70
N LEU B 577 -4.75 10.30 -7.46
CA LEU B 577 -3.52 9.79 -6.88
C LEU B 577 -2.30 10.67 -7.16
N GLU B 578 -2.45 11.74 -7.95
CA GLU B 578 -1.31 12.60 -8.24
C GLU B 578 -1.04 13.55 -7.08
N ASN B 579 -1.99 14.40 -6.75
CA ASN B 579 -1.85 15.31 -5.62
C ASN B 579 -2.20 14.60 -4.32
N ASP B 580 -2.00 15.29 -3.20
CA ASP B 580 -2.23 14.71 -1.88
C ASP B 580 -3.36 15.44 -1.16
N LEU B 581 -4.41 15.81 -1.90
CA LEU B 581 -5.57 16.44 -1.30
C LEU B 581 -6.73 15.48 -1.05
N HIS B 582 -6.94 14.50 -1.94
CA HIS B 582 -8.03 13.56 -1.74
C HIS B 582 -7.79 12.68 -0.52
N ILE B 583 -6.53 12.33 -0.24
CA ILE B 583 -6.22 11.57 0.96
C ILE B 583 -6.12 12.47 2.19
N LEU B 584 -5.98 13.78 2.00
CA LEU B 584 -6.01 14.73 3.11
C LEU B 584 -7.43 15.10 3.51
N TYR B 585 -8.42 14.78 2.69
CA TYR B 585 -9.81 15.07 3.01
C TYR B 585 -10.46 13.96 3.84
N LEU B 586 -9.94 12.74 3.77
CA LEU B 586 -10.49 11.63 4.54
C LEU B 586 -9.89 11.49 5.93
N VAL B 587 -8.84 12.26 6.24
CA VAL B 587 -8.20 12.23 7.55
C VAL B 587 -8.28 13.57 8.25
N THR B 588 -8.97 14.54 7.66
CA THR B 588 -9.10 15.85 8.29
C THR B 588 -9.99 15.73 9.52
N PRO B 589 -9.56 16.27 10.67
CA PRO B 589 -10.38 16.18 11.88
C PRO B 589 -11.73 16.86 11.69
N MET B 590 -12.76 16.28 12.30
CA MET B 590 -14.12 16.79 12.21
C MET B 590 -14.39 17.65 13.43
N PHE B 591 -14.41 18.98 13.23
CA PHE B 591 -14.66 19.94 14.29
C PHE B 591 -16.06 20.49 14.15
N GLU B 592 -16.81 20.49 15.24
CA GLU B 592 -18.15 21.09 15.21
C GLU B 592 -18.08 22.58 14.93
N ASP B 593 -17.22 23.29 15.65
CA ASP B 593 -16.98 24.71 15.37
C ASP B 593 -15.62 25.07 15.95
N TRP B 594 -14.62 25.16 15.07
CA TRP B 594 -13.26 25.51 15.50
C TRP B 594 -12.87 26.93 15.14
N THR B 595 -13.51 27.54 14.15
CA THR B 595 -13.25 28.92 13.79
C THR B 595 -14.45 29.46 13.02
N THR B 596 -14.52 30.79 12.92
CA THR B 596 -15.56 31.45 12.16
C THR B 596 -15.20 31.32 10.68
N ILE B 597 -15.84 30.39 9.99
CA ILE B 597 -15.53 30.10 8.60
C ILE B 597 -15.99 31.28 7.75
N ASP B 598 -15.04 32.06 7.25
CA ASP B 598 -15.39 33.14 6.33
C ASP B 598 -15.81 32.56 4.99
N TRP B 599 -16.96 32.99 4.48
CA TRP B 599 -17.52 32.41 3.27
C TRP B 599 -17.15 33.20 2.02
N TYR B 600 -16.78 34.48 2.16
CA TYR B 600 -16.35 35.24 0.99
C TYR B 600 -14.95 34.82 0.54
N ARG B 601 -14.04 34.62 1.49
CA ARG B 601 -12.69 34.19 1.14
C ARG B 601 -12.70 32.76 0.61
N PHE B 602 -13.55 31.90 1.16
CA PHE B 602 -13.62 30.51 0.70
C PHE B 602 -14.00 30.44 -0.78
N PHE B 603 -14.97 31.26 -1.19
CA PHE B 603 -15.32 31.30 -2.61
C PHE B 603 -14.19 31.89 -3.45
N CYS B 604 -13.40 32.79 -2.88
CA CYS B 604 -12.27 33.35 -3.62
C CYS B 604 -11.20 32.31 -3.87
N LEU B 605 -10.84 31.53 -2.84
CA LEU B 605 -9.86 30.46 -3.02
C LEU B 605 -10.39 29.33 -3.89
N TRP B 606 -11.71 29.21 -4.02
CA TRP B 606 -12.28 28.17 -4.87
C TRP B 606 -11.93 28.41 -6.35
N GLU B 607 -11.95 29.68 -6.78
CA GLU B 607 -11.69 29.99 -8.18
C GLU B 607 -10.22 29.86 -8.54
N LYS B 608 -9.31 30.13 -7.61
CA LYS B 608 -7.89 30.15 -7.90
C LYS B 608 -7.21 28.79 -7.78
N LEU B 609 -7.97 27.74 -7.48
CA LEU B 609 -7.39 26.42 -7.36
C LEU B 609 -6.91 25.93 -8.73
N PRO B 610 -5.84 25.13 -8.76
CA PRO B 610 -5.32 24.62 -10.04
C PRO B 610 -6.27 23.63 -10.70
N THR B 611 -5.85 23.09 -11.86
CA THR B 611 -6.71 22.16 -12.58
C THR B 611 -6.79 20.81 -11.88
N SER B 612 -5.64 20.27 -11.45
CA SER B 612 -5.65 18.96 -10.81
C SER B 612 -6.38 18.98 -9.48
N MET B 613 -6.19 20.05 -8.68
CA MET B 613 -6.81 20.12 -7.37
C MET B 613 -8.30 20.44 -7.42
N LYS B 614 -8.80 20.90 -8.56
CA LYS B 614 -10.23 21.10 -8.72
C LYS B 614 -10.97 19.82 -9.08
N ARG B 615 -10.26 18.76 -9.50
CA ARG B 615 -10.90 17.49 -9.75
C ARG B 615 -11.25 16.78 -8.45
N VAL B 616 -10.45 16.96 -7.40
CA VAL B 616 -10.76 16.38 -6.10
C VAL B 616 -12.02 17.01 -5.53
N ALA B 617 -12.22 18.31 -5.78
CA ALA B 617 -13.38 19.00 -5.21
C ALA B 617 -14.69 18.43 -5.74
N GLU B 618 -14.76 18.16 -7.05
CA GLU B 618 -15.99 17.62 -7.61
C GLU B 618 -16.27 16.21 -7.13
N LEU B 619 -15.21 15.43 -6.86
CA LEU B 619 -15.40 14.05 -6.44
C LEU B 619 -15.87 13.97 -4.99
N VAL B 620 -15.34 14.82 -4.11
CA VAL B 620 -15.65 14.71 -2.68
C VAL B 620 -17.04 15.23 -2.35
N GLY B 621 -17.59 16.16 -3.14
CA GLY B 621 -18.94 16.62 -2.87
C GLY B 621 -19.12 18.13 -2.91
N VAL B 622 -18.05 18.89 -2.63
CA VAL B 622 -18.15 20.34 -2.63
C VAL B 622 -18.44 20.83 -4.04
N GLU B 623 -19.44 21.70 -4.16
CA GLU B 623 -19.85 22.22 -5.46
C GLU B 623 -20.07 23.72 -5.34
N GLU B 624 -19.94 24.41 -6.49
CA GLU B 624 -20.05 25.86 -6.52
C GLU B 624 -21.47 26.33 -6.21
N GLY B 625 -22.48 25.53 -6.57
CA GLY B 625 -23.86 25.97 -6.41
C GLY B 625 -24.22 26.24 -4.95
N PHE B 626 -23.76 25.38 -4.04
CA PHE B 626 -24.05 25.59 -2.63
C PHE B 626 -23.40 26.87 -2.11
N LEU B 627 -22.16 27.14 -2.52
CA LEU B 627 -21.48 28.35 -2.09
C LEU B 627 -22.09 29.60 -2.69
N ALA B 628 -22.85 29.47 -3.78
CA ALA B 628 -23.55 30.62 -4.33
C ALA B 628 -24.67 31.07 -3.41
N ARG B 629 -25.49 30.12 -2.92
CA ARG B 629 -26.53 30.46 -1.96
C ARG B 629 -25.92 30.96 -0.66
N CYS B 630 -24.84 30.33 -0.20
CA CYS B 630 -24.13 30.81 0.97
C CYS B 630 -23.34 32.07 0.61
N VAL B 631 -22.67 32.63 1.62
CA VAL B 631 -21.92 33.88 1.48
C VAL B 631 -22.85 35.00 1.00
N ALA B 632 -24.15 34.83 1.26
CA ALA B 632 -25.17 35.80 0.90
C ALA B 632 -26.18 35.95 2.03
N ALA B 633 -25.68 36.03 3.26
CA ALA B 633 -26.51 36.12 4.47
C ALA B 633 -27.46 34.92 4.56
N ALA B 634 -26.87 33.75 4.62
CA ALA B 634 -27.60 32.49 4.72
C ALA B 634 -27.30 31.82 6.05
N ALA B 635 -27.92 30.67 6.28
CA ALA B 635 -27.76 29.94 7.52
C ALA B 635 -27.89 28.45 7.24
N ALA B 636 -28.04 27.66 8.31
CA ALA B 636 -28.12 26.22 8.18
C ALA B 636 -29.56 25.78 7.91
N ALA B 637 -29.77 24.48 7.85
CA ALA B 637 -31.08 23.91 7.57
C ALA B 637 -31.15 22.51 8.17
N ALA B 638 -32.14 21.74 7.75
CA ALA B 638 -32.42 20.43 8.35
C ALA B 638 -32.83 19.48 7.23
N ALA B 639 -33.50 18.38 7.62
CA ALA B 639 -34.01 17.37 6.70
C ALA B 639 -32.92 16.63 5.94
N ALA B 640 -31.99 16.01 6.69
CA ALA B 640 -31.08 15.00 6.17
C ALA B 640 -30.15 15.53 5.08
N ALA B 641 -30.70 15.84 3.91
CA ALA B 641 -29.86 16.21 2.76
C ALA B 641 -29.05 17.46 3.06
N GLN B 642 -29.65 18.47 3.69
CA GLN B 642 -28.92 19.67 4.03
C GLN B 642 -27.88 19.43 5.12
N HIS B 643 -28.05 18.39 5.94
CA HIS B 643 -27.05 18.08 6.95
C HIS B 643 -25.76 17.58 6.32
N ARG B 644 -25.88 16.79 5.25
CA ARG B 644 -24.68 16.29 4.57
C ARG B 644 -23.94 17.39 3.84
N GLN B 645 -24.68 18.33 3.25
CA GLN B 645 -24.04 19.39 2.49
C GLN B 645 -23.15 20.27 3.36
N MET B 646 -23.62 20.62 4.56
CA MET B 646 -22.82 21.46 5.45
C MET B 646 -21.58 20.73 5.94
N ALA B 647 -21.70 19.43 6.23
CA ALA B 647 -20.55 18.68 6.71
C ALA B 647 -19.51 18.48 5.63
N ILE B 648 -19.93 18.37 4.37
CA ILE B 648 -18.98 18.22 3.27
C ILE B 648 -18.15 19.48 3.12
N HIS B 649 -18.80 20.65 3.13
CA HIS B 649 -18.10 21.90 2.87
C HIS B 649 -17.26 22.36 4.06
N LYS B 650 -17.66 22.00 5.28
CA LYS B 650 -16.89 22.43 6.45
C LYS B 650 -15.53 21.73 6.51
N ARG B 651 -15.48 20.46 6.11
CA ARG B 651 -14.21 19.73 6.13
C ARG B 651 -13.28 20.13 4.99
N PHE B 652 -13.79 20.73 3.93
CA PHE B 652 -12.92 21.17 2.84
C PHE B 652 -12.10 22.39 3.25
N PHE B 653 -12.72 23.33 3.96
CA PHE B 653 -11.98 24.52 4.39
C PHE B 653 -10.86 24.14 5.36
N THR B 654 -11.13 23.21 6.28
CA THR B 654 -10.10 22.75 7.19
C THR B 654 -9.01 21.99 6.46
N SER B 655 -9.39 21.20 5.45
CA SER B 655 -8.39 20.45 4.69
C SER B 655 -7.49 21.36 3.87
N LEU B 656 -8.03 22.47 3.36
CA LEU B 656 -7.21 23.41 2.60
C LEU B 656 -6.12 24.02 3.49
N VAL B 657 -6.46 24.34 4.74
CA VAL B 657 -5.47 24.90 5.66
C VAL B 657 -4.37 23.89 5.94
N LEU B 658 -4.74 22.63 6.16
CA LEU B 658 -3.75 21.59 6.45
C LEU B 658 -2.82 21.33 5.28
N LEU B 659 -3.25 21.62 4.05
CA LEU B 659 -2.39 21.41 2.90
C LEU B 659 -1.19 22.35 2.91
N ASP B 660 -1.40 23.60 3.33
CA ASP B 660 -0.32 24.59 3.30
C ASP B 660 0.76 24.27 4.33
N LEU B 661 0.36 23.75 5.50
CA LEU B 661 1.34 23.44 6.53
C LEU B 661 2.32 22.35 6.07
N ILE B 662 1.84 21.40 5.27
CA ILE B 662 2.73 20.38 4.71
C ILE B 662 3.69 21.00 3.72
N SER B 663 3.25 22.00 2.96
CA SER B 663 4.04 22.64 1.91
C SER B 663 4.60 23.98 2.36
N GLU B 664 5.06 24.07 3.61
CA GLU B 664 5.66 25.28 4.17
C GLU B 664 4.64 26.40 4.29
N VAL B 665 4.66 27.35 3.34
CA VAL B 665 3.76 28.50 3.36
C VAL B 665 3.87 29.20 4.71
N PRO B 666 4.94 29.98 4.96
CA PRO B 666 5.22 30.51 6.30
C PRO B 666 4.01 31.00 7.09
N LEU B 667 4.02 30.75 8.40
CA LEU B 667 2.84 30.94 9.24
C LEU B 667 2.37 32.38 9.31
N ARG B 668 3.26 33.35 9.08
CA ARG B 668 2.84 34.75 9.11
C ARG B 668 1.83 35.04 8.02
N GLU B 669 2.02 34.46 6.83
CA GLU B 669 1.07 34.62 5.74
C GLU B 669 -0.11 33.66 5.85
N ILE B 670 -0.03 32.65 6.71
CA ILE B 670 -1.13 31.70 6.86
C ILE B 670 -2.37 32.40 7.40
N ASN B 671 -2.20 33.18 8.48
CA ASN B 671 -3.33 33.88 9.07
C ASN B 671 -3.81 35.05 8.23
N GLN B 672 -3.02 35.50 7.25
CA GLN B 672 -3.44 36.61 6.41
C GLN B 672 -4.52 36.17 5.41
N LYS B 673 -4.34 35.00 4.79
CA LYS B 673 -5.32 34.52 3.82
C LYS B 673 -6.45 33.75 4.48
N TYR B 674 -6.13 32.80 5.36
CA TYR B 674 -7.13 32.06 6.11
C TYR B 674 -7.38 32.75 7.44
N GLY B 675 -8.65 33.01 7.75
CA GLY B 675 -8.97 33.55 9.05
C GLY B 675 -8.71 32.52 10.12
N CYS B 676 -7.64 32.71 10.88
CA CYS B 676 -7.19 31.71 11.85
C CYS B 676 -6.50 32.44 12.99
N ASN B 677 -5.75 31.69 13.80
CA ASN B 677 -5.05 32.26 14.94
C ASN B 677 -3.84 31.39 15.24
N ARG B 678 -2.85 31.98 15.92
CA ARG B 678 -1.62 31.26 16.21
C ARG B 678 -1.89 30.06 17.11
N GLY B 679 -2.76 30.20 18.10
CA GLY B 679 -3.07 29.09 18.99
C GLY B 679 -3.93 28.03 18.33
N GLN B 680 -4.74 28.41 17.34
CA GLN B 680 -5.57 27.43 16.64
C GLN B 680 -4.77 26.58 15.68
N ILE B 681 -3.76 27.17 15.02
CA ILE B 681 -2.96 26.41 14.06
C ILE B 681 -2.22 25.27 14.75
N GLN B 682 -1.66 25.53 15.93
CA GLN B 682 -0.96 24.48 16.66
C GLN B 682 -1.89 23.35 17.04
N SER B 683 -3.12 23.68 17.46
CA SER B 683 -4.07 22.65 17.88
C SER B 683 -4.46 21.77 16.71
N LEU B 684 -4.56 22.35 15.50
CA LEU B 684 -4.92 21.56 14.33
C LEU B 684 -3.86 20.51 14.01
N GLN B 685 -2.58 20.88 14.16
CA GLN B 685 -1.51 19.93 13.87
C GLN B 685 -1.54 18.74 14.81
N GLN B 686 -1.77 18.98 16.10
CA GLN B 686 -1.82 17.88 17.07
C GLN B 686 -3.00 16.96 16.80
N SER B 687 -4.16 17.52 16.47
CA SER B 687 -5.36 16.71 16.26
C SER B 687 -5.38 16.01 14.92
N ALA B 688 -4.57 16.46 13.95
CA ALA B 688 -4.56 15.81 12.65
C ALA B 688 -3.81 14.49 12.69
N ALA B 689 -2.71 14.43 13.45
CA ALA B 689 -1.93 13.20 13.53
C ALA B 689 -2.72 12.09 14.20
N VAL B 690 -3.48 12.41 15.25
CA VAL B 690 -4.27 11.40 15.94
C VAL B 690 -5.39 10.88 15.06
N TYR B 691 -6.01 11.77 14.28
CA TYR B 691 -7.13 11.35 13.43
C TYR B 691 -6.68 10.47 12.28
N ALA B 692 -5.47 10.68 11.76
CA ALA B 692 -5.01 9.89 10.63
C ALA B 692 -4.86 8.42 10.99
N GLY B 693 -4.32 8.14 12.17
CA GLY B 693 -4.10 6.77 12.60
C GLY B 693 -5.33 6.07 13.16
N MET B 694 -6.46 6.76 13.23
CA MET B 694 -7.69 6.17 13.75
C MET B 694 -8.66 5.77 12.64
N ILE B 695 -8.64 6.46 11.51
CA ILE B 695 -9.39 6.01 10.34
C ILE B 695 -8.80 4.71 9.80
N THR B 696 -7.49 4.51 9.99
CA THR B 696 -6.85 3.28 9.53
C THR B 696 -7.44 2.06 10.23
N VAL B 697 -7.65 2.16 11.55
CA VAL B 697 -8.29 1.08 12.29
C VAL B 697 -9.72 0.86 11.83
N PHE B 698 -10.41 1.95 11.47
CA PHE B 698 -11.78 1.84 10.98
C PHE B 698 -11.84 1.01 9.69
N SER B 699 -10.90 1.25 8.78
CA SER B 699 -10.91 0.52 7.51
C SER B 699 -10.45 -0.92 7.65
N ASN B 700 -9.57 -1.21 8.62
CA ASN B 700 -9.06 -2.56 8.78
C ASN B 700 -10.17 -3.52 9.22
N ARG B 701 -10.96 -3.11 10.21
CA ARG B 701 -12.04 -3.97 10.69
C ARG B 701 -13.21 -4.02 9.70
N LEU B 702 -13.33 -3.02 8.82
CA LEU B 702 -14.44 -3.00 7.88
C LEU B 702 -14.28 -4.02 6.76
N GLY B 703 -13.08 -4.53 6.53
CA GLY B 703 -12.83 -5.48 5.48
C GLY B 703 -12.18 -4.92 4.24
N TRP B 704 -12.12 -3.60 4.10
CA TRP B 704 -11.51 -2.96 2.94
C TRP B 704 -10.02 -2.84 3.16
N HIS B 705 -9.24 -3.63 2.41
CA HIS B 705 -7.80 -3.73 2.63
C HIS B 705 -6.97 -2.87 1.68
N ASN B 706 -7.45 -2.63 0.47
CA ASN B 706 -6.68 -1.82 -0.48
C ASN B 706 -6.63 -0.36 -0.05
N MET B 707 -7.72 0.18 0.49
CA MET B 707 -7.73 1.56 0.94
C MET B 707 -6.90 1.74 2.21
N GLU B 708 -6.81 0.71 3.05
CA GLU B 708 -6.09 0.83 4.31
C GLU B 708 -4.61 1.12 4.07
N LEU B 709 -4.01 0.51 3.05
CA LEU B 709 -2.60 0.73 2.78
C LEU B 709 -2.32 2.19 2.42
N LEU B 710 -3.20 2.80 1.64
CA LEU B 710 -3.00 4.20 1.27
C LEU B 710 -3.06 5.11 2.49
N LEU B 711 -4.02 4.87 3.38
CA LEU B 711 -4.15 5.72 4.57
C LEU B 711 -2.98 5.53 5.52
N SER B 712 -2.50 4.29 5.66
CA SER B 712 -1.38 4.02 6.57
C SER B 712 -0.09 4.66 6.07
N GLN B 713 0.10 4.74 4.75
CA GLN B 713 1.31 5.33 4.20
C GLN B 713 1.40 6.83 4.46
N PHE B 714 0.27 7.50 4.70
CA PHE B 714 0.26 8.94 4.87
C PHE B 714 0.48 9.39 6.30
N GLN B 715 0.57 8.46 7.25
CA GLN B 715 0.82 8.83 8.64
C GLN B 715 2.20 9.44 8.84
N LYS B 716 3.16 9.12 7.97
CA LYS B 716 4.52 9.61 8.15
C LYS B 716 4.62 11.10 7.83
N ARG B 717 4.00 11.52 6.72
CA ARG B 717 4.12 12.92 6.32
C ARG B 717 3.39 13.85 7.27
N LEU B 718 2.24 13.43 7.79
CA LEU B 718 1.47 14.28 8.69
C LEU B 718 2.17 14.53 10.01
N THR B 719 3.14 13.69 10.38
CA THR B 719 3.91 13.89 11.60
C THR B 719 5.04 14.87 11.30
N PHE B 720 4.77 16.16 11.55
CA PHE B 720 5.76 17.19 11.26
C PHE B 720 7.02 17.01 12.09
N GLY B 721 6.89 17.12 13.42
CA GLY B 721 8.05 16.99 14.28
C GLY B 721 8.99 18.19 14.12
N ILE B 722 10.17 18.04 14.72
CA ILE B 722 11.22 19.04 14.65
C ILE B 722 12.53 18.35 14.33
N GLN B 723 13.20 18.80 13.27
CA GLN B 723 14.49 18.23 12.89
C GLN B 723 15.59 18.86 13.74
N ARG B 724 16.55 18.03 14.15
CA ARG B 724 17.68 18.48 14.96
C ARG B 724 19.00 18.41 14.20
N GLU B 725 19.33 17.26 13.62
CA GLU B 725 20.53 17.15 12.81
C GLU B 725 20.45 18.04 11.58
N LEU B 726 19.26 18.12 10.96
CA LEU B 726 19.08 18.93 9.76
C LEU B 726 19.05 20.42 10.05
N CYS B 727 19.03 20.82 11.33
CA CYS B 727 18.97 22.24 11.66
C CYS B 727 20.21 22.98 11.15
N ASP B 728 21.39 22.36 11.27
CA ASP B 728 22.60 22.98 10.72
C ASP B 728 22.52 23.12 9.21
N LEU B 729 22.00 22.10 8.53
CA LEU B 729 21.85 22.17 7.08
C LEU B 729 20.76 23.15 6.67
N VAL B 730 19.80 23.41 7.56
CA VAL B 730 18.67 24.29 7.24
C VAL B 730 19.03 25.76 7.30
N ARG B 731 20.29 26.10 7.58
CA ARG B 731 20.72 27.48 7.67
C ARG B 731 20.93 28.14 6.30
N VAL B 732 20.46 27.50 5.23
CA VAL B 732 20.60 28.03 3.88
C VAL B 732 19.30 28.70 3.47
N SER B 733 19.41 29.81 2.74
CA SER B 733 18.22 30.54 2.32
C SER B 733 17.35 29.71 1.39
N LEU B 734 17.92 29.23 0.29
CA LEU B 734 17.19 28.43 -0.69
C LEU B 734 17.37 26.94 -0.43
N LEU B 735 16.93 26.51 0.75
CA LEU B 735 17.00 25.11 1.14
C LEU B 735 15.90 24.86 2.18
N ASN B 736 14.80 24.24 1.74
CA ASN B 736 13.70 23.92 2.63
C ASN B 736 13.93 22.55 3.25
N ALA B 737 12.92 22.02 3.93
CA ALA B 737 13.05 20.72 4.58
C ALA B 737 13.14 19.59 3.56
N GLN B 738 12.50 19.73 2.40
CA GLN B 738 12.50 18.66 1.41
C GLN B 738 13.85 18.54 0.70
N ARG B 739 14.60 19.63 0.61
CA ARG B 739 15.91 19.60 -0.04
C ARG B 739 17.04 19.20 0.90
N ALA B 740 16.76 19.08 2.20
CA ALA B 740 17.80 18.69 3.14
C ALA B 740 18.22 17.25 2.93
N ARG B 741 17.26 16.35 2.75
CA ARG B 741 17.58 14.93 2.64
C ARG B 741 18.39 14.64 1.37
N VAL B 742 18.02 15.25 0.25
CA VAL B 742 18.73 14.98 -1.00
C VAL B 742 20.15 15.55 -0.94
N LEU B 743 20.31 16.74 -0.35
CA LEU B 743 21.62 17.35 -0.23
C LEU B 743 22.45 16.75 0.90
N TYR B 744 21.82 16.05 1.83
CA TYR B 744 22.56 15.41 2.92
C TYR B 744 23.30 14.17 2.45
N ALA B 745 22.84 13.53 1.37
CA ALA B 745 23.50 12.32 0.89
C ALA B 745 24.92 12.60 0.42
N SER B 746 25.13 13.71 -0.28
CA SER B 746 26.44 14.04 -0.83
C SER B 746 27.25 14.93 0.12
N GLY B 747 26.71 16.11 0.45
CA GLY B 747 27.43 17.06 1.27
C GLY B 747 27.56 16.63 2.72
N PHE B 748 26.44 16.64 3.45
CA PHE B 748 26.41 16.29 4.86
C PHE B 748 27.38 17.13 5.69
N HIS B 749 27.52 18.41 5.34
CA HIS B 749 28.45 19.30 6.03
C HIS B 749 27.89 20.72 5.96
N THR B 750 28.74 21.69 6.26
CA THR B 750 28.33 23.09 6.29
C THR B 750 28.30 23.65 4.87
N VAL B 751 28.18 24.97 4.74
CA VAL B 751 28.05 25.62 3.43
C VAL B 751 29.35 26.26 2.96
N ALA B 752 30.39 26.26 3.78
CA ALA B 752 31.64 26.94 3.40
C ALA B 752 32.37 26.18 2.31
N ASP B 753 32.76 24.94 2.57
CA ASP B 753 33.52 24.13 1.62
C ASP B 753 32.68 23.05 0.96
N LEU B 754 31.74 22.45 1.68
CA LEU B 754 30.92 21.39 1.10
C LEU B 754 30.06 21.91 -0.05
N ALA B 755 29.48 23.10 0.11
CA ALA B 755 28.65 23.67 -0.94
C ALA B 755 29.47 24.18 -2.11
N ARG B 756 30.76 24.46 -1.91
CA ARG B 756 31.62 24.94 -2.98
C ARG B 756 32.39 23.76 -3.61
N ALA B 757 31.63 22.80 -4.12
CA ALA B 757 32.18 21.61 -4.75
C ALA B 757 31.47 21.43 -6.10
N ASN B 758 32.00 22.09 -7.14
CA ASN B 758 31.48 22.01 -8.50
C ASN B 758 30.07 22.57 -8.61
N ILE B 759 29.61 22.82 -9.84
CA ILE B 759 28.27 23.32 -10.08
C ILE B 759 27.41 22.33 -10.86
N VAL B 760 28.02 21.45 -11.66
CA VAL B 760 27.23 20.45 -12.38
C VAL B 760 26.70 19.40 -11.41
N GLU B 761 27.51 19.00 -10.43
CA GLU B 761 27.07 17.98 -9.47
C GLU B 761 25.91 18.49 -8.62
N VAL B 762 25.98 19.74 -8.17
CA VAL B 762 24.91 20.29 -7.34
C VAL B 762 23.62 20.40 -8.15
N GLU B 763 23.71 20.92 -9.38
CA GLU B 763 22.52 21.09 -10.21
C GLU B 763 21.86 19.76 -10.53
N VAL B 764 22.66 18.74 -10.86
CA VAL B 764 22.11 17.45 -11.24
C VAL B 764 21.48 16.75 -10.03
N ILE B 765 22.11 16.88 -8.86
CA ILE B 765 21.65 16.17 -7.67
C ILE B 765 20.24 16.58 -7.31
N LEU B 766 19.95 17.87 -7.31
CA LEU B 766 18.61 18.35 -7.01
C LEU B 766 17.68 18.26 -8.22
N LYS B 767 18.20 17.95 -9.41
CA LYS B 767 17.36 17.81 -10.59
C LYS B 767 16.60 16.49 -10.60
N ASN B 768 17.21 15.42 -10.10
CA ASN B 768 16.62 14.09 -10.15
C ASN B 768 15.83 13.72 -8.91
N ALA B 769 15.72 14.62 -7.93
CA ALA B 769 14.96 14.31 -6.73
C ALA B 769 13.45 14.40 -6.97
N VAL B 770 13.02 15.31 -7.84
CA VAL B 770 11.61 15.50 -8.14
C VAL B 770 11.07 14.29 -8.89
N PRO B 771 9.81 13.90 -8.70
CA PRO B 771 9.21 12.88 -9.56
C PRO B 771 9.26 13.28 -11.03
N PHE B 772 8.92 12.34 -11.90
CA PHE B 772 9.10 12.52 -13.33
C PHE B 772 8.35 13.73 -13.85
N LYS B 773 7.02 13.70 -13.78
CA LYS B 773 6.17 14.84 -14.15
C LYS B 773 6.48 15.32 -15.57
N SER B 774 6.15 14.43 -16.52
CA SER B 774 6.38 14.71 -17.94
C SER B 774 5.81 16.07 -18.34
N ALA B 775 6.45 16.70 -19.32
CA ALA B 775 6.13 18.05 -19.73
C ALA B 775 5.83 18.12 -21.22
N ARG B 776 4.99 17.19 -21.68
CA ARG B 776 4.50 17.22 -23.06
C ARG B 776 3.04 16.81 -23.08
N LYS B 777 2.24 17.53 -23.85
CA LYS B 777 0.81 17.26 -23.91
C LYS B 777 0.54 15.92 -24.56
N ALA B 778 -0.38 15.15 -23.97
CA ALA B 778 -0.73 13.84 -24.48
C ALA B 778 -1.85 13.94 -25.51
N VAL B 779 -2.29 12.79 -26.03
CA VAL B 779 -3.34 12.77 -27.06
C VAL B 779 -4.73 12.99 -26.49
N ASP B 780 -4.86 13.12 -25.17
CA ASP B 780 -6.16 13.33 -24.53
C ASP B 780 -6.16 14.42 -23.48
N GLU B 781 -5.01 14.97 -23.09
CA GLU B 781 -4.95 15.97 -22.04
C GLU B 781 -5.35 17.34 -22.60
N GLU B 782 -5.23 18.37 -21.77
CA GLU B 782 -5.52 19.74 -22.15
C GLU B 782 -4.35 20.64 -21.77
N GLU B 783 -4.41 21.89 -22.24
CA GLU B 783 -3.31 22.82 -21.97
C GLU B 783 -3.16 23.09 -20.48
N GLU B 784 -4.27 23.23 -19.75
CA GLU B 784 -4.20 23.52 -18.33
C GLU B 784 -3.56 22.38 -17.55
N ALA B 785 -3.86 21.13 -17.94
CA ALA B 785 -3.31 19.98 -17.24
C ALA B 785 -1.80 19.92 -17.37
N VAL B 786 -1.28 20.21 -18.57
CA VAL B 786 0.17 20.14 -18.79
C VAL B 786 0.88 21.26 -18.05
N GLU B 787 0.29 22.46 -18.05
CA GLU B 787 0.93 23.60 -17.40
C GLU B 787 1.09 23.36 -15.90
N GLU B 788 0.09 22.74 -15.26
CA GLU B 788 0.22 22.40 -13.85
C GLU B 788 1.35 21.40 -13.62
N ARG B 789 1.66 20.58 -14.62
CA ARG B 789 2.78 19.65 -14.53
C ARG B 789 4.12 20.31 -14.85
N ARG B 790 4.10 21.50 -15.46
CA ARG B 790 5.32 22.23 -15.77
C ARG B 790 5.68 23.26 -14.72
N ASN B 791 4.71 23.80 -13.99
CA ASN B 791 4.97 24.80 -12.97
C ASN B 791 5.39 24.18 -11.64
N MET B 792 5.40 22.85 -11.53
CA MET B 792 5.81 22.19 -10.30
C MET B 792 7.31 21.94 -10.26
N ARG B 793 7.95 21.75 -11.40
CA ARG B 793 9.39 21.50 -11.45
C ARG B 793 10.23 22.76 -11.26
N THR B 794 9.62 23.94 -11.33
CA THR B 794 10.35 25.18 -11.13
C THR B 794 10.89 25.26 -9.70
N ILE B 795 12.10 25.78 -9.56
CA ILE B 795 12.74 25.85 -8.26
C ILE B 795 11.97 26.81 -7.36
N TRP B 796 11.70 26.38 -6.13
CA TRP B 796 10.96 27.19 -5.17
C TRP B 796 11.71 27.31 -3.86
N ARG B 800 9.74 31.92 -3.24
CA ARG B 800 9.55 30.66 -3.95
C ARG B 800 9.19 30.91 -5.42
N LYS B 801 9.35 29.87 -6.24
CA LYS B 801 9.06 29.93 -7.68
C LYS B 801 9.86 31.04 -8.35
N GLY B 802 11.19 30.88 -8.30
CA GLY B 802 12.09 31.88 -8.84
C GLY B 802 12.45 31.68 -10.29
N LEU B 803 13.74 31.55 -10.57
CA LEU B 803 14.24 31.43 -11.95
C LEU B 803 14.06 30.00 -12.43
N THR B 804 14.69 29.68 -13.56
CA THR B 804 14.59 28.35 -14.14
C THR B 804 15.45 27.35 -13.35
N GLU B 805 15.54 26.13 -13.86
CA GLU B 805 16.27 25.07 -13.16
C GLU B 805 17.76 25.34 -13.13
N ARG B 806 18.34 25.69 -14.28
CA ARG B 806 19.78 25.89 -14.36
C ARG B 806 20.23 27.18 -13.68
N GLU B 807 19.40 28.23 -13.73
CA GLU B 807 19.79 29.52 -13.15
C GLU B 807 19.94 29.41 -11.64
N ALA B 808 19.07 28.64 -10.99
CA ALA B 808 19.14 28.50 -9.54
C ALA B 808 20.44 27.85 -9.09
N ALA B 809 21.04 27.02 -9.94
CA ALA B 809 22.30 26.38 -9.58
C ALA B 809 23.41 27.41 -9.39
N ALA B 810 23.49 28.40 -10.27
CA ALA B 810 24.50 29.43 -10.14
C ALA B 810 24.18 30.38 -8.98
N LEU B 811 22.89 30.67 -8.78
CA LEU B 811 22.50 31.57 -7.70
C LEU B 811 22.80 30.95 -6.35
N ILE B 812 22.56 29.65 -6.19
CA ILE B 812 22.81 28.99 -4.91
C ILE B 812 24.30 28.99 -4.59
N VAL B 813 25.15 28.70 -5.59
CA VAL B 813 26.58 28.69 -5.36
C VAL B 813 27.09 30.09 -5.05
N GLU B 814 26.62 31.10 -5.79
CA GLU B 814 27.05 32.47 -5.54
C GLU B 814 26.60 32.96 -4.17
N GLU B 815 25.36 32.63 -3.77
CA GLU B 815 24.88 33.03 -2.46
C GLU B 815 25.65 32.36 -1.34
N ALA B 816 26.01 31.09 -1.52
CA ALA B 816 26.76 30.37 -0.49
C ALA B 816 28.14 30.99 -0.29
N ARG B 817 28.80 31.41 -1.38
CA ARG B 817 30.11 32.02 -1.27
C ARG B 817 30.05 33.31 -0.46
N MET B 818 29.03 34.14 -0.69
CA MET B 818 28.88 35.38 0.05
C MET B 818 28.66 35.11 1.54
N ILE B 819 27.83 34.11 1.85
CA ILE B 819 27.57 33.77 3.25
C ILE B 819 28.82 33.21 3.91
N LEU B 820 29.61 32.43 3.17
CA LEU B 820 30.83 31.85 3.72
C LEU B 820 31.84 32.94 4.07
N GLN B 821 31.94 33.98 3.23
CA GLN B 821 32.89 35.06 3.49
C GLN B 821 32.53 35.80 4.77
N GLN B 822 31.24 36.07 4.97
CA GLN B 822 30.82 36.78 6.19
C GLN B 822 31.11 35.95 7.43
N ASP B 823 30.86 34.64 7.38
CA ASP B 823 31.13 33.78 8.53
C ASP B 823 32.62 33.72 8.84
N LEU B 824 33.45 33.63 7.82
CA LEU B 824 34.90 33.56 8.00
C LEU B 824 35.53 34.95 7.93
N LYS D 1 43.94 -40.63 -28.60
CA LYS D 1 43.52 -40.01 -29.85
C LYS D 1 42.04 -39.65 -29.80
N LEU D 2 41.23 -40.38 -30.56
CA LEU D 2 39.79 -40.16 -30.58
C LEU D 2 39.10 -40.64 -29.30
N LEU D 3 39.77 -41.45 -28.49
CA LEU D 3 39.16 -41.93 -27.25
C LEU D 3 39.02 -40.78 -26.26
N LEU D 4 37.92 -40.79 -25.52
CA LEU D 4 37.66 -39.72 -24.56
C LEU D 4 38.65 -39.73 -23.41
N ALA D 5 39.23 -40.90 -23.08
CA ALA D 5 40.16 -40.98 -21.97
C ALA D 5 41.45 -40.22 -22.26
N ASN D 6 41.88 -40.17 -23.52
CA ASN D 6 43.11 -39.47 -23.88
C ASN D 6 42.85 -38.02 -24.27
N TRP D 7 42.19 -37.28 -23.38
CA TRP D 7 41.93 -35.87 -23.61
C TRP D 7 42.06 -34.99 -22.38
N GLY D 8 42.49 -35.55 -21.25
CA GLY D 8 42.68 -34.74 -20.05
C GLY D 8 41.39 -34.25 -19.42
N LEU D 9 40.59 -35.17 -18.88
CA LEU D 9 39.33 -34.82 -18.26
C LEU D 9 39.28 -35.34 -16.83
N PRO D 10 38.49 -34.71 -15.96
CA PRO D 10 38.32 -35.23 -14.60
C PRO D 10 37.78 -36.65 -14.61
N LYS D 11 38.21 -37.44 -13.62
CA LYS D 11 37.82 -38.84 -13.55
C LYS D 11 36.31 -38.98 -13.39
N ALA D 12 35.71 -38.19 -12.50
CA ALA D 12 34.28 -38.25 -12.30
C ALA D 12 33.53 -37.83 -13.56
N VAL D 13 34.01 -36.78 -14.24
CA VAL D 13 33.37 -36.32 -15.46
C VAL D 13 33.40 -37.41 -16.53
N LEU D 14 34.56 -38.05 -16.70
CA LEU D 14 34.67 -39.08 -17.72
C LEU D 14 33.83 -40.30 -17.37
N GLU D 15 33.77 -40.67 -16.08
CA GLU D 15 32.92 -41.78 -15.67
C GLU D 15 31.45 -41.48 -15.92
N LYS D 16 31.02 -40.27 -15.59
CA LYS D 16 29.63 -39.88 -15.83
C LYS D 16 29.32 -39.87 -17.32
N TYR D 17 30.24 -39.39 -18.15
CA TYR D 17 30.00 -39.34 -19.59
C TYR D 17 29.94 -40.75 -20.18
N HIS D 18 30.81 -41.64 -19.69
CA HIS D 18 30.74 -43.05 -20.10
C HIS D 18 29.49 -43.74 -19.60
N SER D 19 28.88 -43.24 -18.52
CA SER D 19 27.60 -43.81 -18.08
C SER D 19 26.53 -43.62 -19.13
N PHE D 20 26.51 -42.45 -19.80
CA PHE D 20 25.56 -42.24 -20.89
C PHE D 20 25.83 -43.15 -22.08
N GLY D 21 27.05 -43.67 -22.21
CA GLY D 21 27.36 -44.54 -23.31
C GLY D 21 28.06 -43.90 -24.48
N VAL D 22 28.89 -42.89 -24.23
CA VAL D 22 29.65 -42.21 -25.27
C VAL D 22 31.13 -42.42 -25.00
N LYS D 23 31.85 -42.98 -25.98
CA LYS D 23 33.26 -43.29 -25.82
C LYS D 23 34.15 -42.52 -26.78
N LYS D 24 33.83 -42.55 -28.07
CA LYS D 24 34.67 -41.92 -29.09
C LYS D 24 34.10 -40.56 -29.49
N MET D 25 34.90 -39.82 -30.27
CA MET D 25 34.48 -38.57 -30.87
C MET D 25 34.84 -38.60 -32.35
N PHE D 26 34.00 -37.96 -33.17
CA PHE D 26 34.25 -37.94 -34.60
C PHE D 26 35.47 -37.09 -34.92
N GLU D 27 36.02 -37.31 -36.12
CA GLU D 27 37.26 -36.63 -36.50
C GLU D 27 37.05 -35.14 -36.67
N TRP D 28 35.85 -34.70 -37.04
CA TRP D 28 35.61 -33.27 -37.23
C TRP D 28 35.71 -32.52 -35.91
N GLN D 29 35.28 -33.15 -34.80
CA GLN D 29 35.39 -32.52 -33.50
C GLN D 29 36.85 -32.25 -33.14
N ALA D 30 37.71 -33.25 -33.35
CA ALA D 30 39.13 -33.05 -33.09
C ALA D 30 39.72 -31.99 -34.03
N GLU D 31 39.32 -32.03 -35.30
CA GLU D 31 39.84 -31.05 -36.26
C GLU D 31 39.49 -29.63 -35.86
N CYS D 32 38.25 -29.41 -35.42
CA CYS D 32 37.85 -28.07 -34.99
C CYS D 32 38.43 -27.70 -33.64
N LEU D 33 38.70 -28.68 -32.77
CA LEU D 33 39.32 -28.37 -31.49
C LEU D 33 40.78 -27.96 -31.66
N LEU D 34 41.48 -28.58 -32.61
CA LEU D 34 42.89 -28.26 -32.87
C LEU D 34 43.05 -27.32 -34.06
N LEU D 35 42.10 -26.39 -34.25
CA LEU D 35 42.12 -25.45 -35.37
C LEU D 35 42.68 -24.13 -34.88
N GLY D 36 43.97 -23.90 -35.11
CA GLY D 36 44.58 -22.65 -34.72
C GLY D 36 44.74 -22.55 -33.22
N GLN D 37 44.54 -21.34 -32.69
CA GLN D 37 44.69 -21.07 -31.26
C GLN D 37 43.34 -20.95 -30.55
N VAL D 38 42.35 -21.75 -30.95
CA VAL D 38 41.07 -21.74 -30.27
C VAL D 38 41.21 -22.29 -28.85
N LEU D 39 42.08 -23.28 -28.67
CA LEU D 39 42.21 -23.95 -27.37
C LEU D 39 42.66 -22.98 -26.29
N GLU D 40 43.62 -22.12 -26.59
CA GLU D 40 44.11 -21.12 -25.64
C GLU D 40 43.70 -19.74 -26.16
N GLY D 41 42.76 -19.12 -25.45
CA GLY D 41 42.27 -17.82 -25.83
C GLY D 41 41.51 -17.83 -27.14
N LYS D 42 41.26 -16.61 -27.65
CA LYS D 42 40.65 -16.38 -28.95
C LYS D 42 39.23 -16.92 -29.04
N ASN D 43 38.52 -16.55 -30.09
CA ASN D 43 37.12 -16.93 -30.27
C ASN D 43 37.00 -18.00 -31.35
N LEU D 44 35.82 -18.64 -31.39
CA LEU D 44 35.57 -19.73 -32.32
C LEU D 44 34.15 -19.64 -32.86
N VAL D 45 34.00 -19.90 -34.16
CA VAL D 45 32.71 -19.99 -34.82
C VAL D 45 32.72 -21.20 -35.73
N TYR D 46 31.70 -22.06 -35.61
CA TYR D 46 31.63 -23.25 -36.44
C TYR D 46 30.16 -23.60 -36.70
N SER D 47 29.94 -24.42 -37.72
CA SER D 47 28.61 -24.85 -38.12
C SER D 47 28.66 -26.32 -38.47
N ALA D 48 27.85 -27.12 -37.77
CA ALA D 48 27.79 -28.57 -37.96
C ALA D 48 26.35 -29.02 -37.99
N PRO D 49 26.05 -30.14 -38.65
CA PRO D 49 24.67 -30.64 -38.64
C PRO D 49 24.24 -31.07 -37.24
N THR D 50 22.94 -30.92 -36.99
CA THR D 50 22.43 -31.16 -35.64
C THR D 50 22.44 -32.65 -35.28
N SER D 51 22.40 -33.53 -36.29
CA SER D 51 22.40 -34.96 -36.01
C SER D 51 23.68 -35.40 -35.31
N ALA D 52 24.83 -34.91 -35.79
CA ALA D 52 26.10 -35.23 -35.15
C ALA D 52 26.22 -34.50 -33.81
N GLY D 53 26.98 -35.11 -32.90
CA GLY D 53 27.20 -34.51 -31.60
C GLY D 53 27.85 -33.14 -31.70
N LYS D 54 27.09 -32.09 -31.40
CA LYS D 54 27.55 -30.72 -31.58
C LYS D 54 28.01 -30.07 -30.29
N THR D 55 27.52 -30.50 -29.14
CA THR D 55 27.85 -29.88 -27.87
C THR D 55 29.12 -30.42 -27.23
N LEU D 56 29.75 -31.42 -27.84
CA LEU D 56 30.98 -31.96 -27.28
C LEU D 56 32.03 -30.88 -27.11
N VAL D 57 32.30 -30.14 -28.18
CA VAL D 57 33.35 -29.12 -28.14
C VAL D 57 32.97 -27.98 -27.22
N ALA D 58 31.69 -27.58 -27.22
CA ALA D 58 31.25 -26.49 -26.36
C ALA D 58 31.44 -26.84 -24.89
N GLU D 59 31.00 -28.04 -24.49
CA GLU D 59 31.20 -28.48 -23.11
C GLU D 59 32.67 -28.63 -22.76
N LEU D 60 33.48 -29.16 -23.69
CA LEU D 60 34.91 -29.30 -23.41
C LEU D 60 35.54 -27.93 -23.18
N LEU D 61 35.22 -26.96 -24.02
CA LEU D 61 35.81 -25.62 -23.89
C LEU D 61 35.34 -24.93 -22.62
N ILE D 62 34.05 -25.03 -22.29
CA ILE D 62 33.56 -24.36 -21.09
C ILE D 62 34.15 -25.01 -19.85
N LEU D 63 34.29 -26.34 -19.84
CA LEU D 63 34.93 -27.01 -18.71
C LEU D 63 36.38 -26.57 -18.57
N LYS D 64 37.12 -26.51 -19.69
CA LYS D 64 38.52 -26.11 -19.64
C LYS D 64 38.66 -24.70 -19.08
N ARG D 65 37.87 -23.76 -19.62
CA ARG D 65 37.99 -22.38 -19.16
C ARG D 65 37.57 -22.21 -17.71
N VAL D 66 36.47 -22.86 -17.28
CA VAL D 66 36.03 -22.73 -15.90
C VAL D 66 37.04 -23.33 -14.94
N LEU D 67 37.60 -24.49 -15.28
CA LEU D 67 38.55 -25.14 -14.38
C LEU D 67 39.89 -24.42 -14.37
N GLU D 68 40.25 -23.74 -15.45
CA GLU D 68 41.53 -23.04 -15.47
C GLU D 68 41.44 -21.67 -14.82
N MET D 69 40.55 -20.82 -15.31
CA MET D 69 40.38 -19.46 -14.79
C MET D 69 39.01 -19.35 -14.12
N ARG D 70 39.00 -18.91 -12.86
CA ARG D 70 37.76 -18.77 -12.11
C ARG D 70 37.00 -17.57 -12.64
N LYS D 71 35.99 -17.81 -13.47
CA LYS D 71 35.18 -16.75 -14.04
C LYS D 71 33.82 -17.32 -14.41
N LYS D 72 32.79 -16.47 -14.35
CA LYS D 72 31.45 -16.89 -14.67
C LYS D 72 31.30 -17.13 -16.17
N ALA D 73 30.26 -17.88 -16.53
CA ALA D 73 29.99 -18.20 -17.91
C ALA D 73 28.49 -18.14 -18.17
N LEU D 74 28.13 -17.95 -19.44
CA LEU D 74 26.73 -17.90 -19.86
C LEU D 74 26.50 -18.89 -20.99
N PHE D 75 25.28 -19.40 -21.07
CA PHE D 75 24.90 -20.46 -22.00
C PHE D 75 23.58 -20.12 -22.68
N ILE D 76 23.49 -18.90 -23.24
CA ILE D 76 22.27 -18.43 -23.86
C ILE D 76 21.70 -19.47 -24.82
N LEU D 77 20.43 -19.80 -24.63
CA LEU D 77 19.71 -20.80 -25.41
C LEU D 77 18.41 -20.21 -25.92
N PRO D 78 17.91 -20.71 -27.06
CA PRO D 78 16.73 -20.09 -27.68
C PRO D 78 15.44 -20.23 -26.88
N PHE D 79 15.09 -21.44 -26.47
CA PHE D 79 13.79 -21.71 -25.87
C PHE D 79 13.95 -22.12 -24.42
N VAL D 80 12.81 -22.35 -23.76
CA VAL D 80 12.80 -22.63 -22.32
C VAL D 80 12.97 -24.11 -22.04
N SER D 81 12.20 -24.95 -22.73
CA SER D 81 12.25 -26.39 -22.48
C SER D 81 13.64 -26.95 -22.76
N VAL D 82 14.24 -26.55 -23.89
CA VAL D 82 15.60 -26.97 -24.19
C VAL D 82 16.55 -26.43 -23.14
N ALA D 83 16.29 -25.21 -22.65
CA ALA D 83 17.13 -24.64 -21.59
C ALA D 83 17.04 -25.48 -20.32
N LYS D 84 15.84 -25.91 -19.94
CA LYS D 84 15.68 -26.74 -18.75
C LYS D 84 16.37 -28.09 -18.92
N GLU D 85 16.22 -28.72 -20.09
CA GLU D 85 16.88 -30.00 -20.33
C GLU D 85 18.39 -29.85 -20.28
N LYS D 86 18.92 -28.77 -20.87
CA LYS D 86 20.36 -28.53 -20.84
C LYS D 86 20.84 -28.26 -19.42
N LYS D 87 20.04 -27.55 -18.62
CA LYS D 87 20.41 -27.31 -17.23
C LYS D 87 20.49 -28.62 -16.45
N TYR D 88 19.50 -29.50 -16.65
CA TYR D 88 19.53 -30.80 -15.97
C TYR D 88 20.74 -31.62 -16.42
N TYR D 89 21.02 -31.62 -17.73
CA TYR D 89 22.18 -32.34 -18.25
C TYR D 89 23.47 -31.83 -17.62
N LEU D 90 23.64 -30.50 -17.61
CA LEU D 90 24.88 -29.91 -17.09
C LEU D 90 25.02 -30.17 -15.59
N GLN D 91 23.92 -30.10 -14.85
CA GLN D 91 23.98 -30.37 -13.41
C GLN D 91 24.36 -31.83 -13.15
N SER D 92 23.68 -32.76 -13.83
CA SER D 92 23.97 -34.18 -13.64
C SER D 92 25.39 -34.51 -14.06
N LEU D 93 25.97 -33.74 -14.99
CA LEU D 93 27.33 -34.02 -15.42
C LEU D 93 28.35 -33.44 -14.44
N PHE D 94 28.22 -32.14 -14.14
CA PHE D 94 29.06 -31.51 -13.13
C PHE D 94 28.42 -31.55 -11.75
N GLN D 95 27.95 -32.72 -11.34
CA GLN D 95 27.39 -32.89 -10.00
C GLN D 95 28.45 -33.27 -8.95
N GLU D 96 29.71 -33.44 -9.34
CA GLU D 96 30.73 -33.90 -8.40
C GLU D 96 31.76 -32.83 -8.08
N VAL D 97 32.43 -32.27 -9.09
CA VAL D 97 33.52 -31.34 -8.83
C VAL D 97 33.01 -30.07 -8.19
N GLY D 98 31.84 -29.61 -8.61
CA GLY D 98 31.21 -28.45 -7.99
C GLY D 98 31.23 -27.21 -8.86
N ILE D 99 30.11 -26.97 -9.54
CA ILE D 99 29.94 -25.76 -10.34
C ILE D 99 28.71 -24.97 -9.94
N LYS D 100 27.68 -25.61 -9.38
CA LYS D 100 26.41 -24.96 -9.06
C LYS D 100 25.74 -24.44 -10.32
N VAL D 101 25.52 -25.35 -11.27
CA VAL D 101 24.81 -25.01 -12.50
C VAL D 101 23.38 -24.63 -12.13
N ASP D 102 22.96 -23.45 -12.55
CA ASP D 102 21.65 -22.93 -12.21
C ASP D 102 21.14 -22.13 -13.40
N GLY D 103 19.84 -22.23 -13.66
CA GLY D 103 19.24 -21.63 -14.84
C GLY D 103 18.29 -20.50 -14.50
N TYR D 104 18.25 -19.51 -15.38
CA TYR D 104 17.34 -18.38 -15.27
C TYR D 104 16.09 -18.53 -16.13
N MET D 105 15.93 -19.66 -16.82
CA MET D 105 14.87 -19.79 -17.81
C MET D 105 13.49 -19.67 -17.16
N GLY D 106 12.57 -19.03 -17.88
CA GLY D 106 11.21 -18.90 -17.39
C GLY D 106 11.13 -18.09 -16.12
N SER D 107 10.16 -18.44 -15.27
CA SER D 107 9.99 -17.81 -13.98
C SER D 107 10.78 -18.50 -12.87
N THR D 108 11.55 -19.53 -13.21
CA THR D 108 12.34 -20.27 -12.22
C THR D 108 13.58 -19.45 -11.86
N SER D 109 13.34 -18.41 -11.05
CA SER D 109 14.41 -17.53 -10.63
C SER D 109 15.36 -18.26 -9.68
N PRO D 110 16.64 -17.90 -9.71
CA PRO D 110 17.60 -18.52 -8.78
C PRO D 110 17.25 -18.24 -7.33
N SER D 111 17.52 -19.24 -6.49
CA SER D 111 17.37 -19.04 -5.05
C SER D 111 18.49 -18.20 -4.47
N ARG D 112 19.71 -18.38 -4.98
CA ARG D 112 20.87 -17.62 -4.55
C ARG D 112 21.09 -16.43 -5.47
N HIS D 113 22.21 -15.75 -5.30
CA HIS D 113 22.55 -14.58 -6.10
C HIS D 113 23.51 -14.96 -7.22
N PHE D 114 23.76 -13.98 -8.10
CA PHE D 114 24.62 -14.23 -9.25
C PHE D 114 26.08 -14.44 -8.84
N SER D 115 26.53 -13.78 -7.78
CA SER D 115 27.93 -13.88 -7.38
C SER D 115 28.30 -15.31 -6.98
N SER D 116 27.41 -15.99 -6.26
CA SER D 116 27.70 -17.35 -5.82
C SER D 116 27.73 -18.34 -6.98
N LEU D 117 27.03 -18.02 -8.07
CA LEU D 117 26.97 -18.92 -9.20
C LEU D 117 28.30 -18.96 -9.95
N ASP D 118 28.48 -20.03 -10.73
CA ASP D 118 29.63 -20.16 -11.61
C ASP D 118 29.23 -20.28 -13.07
N ILE D 119 28.24 -21.10 -13.39
CA ILE D 119 27.72 -21.25 -14.74
C ILE D 119 26.22 -21.00 -14.71
N ALA D 120 25.76 -20.09 -15.57
CA ALA D 120 24.34 -19.74 -15.65
C ALA D 120 23.81 -20.09 -17.02
N VAL D 121 22.66 -20.75 -17.06
CA VAL D 121 21.98 -21.11 -18.30
C VAL D 121 20.76 -20.22 -18.41
N CYS D 122 20.77 -19.32 -19.39
CA CYS D 122 19.72 -18.33 -19.54
C CYS D 122 19.16 -18.37 -20.96
N THR D 123 18.01 -17.75 -21.14
CA THR D 123 17.42 -17.57 -22.45
C THR D 123 18.01 -16.33 -23.11
N ILE D 124 17.45 -15.96 -24.27
CA ILE D 124 17.99 -14.82 -25.01
C ILE D 124 17.74 -13.52 -24.26
N GLU D 125 16.51 -13.31 -23.78
CA GLU D 125 16.15 -12.01 -23.21
C GLU D 125 16.48 -11.89 -21.74
N ARG D 126 16.80 -13.00 -21.07
CA ARG D 126 17.16 -12.94 -19.66
C ARG D 126 18.66 -12.89 -19.43
N ALA D 127 19.45 -12.83 -20.50
CA ALA D 127 20.88 -12.54 -20.40
C ALA D 127 21.20 -11.09 -20.69
N ASN D 128 20.41 -10.44 -21.56
CA ASN D 128 20.60 -9.02 -21.81
C ASN D 128 20.38 -8.20 -20.54
N GLY D 129 19.34 -8.54 -19.77
CA GLY D 129 19.12 -7.86 -18.51
C GLY D 129 20.23 -8.10 -17.51
N LEU D 130 20.75 -9.33 -17.48
CA LEU D 130 21.87 -9.64 -16.59
C LEU D 130 23.10 -8.81 -16.95
N ILE D 131 23.40 -8.69 -18.24
CA ILE D 131 24.54 -7.89 -18.66
C ILE D 131 24.30 -6.41 -18.37
N ASN D 132 23.07 -5.94 -18.55
CA ASN D 132 22.76 -4.56 -18.23
C ASN D 132 22.96 -4.27 -16.74
N ARG D 133 22.55 -5.20 -15.88
CA ARG D 133 22.79 -5.02 -14.44
C ARG D 133 24.28 -5.09 -14.11
N LEU D 134 25.01 -5.99 -14.76
CA LEU D 134 26.46 -6.07 -14.55
C LEU D 134 27.19 -4.84 -15.07
N ILE D 135 26.56 -4.08 -15.95
CA ILE D 135 27.11 -2.78 -16.34
C ILE D 135 26.72 -1.69 -15.35
N GLU D 136 25.47 -1.70 -14.88
CA GLU D 136 25.01 -0.69 -13.93
C GLU D 136 25.82 -0.75 -12.64
N GLU D 137 26.08 -1.96 -12.14
CA GLU D 137 26.99 -2.15 -11.01
C GLU D 137 28.33 -2.62 -11.55
N ASN D 138 29.40 -1.93 -11.15
CA ASN D 138 30.71 -2.12 -11.78
C ASN D 138 31.29 -3.47 -11.36
N LYS D 139 30.76 -4.53 -11.99
CA LYS D 139 31.22 -5.89 -11.76
C LYS D 139 31.29 -6.70 -13.05
N MET D 140 31.58 -6.03 -14.17
CA MET D 140 31.64 -6.69 -15.47
C MET D 140 32.80 -7.67 -15.60
N ASP D 141 33.89 -7.46 -14.85
CA ASP D 141 35.09 -8.28 -15.00
C ASP D 141 34.91 -9.73 -14.56
N LEU D 142 33.80 -10.07 -13.91
CA LEU D 142 33.56 -11.46 -13.54
C LEU D 142 33.34 -12.35 -14.76
N LEU D 143 32.80 -11.81 -15.84
CA LEU D 143 32.54 -12.60 -17.03
C LEU D 143 33.86 -13.07 -17.66
N GLY D 144 33.88 -14.34 -18.07
CA GLY D 144 35.07 -14.90 -18.68
C GLY D 144 34.79 -15.73 -19.92
N MET D 145 33.51 -15.97 -20.21
CA MET D 145 33.13 -16.76 -21.38
C MET D 145 31.64 -16.58 -21.63
N VAL D 146 31.28 -16.43 -22.90
CA VAL D 146 29.88 -16.35 -23.32
C VAL D 146 29.68 -17.35 -24.44
N VAL D 147 28.75 -18.28 -24.25
CA VAL D 147 28.45 -19.33 -25.23
C VAL D 147 27.08 -19.05 -25.83
N VAL D 148 27.03 -18.99 -27.16
CA VAL D 148 25.81 -18.65 -27.89
C VAL D 148 25.45 -19.81 -28.80
N ASP D 149 24.18 -20.21 -28.76
CA ASP D 149 23.65 -21.27 -29.60
C ASP D 149 22.74 -20.68 -30.65
N GLU D 150 22.74 -21.29 -31.84
CA GLU D 150 21.87 -20.88 -32.95
C GLU D 150 22.15 -19.43 -33.34
N LEU D 151 23.38 -19.20 -33.81
CA LEU D 151 23.85 -17.84 -34.09
C LEU D 151 23.14 -17.18 -35.25
N HIS D 152 22.65 -17.95 -36.22
CA HIS D 152 22.11 -17.32 -37.43
C HIS D 152 20.80 -16.58 -37.19
N MET D 153 20.18 -16.72 -36.02
CA MET D 153 19.00 -15.93 -35.70
C MET D 153 19.31 -14.46 -35.44
N LEU D 154 20.60 -14.10 -35.32
CA LEU D 154 20.97 -12.71 -35.07
C LEU D 154 20.59 -11.79 -36.22
N GLY D 155 20.44 -12.33 -37.43
CA GLY D 155 20.13 -11.50 -38.58
C GLY D 155 18.79 -10.82 -38.48
N ASP D 156 17.71 -11.59 -38.56
CA ASP D 156 16.36 -11.04 -38.51
C ASP D 156 15.46 -11.98 -37.72
N SER D 157 14.71 -11.42 -36.78
CA SER D 157 13.75 -12.18 -35.98
C SER D 157 12.95 -11.19 -35.14
N HIS D 158 11.94 -11.71 -34.45
CA HIS D 158 11.19 -10.89 -33.51
C HIS D 158 11.98 -10.61 -32.24
N ARG D 159 12.86 -11.54 -31.85
CA ARG D 159 13.68 -11.36 -30.66
C ARG D 159 15.11 -11.83 -30.87
N GLY D 160 15.54 -12.06 -32.11
CA GLY D 160 16.86 -12.58 -32.37
C GLY D 160 17.96 -11.54 -32.45
N TYR D 161 17.57 -10.28 -32.62
CA TYR D 161 18.56 -9.21 -32.72
C TYR D 161 19.22 -8.90 -31.39
N LEU D 162 18.73 -9.47 -30.28
CA LEU D 162 19.36 -9.23 -28.99
C LEU D 162 20.79 -9.75 -28.95
N LEU D 163 21.09 -10.79 -29.73
CA LEU D 163 22.47 -11.26 -29.85
C LEU D 163 23.35 -10.18 -30.46
N GLU D 164 22.86 -9.51 -31.51
CA GLU D 164 23.61 -8.43 -32.14
C GLU D 164 23.65 -7.18 -31.27
N LEU D 165 22.70 -7.01 -30.35
CA LEU D 165 22.78 -5.93 -29.39
C LEU D 165 23.74 -6.23 -28.24
N LEU D 166 23.94 -7.51 -27.92
CA LEU D 166 24.72 -7.94 -26.76
C LEU D 166 26.19 -8.15 -27.08
N LEU D 167 26.50 -8.85 -28.17
CA LEU D 167 27.88 -9.25 -28.44
C LEU D 167 28.76 -8.04 -28.70
N THR D 168 28.29 -7.09 -29.52
CA THR D 168 29.09 -5.90 -29.79
C THR D 168 29.32 -5.11 -28.51
N LYS D 169 28.29 -4.99 -27.67
CA LYS D 169 28.42 -4.25 -26.42
C LYS D 169 29.48 -4.87 -25.52
N ILE D 170 29.40 -6.18 -25.30
CA ILE D 170 30.34 -6.80 -24.38
C ILE D 170 31.76 -6.73 -24.95
N CYS D 171 31.92 -7.01 -26.25
CA CYS D 171 33.26 -6.98 -26.84
C CYS D 171 33.85 -5.57 -26.77
N TYR D 172 33.06 -4.56 -27.13
CA TYR D 172 33.54 -3.19 -27.09
C TYR D 172 33.94 -2.78 -25.68
N ILE D 173 33.03 -2.97 -24.72
CA ILE D 173 33.30 -2.54 -23.35
C ILE D 173 34.52 -3.26 -22.78
N THR D 174 34.68 -4.55 -23.13
CA THR D 174 35.76 -5.33 -22.52
C THR D 174 37.10 -5.05 -23.17
N ARG D 175 37.15 -4.76 -24.48
CA ARG D 175 38.45 -4.62 -25.12
C ARG D 175 38.74 -3.21 -25.61
N LYS D 176 37.80 -2.60 -26.35
CA LYS D 176 38.11 -1.35 -27.03
C LYS D 176 38.23 -0.19 -26.05
N SER D 177 37.36 -0.13 -25.06
CA SER D 177 37.38 0.93 -24.07
C SER D 177 38.32 0.65 -22.90
N ALA D 178 38.99 -0.50 -22.91
CA ALA D 178 39.93 -0.86 -21.86
C ALA D 178 41.38 -0.71 -22.28
N SER D 179 41.70 -1.00 -23.55
CA SER D 179 43.06 -0.87 -24.05
C SER D 179 43.23 0.44 -24.81
N SER D 189 45.86 -10.93 -23.68
CA SER D 189 45.08 -12.00 -24.27
C SER D 189 43.60 -11.65 -24.33
N ASN D 190 42.77 -12.62 -24.69
CA ASN D 190 41.34 -12.40 -24.76
C ASN D 190 40.74 -12.42 -23.37
N ALA D 191 40.19 -11.27 -22.94
CA ALA D 191 39.59 -11.20 -21.62
C ALA D 191 38.29 -11.99 -21.56
N VAL D 192 37.47 -11.89 -22.60
CA VAL D 192 36.22 -12.63 -22.70
C VAL D 192 36.26 -13.47 -23.96
N GLN D 193 35.99 -14.77 -23.82
CA GLN D 193 35.99 -15.69 -24.95
C GLN D 193 34.55 -15.95 -25.39
N ILE D 194 34.31 -15.88 -26.69
CA ILE D 194 32.99 -16.07 -27.27
C ILE D 194 33.05 -17.24 -28.24
N VAL D 195 32.14 -18.20 -28.09
CA VAL D 195 31.99 -19.29 -29.03
C VAL D 195 30.55 -19.30 -29.53
N GLY D 196 30.36 -19.79 -30.74
CA GLY D 196 29.05 -19.77 -31.36
C GLY D 196 28.83 -20.95 -32.28
N MET D 197 27.55 -21.26 -32.48
CA MET D 197 27.14 -22.36 -33.35
C MET D 197 26.10 -21.86 -34.34
N SER D 198 26.22 -22.28 -35.59
CA SER D 198 25.30 -21.88 -36.65
C SER D 198 24.95 -23.12 -37.46
N ALA D 199 24.26 -22.91 -38.59
CA ALA D 199 23.83 -24.01 -39.46
C ALA D 199 24.14 -23.65 -40.91
N THR D 200 25.36 -23.97 -41.33
CA THR D 200 25.79 -23.88 -42.74
C THR D 200 25.39 -22.54 -43.37
N LEU D 201 25.91 -21.47 -42.81
CA LEU D 201 25.64 -20.15 -43.37
C LEU D 201 26.45 -19.95 -44.65
N PRO D 202 25.89 -19.29 -45.66
CA PRO D 202 26.64 -19.07 -46.90
C PRO D 202 27.74 -18.02 -46.76
N ASN D 203 27.71 -17.20 -45.72
CA ASN D 203 28.69 -16.14 -45.49
C ASN D 203 29.23 -16.21 -44.07
N LEU D 204 29.59 -17.43 -43.63
CA LEU D 204 30.11 -17.61 -42.28
C LEU D 204 31.46 -16.93 -42.08
N GLU D 205 32.19 -16.65 -43.16
CA GLU D 205 33.47 -15.96 -43.02
C GLU D 205 33.27 -14.54 -42.48
N LEU D 206 32.23 -13.85 -42.96
CA LEU D 206 31.98 -12.47 -42.53
C LEU D 206 31.64 -12.37 -41.04
N VAL D 207 31.01 -13.39 -40.47
CA VAL D 207 30.69 -13.38 -39.05
C VAL D 207 31.95 -13.60 -38.21
N ALA D 208 32.83 -14.49 -38.65
CA ALA D 208 34.04 -14.78 -37.89
C ALA D 208 34.97 -13.56 -37.84
N SER D 209 35.09 -12.84 -38.95
CA SER D 209 35.96 -11.67 -38.98
C SER D 209 35.44 -10.56 -38.07
N TRP D 210 34.11 -10.42 -37.98
CA TRP D 210 33.55 -9.40 -37.09
C TRP D 210 33.89 -9.70 -35.64
N LEU D 211 33.80 -10.96 -35.23
CA LEU D 211 34.13 -11.35 -33.86
C LEU D 211 35.61 -11.67 -33.69
N ASN D 212 36.40 -11.61 -34.76
CA ASN D 212 37.83 -11.91 -34.71
C ASN D 212 38.06 -13.34 -34.21
N ALA D 213 37.58 -14.30 -35.00
CA ALA D 213 37.62 -15.71 -34.59
C ALA D 213 38.14 -16.60 -35.70
N GLU D 214 38.11 -17.91 -35.48
CA GLU D 214 38.46 -18.88 -36.49
C GLU D 214 37.21 -19.30 -37.26
N LEU D 215 37.32 -20.34 -38.08
CA LEU D 215 36.19 -20.80 -38.89
C LEU D 215 36.37 -22.27 -39.23
N TYR D 216 35.40 -23.09 -38.84
CA TYR D 216 35.39 -24.51 -39.19
C TYR D 216 34.02 -24.86 -39.75
N HIS D 217 34.00 -25.44 -40.95
CA HIS D 217 32.76 -25.86 -41.59
C HIS D 217 32.89 -27.34 -41.97
N THR D 218 31.90 -28.13 -41.57
CA THR D 218 31.92 -29.57 -41.83
C THR D 218 30.52 -30.03 -42.23
N ASP D 219 30.47 -31.22 -42.84
CA ASP D 219 29.20 -31.81 -43.25
C ASP D 219 29.37 -33.33 -43.13
N PHE D 220 28.94 -33.88 -42.00
CA PHE D 220 29.05 -35.30 -41.74
C PHE D 220 27.88 -35.75 -40.88
N ARG D 221 27.14 -36.75 -41.36
CA ARG D 221 25.99 -37.28 -40.65
C ARG D 221 26.15 -38.79 -40.49
N PRO D 222 25.89 -39.34 -39.30
CA PRO D 222 25.96 -40.80 -39.15
C PRO D 222 24.99 -41.56 -40.04
N VAL D 223 23.82 -41.01 -40.31
CA VAL D 223 22.81 -41.65 -41.14
C VAL D 223 22.69 -40.85 -42.44
N PRO D 224 22.95 -41.48 -43.60
CA PRO D 224 22.80 -40.79 -44.90
C PRO D 224 21.37 -40.78 -45.42
N LEU D 225 20.58 -39.83 -44.94
CA LEU D 225 19.18 -39.76 -45.33
C LEU D 225 19.05 -39.35 -46.80
N LEU D 226 18.02 -39.89 -47.44
CA LEU D 226 17.71 -39.59 -48.83
C LEU D 226 16.40 -38.83 -48.89
N GLU D 227 16.42 -37.63 -49.47
CA GLU D 227 15.23 -36.79 -49.59
C GLU D 227 14.43 -37.21 -50.82
N SER D 228 13.78 -38.36 -50.69
CA SER D 228 13.05 -38.98 -51.80
C SER D 228 11.68 -38.30 -51.97
N VAL D 229 11.71 -37.16 -52.65
CA VAL D 229 10.49 -36.43 -52.95
C VAL D 229 9.67 -37.24 -53.95
N LYS D 230 8.36 -37.34 -53.70
CA LYS D 230 7.44 -38.07 -54.57
C LYS D 230 6.36 -37.14 -55.08
N VAL D 231 6.09 -37.22 -56.38
CA VAL D 231 4.99 -36.48 -57.00
C VAL D 231 4.11 -37.48 -57.73
N GLY D 232 2.82 -37.48 -57.40
CA GLY D 232 1.90 -38.44 -58.02
C GLY D 232 2.32 -39.86 -57.72
N ASN D 233 2.33 -40.69 -58.77
CA ASN D 233 2.79 -42.07 -58.65
C ASN D 233 4.29 -42.21 -58.90
N SER D 234 4.97 -41.13 -59.31
CA SER D 234 6.40 -41.15 -59.56
C SER D 234 7.14 -40.71 -58.30
N ILE D 235 8.29 -41.34 -58.06
CA ILE D 235 9.08 -41.06 -56.86
C ILE D 235 10.35 -40.37 -57.39
N TYR D 236 10.18 -39.60 -58.47
CA TYR D 236 11.28 -38.80 -59.02
C TYR D 236 11.92 -37.96 -57.93
N ASP D 237 13.19 -38.24 -57.63
CA ASP D 237 13.88 -37.60 -56.53
C ASP D 237 15.33 -37.40 -56.90
N SER D 238 16.14 -37.01 -55.90
CA SER D 238 17.57 -36.74 -56.06
C SER D 238 17.72 -35.66 -57.14
N SER D 239 18.52 -35.87 -58.18
CA SER D 239 18.63 -34.91 -59.27
C SER D 239 17.63 -35.20 -60.38
N MET D 240 16.35 -35.28 -60.00
CA MET D 240 15.25 -35.56 -60.93
C MET D 240 15.47 -36.90 -61.65
N LYS D 241 15.51 -37.97 -60.85
CA LYS D 241 15.72 -39.31 -61.36
C LYS D 241 14.78 -40.28 -60.67
N LEU D 242 14.15 -41.15 -61.46
CA LEU D 242 13.23 -42.14 -60.91
C LEU D 242 14.01 -43.23 -60.20
N VAL D 243 13.56 -43.58 -58.99
CA VAL D 243 14.22 -44.61 -58.19
C VAL D 243 13.25 -45.75 -57.90
N ARG D 244 11.96 -45.43 -57.82
CA ARG D 244 10.95 -46.43 -57.52
C ARG D 244 9.59 -45.94 -58.04
N GLU D 245 8.66 -46.88 -58.17
CA GLU D 245 7.30 -46.59 -58.58
C GLU D 245 6.35 -47.03 -57.49
N PHE D 246 5.43 -46.16 -57.09
CA PHE D 246 4.51 -46.43 -56.01
C PHE D 246 3.23 -47.04 -56.56
N GLU D 247 2.84 -48.19 -56.01
CA GLU D 247 1.61 -48.84 -56.42
C GLU D 247 0.46 -48.46 -55.48
N PRO D 248 -0.77 -48.44 -55.99
CA PRO D 248 -1.92 -48.12 -55.13
C PRO D 248 -2.32 -49.27 -54.23
N MET D 249 -2.06 -49.15 -52.93
CA MET D 249 -2.46 -50.17 -51.97
C MET D 249 -3.89 -49.79 -51.56
N LEU D 250 -4.42 -50.29 -50.44
CA LEU D 250 -5.81 -50.01 -50.09
C LEU D 250 -6.03 -48.52 -49.96
N GLN D 251 -7.18 -48.05 -50.45
CA GLN D 251 -7.51 -46.64 -50.39
C GLN D 251 -9.01 -46.48 -50.31
N VAL D 252 -9.44 -45.29 -49.88
CA VAL D 252 -10.86 -45.00 -49.75
C VAL D 252 -11.17 -43.66 -50.40
N ASP D 257 -3.28 -38.99 -53.56
CA ASP D 257 -2.27 -38.85 -52.52
C ASP D 257 -1.88 -40.21 -51.94
N HIS D 258 -2.90 -41.00 -51.57
CA HIS D 258 -2.70 -42.34 -51.02
C HIS D 258 -1.78 -42.30 -49.81
N VAL D 259 -2.10 -41.39 -48.88
CA VAL D 259 -1.25 -41.20 -47.70
C VAL D 259 -1.29 -42.44 -46.80
N VAL D 260 -2.45 -43.10 -46.72
CA VAL D 260 -2.60 -44.23 -45.82
C VAL D 260 -1.70 -45.38 -46.26
N SER D 261 -1.55 -45.58 -47.57
CA SER D 261 -0.73 -46.69 -48.07
C SER D 261 0.73 -46.49 -47.72
N LEU D 262 1.21 -45.24 -47.75
CA LEU D 262 2.62 -44.98 -47.50
C LEU D 262 3.02 -45.39 -46.09
N CYS D 263 2.16 -45.12 -45.10
CA CYS D 263 2.48 -45.45 -43.72
C CYS D 263 2.39 -46.95 -43.44
N TYR D 264 1.74 -47.72 -44.31
CA TYR D 264 1.54 -49.14 -44.04
C TYR D 264 2.86 -49.90 -44.05
N GLU D 265 3.67 -49.73 -45.10
CA GLU D 265 4.95 -50.42 -45.16
C GLU D 265 5.89 -49.95 -44.06
N THR D 266 5.81 -48.67 -43.69
CA THR D 266 6.58 -48.17 -42.56
C THR D 266 6.14 -48.82 -41.26
N ILE D 267 4.82 -48.98 -41.08
CA ILE D 267 4.27 -49.55 -39.86
C ILE D 267 4.69 -51.00 -39.70
N CYS D 268 4.78 -51.74 -40.81
CA CYS D 268 4.89 -53.19 -40.79
C CYS D 268 6.09 -53.70 -39.99
N ASP D 269 7.31 -53.44 -40.46
CA ASP D 269 8.46 -54.10 -39.85
C ASP D 269 8.65 -53.62 -38.42
N ASN D 270 9.14 -52.39 -38.24
CA ASN D 270 9.23 -51.81 -36.90
C ASN D 270 9.10 -50.30 -36.86
N HIS D 271 8.87 -49.62 -37.99
CA HIS D 271 9.18 -48.21 -38.08
C HIS D 271 7.96 -47.33 -37.79
N SER D 272 8.22 -46.02 -37.73
CA SER D 272 7.22 -45.03 -37.38
C SER D 272 7.18 -43.95 -38.44
N VAL D 273 6.10 -43.15 -38.41
CA VAL D 273 5.88 -42.09 -39.39
C VAL D 273 5.64 -40.78 -38.63
N LEU D 274 5.99 -39.68 -39.29
CA LEU D 274 5.78 -38.34 -38.75
C LEU D 274 5.15 -37.48 -39.84
N LEU D 275 3.92 -37.04 -39.61
CA LEU D 275 3.20 -36.21 -40.56
C LEU D 275 3.14 -34.78 -40.04
N PHE D 276 3.60 -33.83 -40.86
CA PHE D 276 3.61 -32.42 -40.50
C PHE D 276 2.42 -31.72 -41.17
N CYS D 277 1.35 -31.56 -40.40
CA CYS D 277 0.15 -30.92 -40.90
C CYS D 277 0.38 -29.43 -41.13
N PRO D 278 -0.36 -28.82 -42.04
CA PRO D 278 -0.27 -27.37 -42.22
C PRO D 278 -1.30 -26.61 -41.41
N SER D 279 -2.06 -27.32 -40.56
CA SER D 279 -3.07 -26.70 -39.73
C SER D 279 -3.36 -27.62 -38.55
N LYS D 280 -3.89 -27.09 -37.46
CA LYS D 280 -4.12 -27.93 -36.29
C LYS D 280 -5.20 -28.93 -36.64
N LYS D 281 -6.39 -28.44 -36.92
CA LYS D 281 -7.49 -29.31 -37.29
C LYS D 281 -7.05 -30.38 -38.25
N TRP D 282 -6.27 -30.01 -39.25
CA TRP D 282 -5.88 -30.99 -40.27
C TRP D 282 -5.20 -32.19 -39.64
N CYS D 283 -4.47 -31.99 -38.54
CA CYS D 283 -3.88 -33.11 -37.83
C CYS D 283 -4.95 -34.05 -37.28
N GLU D 284 -6.04 -33.48 -36.74
CA GLU D 284 -7.14 -34.30 -36.25
C GLU D 284 -7.77 -35.10 -37.37
N LYS D 285 -7.97 -34.48 -38.54
CA LYS D 285 -8.62 -35.16 -39.65
C LYS D 285 -7.83 -36.37 -40.11
N LEU D 286 -6.51 -36.23 -40.25
CA LEU D 286 -5.67 -37.33 -40.69
C LEU D 286 -5.46 -38.37 -39.60
N ALA D 287 -5.62 -38.01 -38.33
CA ALA D 287 -5.44 -38.99 -37.26
C ALA D 287 -6.59 -39.99 -37.22
N ASP D 288 -7.83 -39.50 -37.34
CA ASP D 288 -8.97 -40.42 -37.30
C ASP D 288 -9.02 -41.31 -38.54
N ILE D 289 -8.59 -40.78 -39.68
CA ILE D 289 -8.63 -41.55 -40.93
C ILE D 289 -7.74 -42.78 -40.82
N ILE D 290 -6.53 -42.61 -40.29
CA ILE D 290 -5.61 -43.74 -40.15
C ILE D 290 -6.14 -44.75 -39.15
N ALA D 291 -6.78 -44.27 -38.08
CA ALA D 291 -7.30 -45.18 -37.06
C ALA D 291 -8.39 -46.08 -37.63
N ARG D 292 -9.20 -45.56 -38.55
CA ARG D 292 -10.26 -46.37 -39.15
C ARG D 292 -9.69 -47.55 -39.92
N GLU D 293 -8.63 -47.32 -40.70
CA GLU D 293 -8.07 -48.38 -41.53
C GLU D 293 -7.39 -49.45 -40.69
N PHE D 294 -6.73 -49.06 -39.60
CA PHE D 294 -6.02 -50.03 -38.77
C PHE D 294 -6.99 -51.04 -38.15
N TYR D 295 -8.12 -50.56 -37.63
CA TYR D 295 -9.13 -51.45 -37.08
C TYR D 295 -9.95 -52.14 -38.16
N ASN D 296 -9.95 -51.60 -39.39
CA ASN D 296 -10.84 -52.12 -40.43
C ASN D 296 -10.52 -53.55 -40.79
N LEU D 297 -9.23 -53.89 -40.93
CA LEU D 297 -8.87 -55.21 -41.45
C LEU D 297 -7.81 -55.89 -40.60
N HIS D 298 -7.68 -55.51 -39.33
CA HIS D 298 -6.77 -56.17 -38.42
C HIS D 298 -7.45 -56.73 -37.17
N HIS D 299 -8.70 -56.35 -36.91
CA HIS D 299 -9.45 -56.89 -35.79
C HIS D 299 -10.86 -57.32 -36.16
N GLN D 300 -11.32 -57.04 -37.38
CA GLN D 300 -12.66 -57.41 -37.83
C GLN D 300 -13.75 -56.86 -36.92
N PRO D 311 -2.24 -59.34 -42.35
CA PRO D 311 -1.04 -58.98 -41.59
C PRO D 311 -1.35 -58.47 -40.19
N PRO D 312 -0.47 -58.75 -39.23
CA PRO D 312 -0.71 -58.27 -37.86
C PRO D 312 -0.27 -56.83 -37.69
N VAL D 313 -0.98 -56.13 -36.81
CA VAL D 313 -0.69 -54.72 -36.57
C VAL D 313 0.57 -54.52 -35.74
N ILE D 314 0.95 -55.53 -34.95
CA ILE D 314 2.17 -55.51 -34.14
C ILE D 314 2.17 -54.33 -33.18
N LEU D 315 1.34 -54.42 -32.14
CA LEU D 315 1.37 -53.44 -31.06
C LEU D 315 1.06 -54.14 -29.75
N GLU D 316 1.55 -53.55 -28.66
CA GLU D 316 1.29 -54.07 -27.33
C GLU D 316 0.02 -53.44 -26.75
N GLN D 317 -0.56 -54.12 -25.76
CA GLN D 317 -1.80 -53.66 -25.13
C GLN D 317 -1.70 -53.51 -23.62
N LYS D 318 -0.63 -53.98 -22.98
CA LYS D 318 -0.53 -53.87 -21.54
C LYS D 318 -0.28 -52.43 -21.10
N GLU D 319 0.63 -51.74 -21.79
CA GLU D 319 0.96 -50.36 -21.43
C GLU D 319 0.07 -49.33 -22.11
N LEU D 320 -0.51 -49.65 -23.26
CA LEU D 320 -1.39 -48.71 -23.94
C LEU D 320 -2.62 -48.40 -23.08
N LEU D 321 -3.19 -49.43 -22.46
CA LEU D 321 -4.32 -49.20 -21.55
C LEU D 321 -3.90 -48.42 -20.32
N GLU D 322 -2.66 -48.61 -19.86
CA GLU D 322 -2.15 -47.83 -18.74
C GLU D 322 -2.06 -46.35 -19.09
N VAL D 323 -1.66 -46.04 -20.33
CA VAL D 323 -1.59 -44.65 -20.77
C VAL D 323 -2.95 -44.00 -20.72
N MET D 324 -4.01 -44.76 -21.06
CA MET D 324 -5.37 -44.23 -20.99
C MET D 324 -5.70 -43.69 -19.60
N ASP D 325 -5.19 -44.33 -18.55
CA ASP D 325 -5.49 -43.89 -17.20
C ASP D 325 -4.92 -42.50 -16.93
N GLN D 326 -3.68 -42.25 -17.38
CA GLN D 326 -3.07 -40.94 -17.17
C GLN D 326 -3.82 -39.85 -17.92
N LEU D 327 -4.25 -40.13 -19.15
CA LEU D 327 -4.98 -39.15 -19.95
C LEU D 327 -6.40 -38.91 -19.43
N ARG D 328 -6.86 -39.72 -18.48
CA ARG D 328 -8.23 -39.60 -17.99
C ARG D 328 -8.36 -38.79 -16.70
N ARG D 329 -7.26 -38.56 -15.99
CA ARG D 329 -7.30 -37.91 -14.69
C ARG D 329 -6.99 -36.42 -14.75
N LEU D 330 -6.83 -35.86 -15.95
CA LEU D 330 -6.59 -34.42 -16.06
C LEU D 330 -7.84 -33.65 -15.65
N PRO D 331 -7.67 -32.47 -15.06
CA PRO D 331 -8.85 -31.67 -14.68
C PRO D 331 -9.75 -31.31 -15.86
N SER D 332 -9.16 -31.08 -17.04
CA SER D 332 -9.97 -30.78 -18.22
C SER D 332 -10.58 -32.03 -18.84
N GLY D 333 -10.12 -33.22 -18.46
CA GLY D 333 -10.68 -34.45 -18.95
C GLY D 333 -10.10 -34.88 -20.28
N LEU D 334 -10.46 -36.09 -20.68
CA LEU D 334 -10.00 -36.64 -21.95
C LEU D 334 -10.72 -35.97 -23.12
N ASP D 335 -10.10 -36.05 -24.29
CA ASP D 335 -10.64 -35.46 -25.51
C ASP D 335 -11.29 -36.54 -26.36
N SER D 336 -12.38 -36.18 -27.04
CA SER D 336 -13.12 -37.15 -27.84
C SER D 336 -12.27 -37.70 -28.96
N VAL D 337 -11.51 -36.84 -29.66
CA VAL D 337 -10.66 -37.32 -30.74
C VAL D 337 -9.44 -38.06 -30.20
N LEU D 338 -9.15 -37.92 -28.91
CA LEU D 338 -8.05 -38.62 -28.26
C LEU D 338 -8.50 -39.94 -27.63
N GLN D 339 -9.70 -40.40 -27.93
CA GLN D 339 -10.19 -41.68 -27.42
C GLN D 339 -10.43 -42.72 -28.50
N LYS D 340 -10.73 -42.31 -29.73
CA LYS D 340 -11.00 -43.24 -30.81
C LYS D 340 -9.77 -43.55 -31.67
N THR D 341 -8.65 -42.85 -31.45
CA THR D 341 -7.44 -43.09 -32.20
C THR D 341 -6.27 -43.57 -31.35
N VAL D 342 -6.27 -43.30 -30.05
CA VAL D 342 -5.21 -43.71 -29.14
C VAL D 342 -5.15 -45.23 -28.96
N PRO D 343 -6.27 -45.97 -29.01
CA PRO D 343 -6.16 -47.44 -28.88
C PRO D 343 -5.19 -48.07 -29.87
N TRP D 344 -5.09 -47.53 -31.08
CA TRP D 344 -4.02 -47.88 -32.00
C TRP D 344 -2.96 -46.78 -32.00
N GLY D 345 -1.84 -47.05 -32.67
CA GLY D 345 -0.73 -46.13 -32.63
C GLY D 345 -0.92 -44.87 -33.43
N VAL D 346 -1.99 -44.12 -33.16
CA VAL D 346 -2.28 -42.86 -33.83
C VAL D 346 -2.69 -41.82 -32.79
N ALA D 347 -2.21 -40.59 -32.96
CA ALA D 347 -2.56 -39.48 -32.08
C ALA D 347 -2.23 -38.17 -32.79
N PHE D 348 -2.31 -37.07 -32.05
CA PHE D 348 -1.98 -35.75 -32.56
C PHE D 348 -1.23 -34.98 -31.49
N HIS D 349 -0.36 -34.08 -31.92
CA HIS D 349 0.50 -33.32 -31.01
C HIS D 349 0.53 -31.84 -31.41
N HIS D 350 -0.64 -31.25 -31.65
CA HIS D 350 -0.70 -29.83 -31.96
C HIS D 350 -0.55 -29.02 -30.67
N ALA D 351 -0.74 -27.70 -30.77
CA ALA D 351 -0.56 -26.82 -29.63
C ALA D 351 -1.84 -26.59 -28.85
N GLY D 352 -2.94 -27.23 -29.24
CA GLY D 352 -4.18 -27.06 -28.52
C GLY D 352 -4.34 -28.06 -27.38
N LEU D 353 -3.26 -28.33 -26.66
CA LEU D 353 -3.24 -29.29 -25.58
C LEU D 353 -2.53 -28.69 -24.37
N THR D 354 -2.90 -29.18 -23.19
CA THR D 354 -2.23 -28.77 -21.97
C THR D 354 -0.77 -29.25 -21.99
N PHE D 355 0.12 -28.46 -21.41
CA PHE D 355 1.54 -28.80 -21.41
C PHE D 355 1.79 -30.16 -20.77
N GLU D 356 1.01 -30.53 -19.74
CA GLU D 356 1.14 -31.87 -19.17
C GLU D 356 0.52 -32.92 -20.08
N GLU D 357 -0.64 -32.63 -20.66
CA GLU D 357 -1.30 -33.58 -21.55
C GLU D 357 -0.46 -33.85 -22.79
N ARG D 358 0.09 -32.80 -23.39
CA ARG D 358 0.94 -32.96 -24.56
C ARG D 358 2.28 -33.60 -24.23
N ASP D 359 2.66 -33.64 -22.95
CA ASP D 359 3.91 -34.29 -22.57
C ASP D 359 3.78 -35.81 -22.62
N ILE D 360 2.60 -36.33 -22.25
CA ILE D 360 2.40 -37.79 -22.25
C ILE D 360 2.48 -38.33 -23.66
N ILE D 361 1.88 -37.63 -24.63
CA ILE D 361 1.94 -38.07 -26.02
C ILE D 361 3.39 -38.13 -26.49
N GLU D 362 4.20 -37.14 -26.10
CA GLU D 362 5.63 -37.18 -26.42
C GLU D 362 6.30 -38.37 -25.73
N GLY D 363 5.92 -38.65 -24.48
CA GLY D 363 6.57 -39.72 -23.75
C GLY D 363 6.31 -41.09 -24.36
N ALA D 364 5.09 -41.30 -24.87
CA ALA D 364 4.78 -42.59 -25.48
C ALA D 364 5.61 -42.82 -26.74
N PHE D 365 5.80 -41.78 -27.54
CA PHE D 365 6.61 -41.89 -28.76
C PHE D 365 8.08 -42.14 -28.44
N ARG D 366 8.52 -41.87 -27.22
CA ARG D 366 9.93 -42.03 -26.88
C ARG D 366 10.36 -43.49 -26.93
N GLN D 367 9.45 -44.43 -26.65
CA GLN D 367 9.79 -45.85 -26.65
C GLN D 367 8.52 -46.65 -26.95
N GLY D 368 8.41 -47.12 -28.18
CA GLY D 368 7.36 -48.03 -28.59
C GLY D 368 5.96 -47.45 -28.44
N LEU D 369 5.01 -48.32 -28.10
CA LEU D 369 3.61 -47.97 -27.94
C LEU D 369 3.05 -47.30 -29.19
N ILE D 370 2.86 -45.98 -29.14
CA ILE D 370 2.34 -45.25 -30.28
C ILE D 370 3.35 -45.26 -31.41
N ARG D 371 2.86 -45.35 -32.64
CA ARG D 371 3.72 -45.44 -33.82
C ARG D 371 3.56 -44.26 -34.76
N VAL D 372 2.34 -43.93 -35.16
CA VAL D 372 2.10 -42.80 -36.05
C VAL D 372 1.83 -41.56 -35.22
N LEU D 373 2.28 -40.41 -35.73
CA LEU D 373 2.12 -39.14 -35.04
C LEU D 373 1.83 -38.05 -36.06
N ALA D 374 1.27 -36.95 -35.58
CA ALA D 374 0.99 -35.78 -36.40
C ALA D 374 1.36 -34.52 -35.63
N ALA D 375 1.71 -33.47 -36.37
CA ALA D 375 2.15 -32.24 -35.74
C ALA D 375 1.98 -31.09 -36.72
N THR D 376 1.87 -29.87 -36.18
CA THR D 376 1.84 -28.70 -37.03
C THR D 376 3.23 -28.07 -37.16
N SER D 377 3.77 -27.57 -36.05
CA SER D 377 5.14 -27.08 -36.01
C SER D 377 5.86 -27.37 -34.71
N THR D 378 5.20 -27.97 -33.72
CA THR D 378 5.80 -28.09 -32.40
C THR D 378 7.03 -28.99 -32.41
N LEU D 379 6.97 -30.09 -33.15
CA LEU D 379 8.10 -31.01 -33.25
C LEU D 379 9.07 -30.63 -34.35
N SER D 380 8.96 -29.43 -34.92
CA SER D 380 9.95 -28.94 -35.86
C SER D 380 11.06 -28.16 -35.17
N SER D 381 10.77 -27.54 -34.03
CA SER D 381 11.76 -26.77 -33.27
C SER D 381 11.29 -26.66 -31.83
N GLY D 382 12.03 -27.27 -30.91
CA GLY D 382 11.67 -27.22 -29.51
C GLY D 382 11.83 -28.55 -28.79
N VAL D 383 11.61 -29.65 -29.52
CA VAL D 383 11.73 -30.98 -28.96
C VAL D 383 12.65 -31.80 -29.86
N ASN D 384 13.19 -32.88 -29.29
CA ASN D 384 14.10 -33.78 -29.99
C ASN D 384 13.49 -35.17 -30.00
N LEU D 385 12.70 -35.45 -31.05
CA LEU D 385 12.03 -36.74 -31.22
C LEU D 385 12.37 -37.28 -32.61
N PRO D 386 13.50 -37.97 -32.77
CA PRO D 386 13.84 -38.55 -34.06
C PRO D 386 12.98 -39.77 -34.36
N ALA D 387 12.89 -40.07 -35.66
CA ALA D 387 12.09 -41.20 -36.13
C ALA D 387 12.56 -41.56 -37.53
N ARG D 388 11.84 -42.49 -38.16
CA ARG D 388 12.11 -42.93 -39.53
C ARG D 388 11.54 -41.94 -40.52
N ARG D 389 11.39 -42.38 -41.78
CA ARG D 389 10.87 -41.57 -42.87
C ARG D 389 9.76 -40.63 -42.44
N VAL D 390 9.87 -39.38 -42.87
CA VAL D 390 8.99 -38.30 -42.45
C VAL D 390 8.24 -37.78 -43.68
N ILE D 391 6.92 -37.66 -43.56
CA ILE D 391 6.08 -37.13 -44.62
C ILE D 391 5.76 -35.67 -44.30
N ILE D 392 6.05 -34.78 -45.26
CA ILE D 392 5.85 -33.35 -45.07
C ILE D 392 4.49 -32.88 -45.58
N ARG D 393 3.80 -33.70 -46.37
CA ARG D 393 2.48 -33.40 -46.95
C ARG D 393 2.65 -32.21 -47.89
N THR D 394 1.73 -31.23 -47.88
CA THR D 394 1.73 -30.18 -48.88
C THR D 394 2.97 -29.30 -48.76
N PRO D 395 3.50 -28.82 -49.88
CA PRO D 395 4.64 -27.90 -49.84
C PRO D 395 4.29 -26.42 -49.70
N ILE D 396 3.02 -26.10 -49.43
CA ILE D 396 2.60 -24.72 -49.21
C ILE D 396 1.90 -24.66 -47.85
N PHE D 397 2.41 -23.81 -46.96
CA PHE D 397 1.92 -23.69 -45.60
C PHE D 397 1.27 -22.32 -45.42
N GLY D 398 0.01 -22.33 -45.00
CA GLY D 398 -0.70 -21.07 -44.73
C GLY D 398 -0.84 -20.16 -45.92
N GLY D 399 -0.99 -20.73 -47.12
CA GLY D 399 -1.14 -19.93 -48.31
C GLY D 399 0.14 -19.26 -48.79
N ARG D 400 1.28 -19.63 -48.23
CA ARG D 400 2.56 -19.04 -48.59
C ARG D 400 3.57 -20.15 -48.85
N PRO D 401 4.58 -19.89 -49.68
CA PRO D 401 5.61 -20.90 -49.92
C PRO D 401 6.35 -21.25 -48.64
N LEU D 402 6.70 -22.53 -48.52
CA LEU D 402 7.40 -23.00 -47.33
C LEU D 402 8.79 -22.40 -47.25
N ASP D 403 9.20 -22.05 -46.03
CA ASP D 403 10.50 -21.44 -45.81
C ASP D 403 11.60 -22.48 -45.98
N ILE D 404 12.74 -22.05 -46.52
CA ILE D 404 13.86 -22.95 -46.72
C ILE D 404 14.39 -23.45 -45.39
N LEU D 405 14.52 -22.55 -44.41
CA LEU D 405 15.04 -22.96 -43.10
C LEU D 405 14.11 -23.94 -42.41
N THR D 406 12.79 -23.72 -42.52
CA THR D 406 11.84 -24.63 -41.90
C THR D 406 11.92 -26.02 -42.49
N TYR D 407 12.03 -26.11 -43.83
CA TYR D 407 12.10 -27.42 -44.47
C TYR D 407 13.33 -28.20 -44.03
N LYS D 408 14.49 -27.53 -43.98
CA LYS D 408 15.70 -28.20 -43.54
C LYS D 408 15.66 -28.56 -42.07
N GLN D 409 14.83 -27.88 -41.29
CA GLN D 409 14.70 -28.21 -39.87
C GLN D 409 13.89 -29.49 -39.66
N MET D 410 12.83 -29.69 -40.45
CA MET D 410 12.00 -30.88 -40.30
C MET D 410 12.77 -32.13 -40.71
N VAL D 411 13.45 -32.08 -41.87
CA VAL D 411 14.18 -33.24 -42.37
C VAL D 411 15.38 -33.59 -41.50
N GLY D 412 15.80 -32.70 -40.61
CA GLY D 412 16.87 -33.03 -39.69
C GLY D 412 16.49 -34.12 -38.71
N ARG D 413 15.19 -34.24 -38.40
CA ARG D 413 14.66 -35.27 -37.52
C ARG D 413 14.15 -36.49 -38.28
N ALA D 414 14.68 -36.74 -39.49
CA ALA D 414 14.25 -37.85 -40.31
C ALA D 414 15.20 -39.04 -40.21
N GLY D 415 15.81 -39.26 -39.05
CA GLY D 415 16.68 -40.39 -38.84
C GLY D 415 16.85 -40.74 -37.37
N ARG D 416 16.66 -42.01 -37.05
CA ARG D 416 16.81 -42.50 -35.68
C ARG D 416 18.22 -43.06 -35.51
N LYS D 417 18.95 -42.53 -34.54
CA LYS D 417 20.34 -42.89 -34.35
C LYS D 417 20.45 -44.17 -33.54
N GLY D 418 21.29 -45.10 -34.02
CA GLY D 418 21.58 -46.32 -33.29
C GLY D 418 20.60 -47.44 -33.49
N VAL D 419 19.63 -47.31 -34.40
CA VAL D 419 18.65 -48.37 -34.63
C VAL D 419 18.69 -48.79 -36.09
N ASP D 420 18.36 -47.87 -36.99
CA ASP D 420 18.33 -48.16 -38.42
C ASP D 420 19.64 -47.73 -39.06
N THR D 421 19.69 -47.78 -40.39
CA THR D 421 20.88 -47.42 -41.14
C THR D 421 20.72 -46.19 -42.02
N VAL D 422 19.52 -45.94 -42.55
CA VAL D 422 19.29 -44.81 -43.43
C VAL D 422 17.98 -44.13 -43.04
N GLY D 423 17.87 -42.85 -43.41
CA GLY D 423 16.65 -42.09 -43.24
C GLY D 423 16.02 -41.74 -44.58
N GLU D 424 14.81 -41.19 -44.48
CA GLU D 424 14.07 -40.80 -45.67
C GLU D 424 13.27 -39.54 -45.38
N SER D 425 12.92 -38.83 -46.45
CA SER D 425 12.11 -37.62 -46.34
C SER D 425 11.32 -37.47 -47.64
N ILE D 426 10.05 -37.85 -47.61
CA ILE D 426 9.21 -37.85 -48.79
C ILE D 426 8.22 -36.70 -48.68
N LEU D 427 8.28 -35.79 -49.64
CA LEU D 427 7.40 -34.62 -49.68
C LEU D 427 6.35 -34.86 -50.75
N ILE D 428 5.09 -34.89 -50.35
CA ILE D 428 3.98 -35.18 -51.25
C ILE D 428 3.55 -33.87 -51.90
N CYS D 429 4.01 -33.63 -53.13
CA CYS D 429 3.69 -32.43 -53.88
C CYS D 429 2.81 -32.81 -55.07
N LYS D 430 1.72 -32.07 -55.25
CA LYS D 430 0.80 -32.35 -56.35
C LYS D 430 1.47 -32.08 -57.70
N ASN D 431 1.01 -32.80 -58.72
CA ASN D 431 1.57 -32.66 -60.06
C ASN D 431 1.42 -31.25 -60.61
N SER D 432 0.44 -30.48 -60.11
CA SER D 432 0.27 -29.11 -60.58
C SER D 432 1.46 -28.24 -60.23
N GLU D 433 1.98 -28.37 -59.01
CA GLU D 433 3.09 -27.53 -58.58
C GLU D 433 4.42 -28.04 -59.10
N LYS D 434 4.82 -29.24 -58.67
CA LYS D 434 6.02 -29.92 -59.17
C LYS D 434 7.29 -29.12 -58.89
N SER D 435 7.42 -27.95 -59.53
CA SER D 435 8.65 -27.16 -59.43
C SER D 435 8.86 -26.63 -58.02
N LYS D 436 7.79 -26.46 -57.24
CA LYS D 436 7.92 -25.94 -55.88
C LYS D 436 8.75 -26.89 -55.02
N GLY D 437 8.52 -28.20 -55.15
CA GLY D 437 9.34 -29.16 -54.44
C GLY D 437 10.78 -29.16 -54.89
N ILE D 438 11.01 -29.00 -56.19
CA ILE D 438 12.37 -28.96 -56.71
C ILE D 438 13.13 -27.76 -56.16
N ALA D 439 12.48 -26.58 -56.15
CA ALA D 439 13.12 -25.39 -55.61
C ALA D 439 13.43 -25.57 -54.13
N LEU D 440 12.51 -26.16 -53.37
CA LEU D 440 12.77 -26.42 -51.96
C LEU D 440 13.82 -27.51 -51.79
N LEU D 441 13.91 -28.45 -52.74
CA LEU D 441 14.93 -29.49 -52.67
C LEU D 441 16.31 -28.94 -52.98
N GLN D 442 16.41 -28.04 -53.95
CA GLN D 442 17.69 -27.49 -54.39
C GLN D 442 17.87 -26.10 -53.78
N GLY D 443 18.73 -26.01 -52.77
CA GLY D 443 18.99 -24.76 -52.08
C GLY D 443 19.54 -25.00 -50.70
N SER D 444 20.35 -24.07 -50.19
CA SER D 444 21.00 -24.26 -48.89
C SER D 444 20.49 -23.27 -47.84
N LEU D 445 20.64 -21.97 -48.08
CA LEU D 445 20.27 -20.93 -47.12
C LEU D 445 20.38 -19.58 -47.82
N LYS D 446 20.20 -18.51 -47.05
CA LYS D 446 20.33 -17.14 -47.53
C LYS D 446 21.29 -16.36 -46.65
N PRO D 447 21.96 -15.34 -47.19
CA PRO D 447 22.90 -14.57 -46.38
C PRO D 447 22.21 -13.86 -45.22
N VAL D 448 22.95 -13.69 -44.13
CA VAL D 448 22.40 -13.11 -42.91
C VAL D 448 22.47 -11.60 -43.00
N ARG D 449 21.34 -10.94 -42.77
CA ARG D 449 21.24 -9.49 -42.81
C ARG D 449 21.59 -8.92 -41.42
N SER D 450 21.32 -7.63 -41.23
CA SER D 450 21.66 -6.96 -39.98
C SER D 450 20.47 -6.38 -39.23
N CYS D 451 19.34 -6.19 -39.93
CA CYS D 451 18.14 -5.61 -39.33
C CYS D 451 18.37 -4.14 -39.02
N LEU D 452 19.63 -3.77 -38.81
CA LEU D 452 19.94 -2.38 -38.58
C LEU D 452 20.07 -1.69 -39.91
N GLN D 453 20.71 -2.36 -40.87
CA GLN D 453 20.91 -1.77 -42.19
C GLN D 453 19.64 -1.20 -42.78
N ARG D 454 18.60 -2.02 -42.92
CA ARG D 454 17.37 -1.59 -43.57
C ARG D 454 17.44 -0.19 -44.15
N ARG D 455 17.30 0.81 -43.30
CA ARG D 455 17.33 2.20 -43.75
C ARG D 455 18.40 2.96 -42.98
N GLU D 456 19.08 3.88 -43.67
CA GLU D 456 20.10 4.71 -43.05
C GLU D 456 19.69 6.18 -43.01
N GLY D 457 19.33 6.76 -44.15
CA GLY D 457 18.83 8.13 -44.16
C GLY D 457 17.35 8.26 -43.89
N GLU D 458 16.62 7.15 -44.02
CA GLU D 458 15.18 7.14 -43.76
C GLU D 458 14.95 6.99 -42.26
N GLU D 459 13.71 6.68 -41.87
CA GLU D 459 13.40 6.53 -40.45
C GLU D 459 14.24 5.41 -39.84
N VAL D 460 14.82 5.70 -38.68
CA VAL D 460 15.71 4.75 -38.02
C VAL D 460 14.90 3.58 -37.48
N THR D 461 15.44 2.37 -37.63
CA THR D 461 14.77 1.17 -37.16
C THR D 461 14.76 1.11 -35.64
N GLY D 462 13.81 0.35 -35.10
CA GLY D 462 13.67 0.21 -33.67
C GLY D 462 14.83 -0.51 -33.01
N SER D 463 15.65 -1.23 -33.79
CA SER D 463 16.81 -1.90 -33.23
C SER D 463 17.93 -0.92 -32.92
N MET D 464 18.11 0.11 -33.75
CA MET D 464 19.15 1.10 -33.51
C MET D 464 18.82 2.04 -32.36
N ILE D 465 17.54 2.39 -32.20
CA ILE D 465 17.14 3.24 -31.08
C ILE D 465 17.44 2.56 -29.76
N ARG D 466 17.11 1.28 -29.65
CA ARG D 466 17.41 0.53 -28.44
C ARG D 466 18.91 0.34 -28.24
N ALA D 467 19.68 0.36 -29.33
CA ALA D 467 21.12 0.08 -29.24
C ALA D 467 21.84 1.18 -28.47
N ILE D 468 21.62 2.45 -28.84
CA ILE D 468 22.40 3.53 -28.24
C ILE D 468 21.80 3.97 -26.91
N LEU D 469 20.48 3.85 -26.74
CA LEU D 469 19.86 4.18 -25.45
C LEU D 469 20.33 3.26 -24.34
N GLU D 470 20.68 2.02 -24.67
CA GLU D 470 21.00 1.01 -23.67
C GLU D 470 22.43 1.13 -23.15
N ILE D 471 23.29 1.90 -23.81
CA ILE D 471 24.61 2.20 -23.28
C ILE D 471 24.68 3.59 -22.65
N ILE D 472 23.88 4.55 -23.12
CA ILE D 472 23.87 5.88 -22.51
C ILE D 472 23.35 5.80 -21.07
N VAL D 473 22.31 5.01 -20.85
CA VAL D 473 21.77 4.83 -19.50
C VAL D 473 22.82 4.24 -18.59
N GLY D 474 23.60 3.28 -19.09
CA GLY D 474 24.68 2.71 -18.31
C GLY D 474 25.88 3.63 -18.14
N GLY D 475 25.93 4.73 -18.89
CA GLY D 475 27.00 5.69 -18.76
C GLY D 475 28.29 5.31 -19.44
N VAL D 476 28.30 4.24 -20.25
CA VAL D 476 29.52 3.81 -20.92
C VAL D 476 29.99 4.89 -21.89
N ALA D 477 29.08 5.44 -22.67
CA ALA D 477 29.38 6.48 -23.64
C ALA D 477 28.60 7.74 -23.28
N SER D 478 29.31 8.86 -23.16
CA SER D 478 28.70 10.14 -22.83
C SER D 478 28.82 11.15 -23.98
N THR D 479 30.03 11.42 -24.44
CA THR D 479 30.23 12.36 -25.54
C THR D 479 29.81 11.71 -26.86
N SER D 480 29.25 12.53 -27.75
CA SER D 480 28.82 12.03 -29.06
C SER D 480 29.98 11.49 -29.86
N GLN D 481 31.20 12.01 -29.65
CA GLN D 481 32.37 11.47 -30.31
C GLN D 481 32.65 10.03 -29.85
N ASP D 482 32.49 9.77 -28.56
CA ASP D 482 32.73 8.43 -28.04
C ASP D 482 31.72 7.44 -28.62
N MET D 483 30.45 7.84 -28.71
CA MET D 483 29.43 6.92 -29.18
C MET D 483 29.56 6.64 -30.67
N HIS D 484 30.08 7.61 -31.43
CA HIS D 484 30.35 7.38 -32.84
C HIS D 484 31.35 6.25 -33.05
N THR D 485 32.27 6.07 -32.11
CA THR D 485 33.16 4.93 -32.16
C THR D 485 32.40 3.62 -31.93
N TYR D 486 31.37 3.66 -31.08
CA TYR D 486 30.62 2.45 -30.75
C TYR D 486 29.94 1.86 -31.99
N ALA D 487 29.35 2.72 -32.82
CA ALA D 487 28.67 2.24 -34.02
C ALA D 487 29.65 1.70 -35.06
N ALA D 488 30.95 1.98 -34.90
CA ALA D 488 31.96 1.46 -35.82
C ALA D 488 32.38 0.04 -35.49
N CYS D 489 31.86 -0.54 -34.41
CA CYS D 489 32.22 -1.88 -34.00
C CYS D 489 31.08 -2.89 -34.11
N THR D 490 29.90 -2.48 -34.59
CA THR D 490 28.75 -3.37 -34.65
C THR D 490 28.33 -3.68 -36.09
N PHE D 491 28.31 -2.68 -36.97
CA PHE D 491 27.79 -2.86 -38.32
C PHE D 491 28.70 -2.32 -39.41
N LEU D 492 29.48 -1.27 -39.13
CA LEU D 492 30.35 -0.70 -40.15
C LEU D 492 31.38 -1.72 -40.62
N ALA D 493 31.97 -2.46 -39.69
CA ALA D 493 32.91 -3.51 -40.05
C ALA D 493 32.20 -4.80 -40.46
N ALA D 494 30.91 -4.91 -40.20
CA ALA D 494 30.17 -6.14 -40.51
C ALA D 494 30.15 -6.40 -42.01
N SER D 495 29.47 -5.54 -42.76
CA SER D 495 29.28 -5.75 -44.20
C SER D 495 29.48 -4.44 -44.96
N MET D 496 30.47 -3.66 -44.57
CA MET D 496 30.81 -2.43 -45.29
C MET D 496 32.33 -2.24 -45.34
N GLY D 513 25.11 10.90 -39.49
CA GLY D 513 24.00 10.46 -40.32
C GLY D 513 22.91 9.77 -39.53
N ALA D 514 23.01 8.44 -39.41
CA ALA D 514 22.02 7.68 -38.67
C ALA D 514 22.09 7.97 -37.18
N ILE D 515 23.30 8.15 -36.65
CA ILE D 515 23.47 8.46 -35.23
C ILE D 515 22.86 9.80 -34.84
N GLU D 516 23.07 10.84 -35.65
CA GLU D 516 22.53 12.16 -35.32
C GLU D 516 21.01 12.15 -35.30
N ALA D 517 20.38 11.47 -36.26
CA ALA D 517 18.93 11.37 -36.27
C ALA D 517 18.41 10.45 -35.17
N CYS D 518 19.22 9.52 -34.68
CA CYS D 518 18.78 8.62 -33.62
C CYS D 518 18.79 9.33 -32.27
N VAL D 519 19.75 10.22 -32.05
CA VAL D 519 19.80 10.98 -30.80
C VAL D 519 18.58 11.89 -30.68
N MET D 520 18.16 12.48 -31.80
CA MET D 520 17.01 13.38 -31.77
C MET D 520 15.76 12.66 -31.31
N TRP D 521 15.52 11.44 -31.82
CA TRP D 521 14.30 10.72 -31.47
C TRP D 521 14.21 10.50 -29.96
N LEU D 522 15.35 10.39 -29.28
CA LEU D 522 15.36 10.21 -27.84
C LEU D 522 15.19 11.51 -27.08
N LEU D 523 15.10 12.64 -27.78
CA LEU D 523 15.07 13.95 -27.12
C LEU D 523 13.66 14.46 -26.86
N GLU D 524 12.84 14.63 -27.91
CA GLU D 524 11.49 15.13 -27.69
C GLU D 524 10.60 14.09 -27.00
N ASN D 525 11.04 12.83 -26.95
CA ASN D 525 10.31 11.79 -26.27
C ASN D 525 10.72 11.66 -24.81
N GLU D 526 11.60 12.54 -24.32
CA GLU D 526 11.97 12.62 -22.91
C GLU D 526 12.60 11.33 -22.42
N PHE D 527 13.62 10.87 -23.13
CA PHE D 527 14.42 9.73 -22.70
C PHE D 527 15.80 10.09 -22.20
N ILE D 528 16.38 11.19 -22.69
CA ILE D 528 17.65 11.70 -22.21
C ILE D 528 17.54 13.21 -22.06
N GLN D 529 18.46 13.78 -21.27
CA GLN D 529 18.54 15.22 -21.07
C GLN D 529 19.90 15.71 -21.55
N SER D 530 19.91 16.91 -22.13
CA SER D 530 21.10 17.48 -22.74
C SER D 530 21.52 18.75 -22.00
N THR D 531 22.82 18.87 -21.78
CA THR D 531 23.40 20.07 -21.17
C THR D 531 23.80 21.04 -22.30
N GLU D 532 24.60 22.04 -21.97
CA GLU D 532 25.06 23.04 -22.93
C GLU D 532 25.73 22.41 -24.14
N LYS D 540 29.11 18.82 -25.21
CA LYS D 540 27.86 18.09 -25.40
C LYS D 540 27.86 16.80 -24.59
N VAL D 541 27.19 16.81 -23.44
CA VAL D 541 27.11 15.66 -22.56
C VAL D 541 25.64 15.32 -22.34
N TYR D 542 25.32 14.03 -22.44
CA TYR D 542 23.95 13.55 -22.27
C TYR D 542 23.84 12.70 -21.01
N HIS D 543 22.77 12.91 -20.26
CA HIS D 543 22.51 12.19 -19.03
C HIS D 543 21.14 11.53 -19.09
N PRO D 544 21.00 10.36 -18.48
CA PRO D 544 19.68 9.70 -18.46
C PRO D 544 18.67 10.48 -17.64
N THR D 545 17.41 10.36 -18.04
CA THR D 545 16.30 10.92 -17.29
C THR D 545 15.65 9.80 -16.47
N HIS D 546 14.56 10.14 -15.77
CA HIS D 546 13.87 9.13 -14.98
C HIS D 546 13.13 8.13 -15.85
N LEU D 547 12.56 8.58 -16.98
CA LEU D 547 11.87 7.66 -17.88
C LEU D 547 12.85 6.72 -18.56
N GLY D 548 14.04 7.21 -18.90
CA GLY D 548 15.03 6.36 -19.54
C GLY D 548 15.52 5.25 -18.64
N SER D 549 15.71 5.56 -17.35
CA SER D 549 16.14 4.54 -16.40
C SER D 549 15.06 3.50 -16.17
N ALA D 550 13.79 3.91 -16.20
CA ALA D 550 12.69 2.99 -15.98
C ALA D 550 12.61 1.95 -17.10
N THR D 551 12.84 2.37 -18.34
CA THR D 551 12.75 1.44 -19.46
C THR D 551 13.81 0.34 -19.36
N LEU D 552 15.04 0.71 -18.99
CA LEU D 552 16.11 -0.28 -18.90
C LEU D 552 15.89 -1.26 -17.76
N SER D 553 15.41 -0.76 -16.61
CA SER D 553 15.21 -1.63 -15.45
C SER D 553 14.15 -2.67 -15.71
N SER D 554 12.98 -2.24 -16.21
CA SER D 554 11.91 -3.19 -16.51
C SER D 554 12.16 -3.95 -17.81
N SER D 555 12.81 -3.29 -18.78
CA SER D 555 13.23 -3.93 -20.03
C SER D 555 12.05 -4.41 -20.86
N LEU D 556 11.10 -3.50 -21.12
CA LEU D 556 10.02 -3.82 -22.06
C LEU D 556 10.48 -3.60 -23.49
N SER D 557 10.66 -2.33 -23.87
CA SER D 557 11.19 -1.87 -25.15
C SER D 557 11.21 -0.35 -25.14
N PRO D 558 12.09 0.30 -25.91
CA PRO D 558 11.98 1.74 -26.13
C PRO D 558 10.80 2.16 -26.99
N ALA D 559 9.94 1.24 -27.40
CA ALA D 559 8.83 1.55 -28.29
C ALA D 559 7.47 1.29 -27.67
N ASP D 560 7.31 0.17 -26.94
CA ASP D 560 6.06 -0.11 -26.26
C ASP D 560 5.97 0.52 -24.87
N THR D 561 7.07 1.09 -24.38
CA THR D 561 7.01 1.82 -23.11
C THR D 561 6.14 3.06 -23.25
N LEU D 562 6.08 3.66 -24.43
CA LEU D 562 5.22 4.81 -24.67
C LEU D 562 3.74 4.47 -24.58
N ASP D 563 3.39 3.19 -24.59
CA ASP D 563 2.00 2.76 -24.42
C ASP D 563 1.68 2.46 -22.96
N ILE D 564 2.61 1.83 -22.24
CA ILE D 564 2.40 1.57 -20.82
C ILE D 564 2.41 2.86 -20.02
N PHE D 565 3.29 3.80 -20.40
CA PHE D 565 3.35 5.07 -19.69
C PHE D 565 2.04 5.85 -19.83
N ALA D 566 1.46 5.84 -21.04
CA ALA D 566 0.19 6.54 -21.24
C ALA D 566 -0.96 5.89 -20.48
N ASP D 567 -0.83 4.61 -20.12
CA ASP D 567 -1.87 3.95 -19.35
C ASP D 567 -1.74 4.26 -17.85
N LEU D 568 -0.51 4.35 -17.36
CA LEU D 568 -0.30 4.67 -15.94
C LEU D 568 -0.57 6.14 -15.65
N GLN D 569 -0.24 7.03 -16.60
CA GLN D 569 -0.52 8.44 -16.41
C GLN D 569 -2.01 8.72 -16.37
N ARG D 570 -2.78 8.03 -17.22
CA ARG D 570 -4.23 8.18 -17.20
C ARG D 570 -4.86 7.61 -15.93
N ALA D 571 -4.16 6.72 -15.24
CA ALA D 571 -4.72 6.11 -14.04
C ALA D 571 -4.71 7.06 -12.85
N MET D 572 -3.71 7.95 -12.76
CA MET D 572 -3.65 8.88 -11.65
C MET D 572 -4.53 10.09 -11.88
N LYS D 573 -5.78 9.85 -12.29
CA LYS D 573 -6.78 10.90 -12.40
C LYS D 573 -8.15 10.38 -11.95
N GLY D 574 -8.18 9.31 -11.17
CA GLY D 574 -9.40 8.61 -10.84
C GLY D 574 -9.17 7.11 -10.89
N PHE D 575 -9.50 6.41 -9.82
CA PHE D 575 -9.16 5.00 -9.69
C PHE D 575 -10.28 4.29 -8.96
N VAL D 576 -10.85 3.27 -9.58
CA VAL D 576 -11.91 2.48 -8.95
C VAL D 576 -11.26 1.46 -8.02
N LEU D 577 -11.68 1.48 -6.76
CA LEU D 577 -11.06 0.65 -5.73
C LEU D 577 -11.97 -0.44 -5.18
N GLU D 578 -13.23 -0.50 -5.61
CA GLU D 578 -14.13 -1.54 -5.11
C GLU D 578 -13.87 -2.86 -5.81
N ASN D 579 -14.06 -2.90 -7.13
CA ASN D 579 -13.79 -4.10 -7.90
C ASN D 579 -12.30 -4.20 -8.22
N ASP D 580 -11.90 -5.33 -8.82
CA ASP D 580 -10.51 -5.59 -9.13
C ASP D 580 -10.28 -5.66 -10.63
N LEU D 581 -10.96 -4.80 -11.38
CA LEU D 581 -10.77 -4.74 -12.84
C LEU D 581 -9.83 -3.61 -13.27
N HIS D 582 -9.88 -2.46 -12.60
CA HIS D 582 -9.00 -1.36 -12.99
C HIS D 582 -7.54 -1.69 -12.73
N ILE D 583 -7.25 -2.45 -11.68
CA ILE D 583 -5.88 -2.90 -11.43
C ILE D 583 -5.52 -4.12 -12.26
N LEU D 584 -6.51 -4.84 -12.80
CA LEU D 584 -6.26 -5.94 -13.71
C LEU D 584 -6.02 -5.46 -15.14
N TYR D 585 -6.33 -4.21 -15.45
CA TYR D 585 -6.11 -3.66 -16.77
C TYR D 585 -4.70 -3.11 -16.96
N LEU D 586 -4.04 -2.73 -15.86
CA LEU D 586 -2.69 -2.18 -15.93
C LEU D 586 -1.60 -3.25 -15.87
N VAL D 587 -1.97 -4.51 -15.60
CA VAL D 587 -1.03 -5.62 -15.53
C VAL D 587 -1.34 -6.69 -16.56
N THR D 588 -2.32 -6.46 -17.42
CA THR D 588 -2.65 -7.43 -18.46
C THR D 588 -1.53 -7.48 -19.49
N PRO D 589 -1.05 -8.68 -19.84
CA PRO D 589 0.04 -8.76 -20.83
C PRO D 589 -0.39 -8.18 -22.17
N MET D 590 0.56 -7.55 -22.85
CA MET D 590 0.33 -6.91 -24.14
C MET D 590 0.74 -7.88 -25.23
N PHE D 591 -0.25 -8.47 -25.89
CA PHE D 591 -0.02 -9.43 -26.98
C PHE D 591 -0.32 -8.77 -28.30
N GLU D 592 0.61 -8.89 -29.25
CA GLU D 592 0.36 -8.35 -30.59
C GLU D 592 -0.81 -9.06 -31.27
N ASP D 593 -0.81 -10.39 -31.24
CA ASP D 593 -1.95 -11.16 -31.74
C ASP D 593 -1.90 -12.54 -31.08
N TRP D 594 -2.74 -12.74 -30.07
CA TRP D 594 -2.78 -14.02 -29.37
C TRP D 594 -4.00 -14.85 -29.73
N THR D 595 -5.07 -14.23 -30.22
CA THR D 595 -6.26 -14.96 -30.64
C THR D 595 -7.05 -14.07 -31.60
N THR D 596 -7.95 -14.70 -32.35
CA THR D 596 -8.85 -13.98 -33.24
C THR D 596 -9.93 -13.33 -32.40
N ILE D 597 -9.79 -12.03 -32.15
CA ILE D 597 -10.71 -11.32 -31.28
C ILE D 597 -12.06 -11.20 -31.99
N ASP D 598 -13.05 -11.95 -31.53
CA ASP D 598 -14.39 -11.82 -32.07
C ASP D 598 -15.00 -10.50 -31.61
N TRP D 599 -15.52 -9.74 -32.56
CA TRP D 599 -16.03 -8.40 -32.26
C TRP D 599 -17.53 -8.38 -32.00
N TYR D 600 -18.28 -9.38 -32.45
CA TYR D 600 -19.70 -9.44 -32.14
C TYR D 600 -19.94 -9.84 -30.70
N ARG D 601 -19.18 -10.83 -30.20
CA ARG D 601 -19.33 -11.26 -28.82
C ARG D 601 -18.84 -10.19 -27.86
N PHE D 602 -17.77 -9.47 -28.23
CA PHE D 602 -17.24 -8.43 -27.37
C PHE D 602 -18.28 -7.34 -27.12
N PHE D 603 -19.00 -6.94 -28.17
CA PHE D 603 -20.07 -5.97 -27.98
C PHE D 603 -21.21 -6.53 -27.15
N CYS D 604 -21.45 -7.84 -27.23
CA CYS D 604 -22.49 -8.46 -26.42
C CYS D 604 -22.15 -8.43 -24.94
N LEU D 605 -20.91 -8.79 -24.60
CA LEU D 605 -20.48 -8.75 -23.20
C LEU D 605 -20.36 -7.32 -22.69
N TRP D 606 -20.24 -6.34 -23.59
CA TRP D 606 -20.18 -4.95 -23.17
C TRP D 606 -21.49 -4.49 -22.54
N GLU D 607 -22.62 -4.93 -23.10
CA GLU D 607 -23.92 -4.49 -22.60
C GLU D 607 -24.29 -5.15 -21.28
N LYS D 608 -23.84 -6.39 -21.04
CA LYS D 608 -24.24 -7.14 -19.87
C LYS D 608 -23.37 -6.89 -18.66
N LEU D 609 -22.38 -6.01 -18.76
CA LEU D 609 -21.52 -5.71 -17.62
C LEU D 609 -22.31 -5.00 -16.52
N PRO D 610 -21.95 -5.22 -15.26
CA PRO D 610 -22.67 -4.57 -14.16
C PRO D 610 -22.44 -3.07 -14.11
N THR D 611 -23.02 -2.41 -13.11
CA THR D 611 -22.89 -0.96 -13.00
C THR D 611 -21.49 -0.55 -12.57
N SER D 612 -20.95 -1.23 -11.54
CA SER D 612 -19.63 -0.86 -11.04
C SER D 612 -18.55 -1.14 -12.07
N MET D 613 -18.64 -2.26 -12.78
CA MET D 613 -17.60 -2.64 -13.73
C MET D 613 -17.67 -1.84 -15.02
N LYS D 614 -18.78 -1.14 -15.28
CA LYS D 614 -18.87 -0.26 -16.43
C LYS D 614 -18.24 1.10 -16.18
N ARG D 615 -17.98 1.45 -14.91
CA ARG D 615 -17.28 2.70 -14.61
C ARG D 615 -15.80 2.60 -14.93
N VAL D 616 -15.20 1.41 -14.77
CA VAL D 616 -13.81 1.22 -15.14
C VAL D 616 -13.62 1.36 -16.64
N ALA D 617 -14.61 0.91 -17.42
CA ALA D 617 -14.49 0.95 -18.88
C ALA D 617 -14.39 2.39 -19.39
N GLU D 618 -15.20 3.29 -18.85
CA GLU D 618 -15.15 4.68 -19.31
C GLU D 618 -13.86 5.36 -18.90
N LEU D 619 -13.27 4.97 -17.76
CA LEU D 619 -12.05 5.61 -17.31
C LEU D 619 -10.83 5.17 -18.11
N VAL D 620 -10.77 3.88 -18.46
CA VAL D 620 -9.58 3.36 -19.12
C VAL D 620 -9.48 3.76 -20.59
N GLY D 621 -10.61 4.04 -21.25
CA GLY D 621 -10.56 4.49 -22.62
C GLY D 621 -11.52 3.81 -23.57
N VAL D 622 -11.91 2.57 -23.26
CA VAL D 622 -12.81 1.83 -24.13
C VAL D 622 -14.17 2.51 -24.15
N GLU D 623 -14.70 2.74 -25.35
CA GLU D 623 -15.98 3.43 -25.51
C GLU D 623 -16.82 2.68 -26.54
N GLU D 624 -18.13 2.86 -26.43
CA GLU D 624 -19.07 2.15 -27.29
C GLU D 624 -18.96 2.63 -28.74
N GLY D 625 -18.63 3.90 -28.96
CA GLY D 625 -18.61 4.43 -30.30
C GLY D 625 -17.63 3.73 -31.22
N PHE D 626 -16.45 3.40 -30.71
CA PHE D 626 -15.46 2.69 -31.53
C PHE D 626 -15.95 1.31 -31.91
N LEU D 627 -16.57 0.60 -30.96
CA LEU D 627 -17.10 -0.74 -31.25
C LEU D 627 -18.28 -0.70 -32.20
N ALA D 628 -18.94 0.44 -32.34
CA ALA D 628 -20.01 0.57 -33.32
C ALA D 628 -19.46 0.53 -34.74
N ARG D 629 -18.40 1.29 -35.00
CA ARG D 629 -17.75 1.24 -36.31
C ARG D 629 -17.14 -0.13 -36.57
N CYS D 630 -16.53 -0.72 -35.55
CA CYS D 630 -16.01 -2.08 -35.67
C CYS D 630 -17.17 -3.06 -35.62
N VAL D 631 -16.84 -4.35 -35.75
CA VAL D 631 -17.83 -5.44 -35.82
C VAL D 631 -18.78 -5.19 -36.99
N ALA D 632 -18.34 -4.42 -37.98
CA ALA D 632 -19.12 -4.11 -39.16
C ALA D 632 -18.23 -4.17 -40.40
N ALA D 633 -17.39 -5.20 -40.49
CA ALA D 633 -16.44 -5.39 -41.57
C ALA D 633 -15.49 -4.18 -41.68
N ALA D 634 -14.76 -3.94 -40.60
CA ALA D 634 -13.81 -2.85 -40.51
C ALA D 634 -12.40 -3.40 -40.37
N ALA D 635 -11.42 -2.51 -40.29
CA ALA D 635 -10.03 -2.89 -40.19
C ALA D 635 -9.29 -1.84 -39.37
N ALA D 636 -7.95 -1.90 -39.42
CA ALA D 636 -7.12 -0.99 -38.65
C ALA D 636 -6.89 0.31 -39.42
N ALA D 637 -6.08 1.19 -38.85
CA ALA D 637 -5.79 2.48 -39.44
C ALA D 637 -4.43 2.96 -38.93
N ALA D 638 -4.15 4.24 -39.13
CA ALA D 638 -2.83 4.80 -38.84
C ALA D 638 -3.04 6.20 -38.24
N ALA D 639 -1.98 7.01 -38.28
CA ALA D 639 -1.97 8.39 -37.81
C ALA D 639 -2.20 8.52 -36.31
N ALA D 640 -1.36 7.85 -35.51
CA ALA D 640 -1.22 8.12 -34.08
C ALA D 640 -2.49 7.83 -33.29
N ALA D 641 -3.52 8.66 -33.49
CA ALA D 641 -4.72 8.56 -32.67
C ALA D 641 -5.39 7.19 -32.82
N GLN D 642 -5.47 6.69 -34.05
CA GLN D 642 -6.06 5.36 -34.27
C GLN D 642 -5.20 4.25 -33.71
N HIS D 643 -3.89 4.47 -33.55
CA HIS D 643 -3.03 3.46 -32.96
C HIS D 643 -3.35 3.26 -31.48
N ARG D 644 -3.65 4.35 -30.77
CA ARG D 644 -3.98 4.24 -29.36
C ARG D 644 -5.33 3.56 -29.15
N GLN D 645 -6.30 3.84 -30.03
CA GLN D 645 -7.63 3.27 -29.86
C GLN D 645 -7.61 1.75 -29.95
N MET D 646 -6.86 1.20 -30.91
CA MET D 646 -6.81 -0.25 -31.06
C MET D 646 -6.11 -0.91 -29.88
N ALA D 647 -5.05 -0.28 -29.36
CA ALA D 647 -4.34 -0.86 -28.24
C ALA D 647 -5.16 -0.82 -26.96
N ILE D 648 -6.01 0.19 -26.79
CA ILE D 648 -6.86 0.28 -25.61
C ILE D 648 -7.88 -0.85 -25.61
N HIS D 649 -8.53 -1.08 -26.75
CA HIS D 649 -9.60 -2.07 -26.82
C HIS D 649 -9.08 -3.49 -26.83
N LYS D 650 -7.88 -3.72 -27.35
CA LYS D 650 -7.34 -5.08 -27.39
C LYS D 650 -7.00 -5.59 -25.99
N ARG D 651 -6.51 -4.71 -25.12
CA ARG D 651 -6.18 -5.12 -23.76
C ARG D 651 -7.41 -5.32 -22.88
N PHE D 652 -8.55 -4.74 -23.25
CA PHE D 652 -9.75 -4.94 -22.44
C PHE D 652 -10.30 -6.34 -22.62
N PHE D 653 -10.30 -6.86 -23.85
CA PHE D 653 -10.79 -8.21 -24.09
C PHE D 653 -9.95 -9.24 -23.35
N THR D 654 -8.62 -9.06 -23.35
CA THR D 654 -7.76 -9.97 -22.62
C THR D 654 -7.96 -9.85 -21.12
N SER D 655 -8.19 -8.61 -20.63
CA SER D 655 -8.40 -8.42 -19.20
C SER D 655 -9.71 -9.03 -18.73
N LEU D 656 -10.74 -9.02 -19.59
CA LEU D 656 -12.01 -9.65 -19.22
C LEU D 656 -11.84 -11.15 -19.01
N VAL D 657 -11.05 -11.80 -19.87
CA VAL D 657 -10.82 -13.24 -19.73
C VAL D 657 -10.09 -13.53 -18.43
N LEU D 658 -9.08 -12.72 -18.10
CA LEU D 658 -8.31 -12.94 -16.88
C LEU D 658 -9.15 -12.76 -15.62
N LEU D 659 -10.23 -11.97 -15.70
CA LEU D 659 -11.08 -11.76 -14.53
C LEU D 659 -11.79 -13.05 -14.14
N ASP D 660 -12.25 -13.83 -15.12
CA ASP D 660 -13.02 -15.03 -14.82
C ASP D 660 -12.15 -16.10 -14.18
N LEU D 661 -10.88 -16.21 -14.59
CA LEU D 661 -10.01 -17.23 -14.01
C LEU D 661 -9.78 -16.99 -12.53
N ILE D 662 -9.74 -15.74 -12.09
CA ILE D 662 -9.61 -15.44 -10.67
C ILE D 662 -10.88 -15.86 -9.93
N SER D 663 -12.04 -15.70 -10.57
CA SER D 663 -13.34 -15.97 -9.95
C SER D 663 -13.92 -17.30 -10.40
N GLU D 664 -13.07 -18.33 -10.53
CA GLU D 664 -13.47 -19.68 -10.93
C GLU D 664 -13.98 -19.70 -12.36
N VAL D 665 -15.30 -19.72 -12.54
CA VAL D 665 -15.92 -19.80 -13.87
C VAL D 665 -15.34 -20.98 -14.63
N PRO D 666 -15.76 -22.22 -14.31
CA PRO D 666 -15.10 -23.43 -14.85
C PRO D 666 -14.69 -23.37 -16.31
N LEU D 667 -13.52 -23.95 -16.61
CA LEU D 667 -12.86 -23.75 -17.89
C LEU D 667 -13.67 -24.29 -19.06
N ARG D 668 -14.56 -25.25 -18.83
CA ARG D 668 -15.37 -25.77 -19.94
C ARG D 668 -16.28 -24.68 -20.51
N GLU D 669 -16.85 -23.85 -19.63
CA GLU D 669 -17.66 -22.73 -20.07
C GLU D 669 -16.84 -21.52 -20.49
N ILE D 670 -15.55 -21.50 -20.18
CA ILE D 670 -14.71 -20.36 -20.54
C ILE D 670 -14.59 -20.25 -22.06
N ASN D 671 -14.29 -21.37 -22.72
CA ASN D 671 -14.14 -21.37 -24.17
C ASN D 671 -15.48 -21.25 -24.89
N GLN D 672 -16.60 -21.45 -24.20
CA GLN D 672 -17.90 -21.32 -24.84
C GLN D 672 -18.27 -19.87 -25.09
N LYS D 673 -18.00 -18.99 -24.11
CA LYS D 673 -18.34 -17.57 -24.25
C LYS D 673 -17.22 -16.80 -24.93
N TYR D 674 -15.98 -16.97 -24.47
CA TYR D 674 -14.82 -16.34 -25.08
C TYR D 674 -14.21 -17.29 -26.10
N GLY D 675 -14.00 -16.80 -27.31
CA GLY D 675 -13.31 -17.61 -28.30
C GLY D 675 -11.86 -17.79 -27.90
N CYS D 676 -11.53 -19.00 -27.44
CA CYS D 676 -10.21 -19.26 -26.88
C CYS D 676 -9.87 -20.72 -27.13
N ASN D 677 -8.87 -21.24 -26.42
CA ASN D 677 -8.43 -22.61 -26.59
C ASN D 677 -7.79 -23.07 -25.29
N ARG D 678 -7.77 -24.38 -25.09
CA ARG D 678 -7.21 -24.92 -23.85
C ARG D 678 -5.74 -24.60 -23.70
N GLY D 679 -4.97 -24.67 -24.78
CA GLY D 679 -3.55 -24.34 -24.71
C GLY D 679 -3.28 -22.86 -24.57
N GLN D 680 -4.19 -22.01 -25.05
CA GLN D 680 -4.01 -20.58 -24.92
C GLN D 680 -4.31 -20.09 -23.51
N ILE D 681 -5.29 -20.68 -22.84
CA ILE D 681 -5.64 -20.25 -21.48
C ILE D 681 -4.48 -20.47 -20.54
N GLN D 682 -3.81 -21.62 -20.65
CA GLN D 682 -2.66 -21.89 -19.78
C GLN D 682 -1.55 -20.88 -20.01
N SER D 683 -1.29 -20.53 -21.27
CA SER D 683 -0.21 -19.59 -21.57
C SER D 683 -0.50 -18.22 -20.99
N LEU D 684 -1.77 -17.81 -20.98
CA LEU D 684 -2.13 -16.51 -20.42
C LEU D 684 -1.84 -16.44 -18.93
N GLN D 685 -2.09 -17.52 -18.21
CA GLN D 685 -1.84 -17.52 -16.77
C GLN D 685 -0.36 -17.37 -16.46
N GLN D 686 0.50 -18.07 -17.21
CA GLN D 686 1.94 -17.96 -16.96
C GLN D 686 2.45 -16.56 -17.27
N SER D 687 1.98 -15.95 -18.36
CA SER D 687 2.47 -14.64 -18.76
C SER D 687 1.88 -13.50 -17.93
N ALA D 688 0.77 -13.74 -17.24
CA ALA D 688 0.18 -12.67 -16.44
C ALA D 688 0.97 -12.45 -15.15
N ALA D 689 1.45 -13.53 -14.54
CA ALA D 689 2.21 -13.40 -13.29
C ALA D 689 3.52 -12.66 -13.51
N VAL D 690 4.20 -12.92 -14.62
CA VAL D 690 5.47 -12.25 -14.91
C VAL D 690 5.24 -10.78 -15.19
N TYR D 691 4.16 -10.43 -15.87
CA TYR D 691 3.90 -9.04 -16.23
C TYR D 691 3.54 -8.20 -15.01
N ALA D 692 2.87 -8.81 -14.02
CA ALA D 692 2.44 -8.04 -12.85
C ALA D 692 3.63 -7.54 -12.05
N GLY D 693 4.66 -8.37 -11.89
CA GLY D 693 5.83 -7.99 -11.12
C GLY D 693 6.83 -7.15 -11.85
N MET D 694 6.58 -6.84 -13.13
CA MET D 694 7.49 -6.03 -13.92
C MET D 694 7.01 -4.59 -14.07
N ILE D 695 5.71 -4.36 -14.05
CA ILE D 695 5.19 -2.99 -13.99
C ILE D 695 5.53 -2.37 -12.64
N THR D 696 5.65 -3.18 -11.59
CA THR D 696 6.01 -2.66 -10.27
C THR D 696 7.38 -2.01 -10.29
N VAL D 697 8.35 -2.66 -10.96
CA VAL D 697 9.68 -2.07 -11.10
C VAL D 697 9.62 -0.79 -11.92
N PHE D 698 8.74 -0.75 -12.92
CA PHE D 698 8.59 0.45 -13.74
C PHE D 698 8.14 1.64 -12.91
N SER D 699 7.19 1.43 -12.00
CA SER D 699 6.67 2.52 -11.18
C SER D 699 7.64 2.94 -10.09
N ASN D 700 8.46 2.01 -9.59
CA ASN D 700 9.39 2.34 -8.50
C ASN D 700 10.46 3.32 -8.99
N ARG D 701 11.05 3.06 -10.14
CA ARG D 701 12.08 3.95 -10.67
C ARG D 701 11.49 5.26 -11.20
N LEU D 702 10.20 5.28 -11.53
CA LEU D 702 9.59 6.47 -12.09
C LEU D 702 9.37 7.55 -11.03
N GLY D 703 9.37 7.18 -9.74
CA GLY D 703 9.15 8.13 -8.67
C GLY D 703 7.76 8.08 -8.06
N TRP D 704 6.82 7.40 -8.70
CA TRP D 704 5.45 7.31 -8.18
C TRP D 704 5.38 6.18 -7.18
N HIS D 705 5.21 6.52 -5.90
CA HIS D 705 5.27 5.54 -4.82
C HIS D 705 3.91 5.07 -4.33
N ASN D 706 2.88 5.91 -4.42
CA ASN D 706 1.56 5.49 -3.96
C ASN D 706 0.95 4.43 -4.86
N MET D 707 1.16 4.54 -6.18
CA MET D 707 0.63 3.54 -7.09
C MET D 707 1.38 2.22 -6.98
N GLU D 708 2.67 2.26 -6.64
CA GLU D 708 3.47 1.05 -6.58
C GLU D 708 2.94 0.08 -5.53
N LEU D 709 2.48 0.60 -4.38
CA LEU D 709 1.96 -0.27 -3.33
C LEU D 709 0.74 -1.05 -3.79
N LEU D 710 -0.16 -0.39 -4.54
CA LEU D 710 -1.34 -1.09 -5.03
C LEU D 710 -0.98 -2.22 -5.99
N LEU D 711 -0.04 -1.97 -6.89
CA LEU D 711 0.35 -2.99 -7.86
C LEU D 711 1.07 -4.15 -7.18
N SER D 712 1.91 -3.86 -6.18
CA SER D 712 2.63 -4.91 -5.49
C SER D 712 1.71 -5.80 -4.68
N GLN D 713 0.62 -5.25 -4.13
CA GLN D 713 -0.31 -6.04 -3.34
C GLN D 713 -1.07 -7.06 -4.19
N PHE D 714 -1.18 -6.83 -5.49
CA PHE D 714 -1.97 -7.70 -6.36
C PHE D 714 -1.17 -8.87 -6.91
N GLN D 715 0.13 -8.94 -6.65
CA GLN D 715 0.92 -10.07 -7.14
C GLN D 715 0.53 -11.39 -6.48
N LYS D 716 -0.04 -11.34 -5.28
CA LYS D 716 -0.37 -12.57 -4.56
C LYS D 716 -1.56 -13.27 -5.20
N ARG D 717 -2.61 -12.51 -5.53
CA ARG D 717 -3.83 -13.12 -6.06
C ARG D 717 -3.61 -13.69 -7.46
N LEU D 718 -2.79 -13.02 -8.28
CA LEU D 718 -2.57 -13.48 -9.64
C LEU D 718 -1.80 -14.80 -9.69
N THR D 719 -1.10 -15.15 -8.62
CA THR D 719 -0.37 -16.42 -8.55
C THR D 719 -1.34 -17.50 -8.12
N PHE D 720 -1.95 -18.17 -9.11
CA PHE D 720 -2.93 -19.20 -8.82
C PHE D 720 -2.33 -20.35 -8.04
N GLY D 721 -1.38 -21.06 -8.64
CA GLY D 721 -0.77 -22.20 -7.98
C GLY D 721 -1.74 -23.37 -7.87
N ILE D 722 -1.34 -24.35 -7.08
CA ILE D 722 -2.15 -25.53 -6.81
C ILE D 722 -2.10 -25.82 -5.32
N GLN D 723 -3.27 -25.90 -4.69
CA GLN D 723 -3.35 -26.20 -3.27
C GLN D 723 -3.23 -27.70 -3.05
N ARG D 724 -2.50 -28.09 -2.00
CA ARG D 724 -2.29 -29.49 -1.65
C ARG D 724 -2.98 -29.88 -0.35
N GLU D 725 -2.73 -29.13 0.73
CA GLU D 725 -3.42 -29.39 1.98
C GLU D 725 -4.92 -29.14 1.84
N LEU D 726 -5.30 -28.10 1.11
CA LEU D 726 -6.71 -27.76 0.93
C LEU D 726 -7.43 -28.73 -0.01
N CYS D 727 -6.71 -29.63 -0.67
CA CYS D 727 -7.34 -30.55 -1.60
C CYS D 727 -8.35 -31.46 -0.89
N ASP D 728 -8.01 -31.93 0.30
CA ASP D 728 -8.95 -32.73 1.07
C ASP D 728 -10.19 -31.93 1.45
N LEU D 729 -9.99 -30.68 1.84
CA LEU D 729 -11.13 -29.82 2.18
C LEU D 729 -11.95 -29.45 0.95
N VAL D 730 -11.32 -29.47 -0.23
CA VAL D 730 -12.00 -29.05 -1.47
C VAL D 730 -12.92 -30.12 -2.01
N ARG D 731 -13.06 -31.26 -1.33
CA ARG D 731 -13.92 -32.34 -1.79
C ARG D 731 -15.41 -32.08 -1.52
N VAL D 732 -15.77 -30.85 -1.17
CA VAL D 732 -17.16 -30.49 -0.89
C VAL D 732 -17.74 -29.80 -2.12
N SER D 733 -19.01 -30.08 -2.41
CA SER D 733 -19.67 -29.50 -3.57
C SER D 733 -19.74 -27.98 -3.46
N LEU D 734 -20.36 -27.48 -2.38
CA LEU D 734 -20.52 -26.03 -2.18
C LEU D 734 -19.39 -25.48 -1.32
N LEU D 735 -18.16 -25.61 -1.83
CA LEU D 735 -16.99 -25.10 -1.13
C LEU D 735 -15.91 -24.84 -2.18
N ASN D 736 -15.73 -23.57 -2.53
CA ASN D 736 -14.72 -23.18 -3.50
C ASN D 736 -13.40 -22.92 -2.78
N ALA D 737 -12.43 -22.36 -3.51
CA ALA D 737 -11.12 -22.08 -2.91
C ALA D 737 -11.19 -20.97 -1.87
N GLN D 738 -12.10 -20.00 -2.05
CA GLN D 738 -12.18 -18.88 -1.13
C GLN D 738 -12.80 -19.28 0.21
N ARG D 739 -13.64 -20.30 0.22
CA ARG D 739 -14.28 -20.76 1.45
C ARG D 739 -13.43 -21.77 2.21
N ALA D 740 -12.33 -22.24 1.62
CA ALA D 740 -11.49 -23.20 2.32
C ALA D 740 -10.78 -22.57 3.51
N ARG D 741 -10.22 -21.37 3.32
CA ARG D 741 -9.47 -20.73 4.38
C ARG D 741 -10.33 -20.39 5.59
N VAL D 742 -11.54 -19.88 5.35
CA VAL D 742 -12.40 -19.50 6.47
C VAL D 742 -12.89 -20.74 7.22
N LEU D 743 -13.20 -21.81 6.48
CA LEU D 743 -13.65 -23.04 7.13
C LEU D 743 -12.50 -23.86 7.70
N TYR D 744 -11.25 -23.58 7.29
CA TYR D 744 -10.12 -24.30 7.83
C TYR D 744 -9.78 -23.84 9.24
N ALA D 745 -10.14 -22.61 9.60
CA ALA D 745 -9.82 -22.09 10.92
C ALA D 745 -10.51 -22.90 12.02
N SER D 746 -11.78 -23.25 11.80
CA SER D 746 -12.56 -23.96 12.83
C SER D 746 -12.49 -25.47 12.63
N GLY D 747 -12.93 -25.96 11.47
CA GLY D 747 -12.98 -27.39 11.23
C GLY D 747 -11.62 -28.03 11.07
N PHE D 748 -10.94 -27.73 9.96
CA PHE D 748 -9.62 -28.29 9.64
C PHE D 748 -9.64 -29.82 9.65
N HIS D 749 -10.74 -30.41 9.17
CA HIS D 749 -10.87 -31.87 9.16
C HIS D 749 -11.76 -32.25 7.98
N THR D 750 -12.26 -33.48 7.99
CA THR D 750 -13.08 -34.00 6.90
C THR D 750 -14.51 -33.50 7.06
N VAL D 751 -15.43 -34.08 6.28
CA VAL D 751 -16.82 -33.64 6.28
C VAL D 751 -17.75 -34.55 7.07
N ALA D 752 -17.23 -35.67 7.60
CA ALA D 752 -18.09 -36.61 8.31
C ALA D 752 -18.54 -36.07 9.65
N ASP D 753 -17.58 -35.78 10.55
CA ASP D 753 -17.90 -35.30 11.89
C ASP D 753 -17.62 -33.82 12.07
N LEU D 754 -16.59 -33.29 11.42
CA LEU D 754 -16.26 -31.87 11.57
C LEU D 754 -17.36 -30.98 11.02
N ALA D 755 -17.93 -31.36 9.88
CA ALA D 755 -19.00 -30.55 9.28
C ALA D 755 -20.32 -30.71 10.03
N ARG D 756 -20.48 -31.79 10.78
CA ARG D 756 -21.71 -32.02 11.56
C ARG D 756 -21.54 -31.52 13.00
N ALA D 757 -21.22 -30.24 13.11
CA ALA D 757 -21.02 -29.57 14.40
C ALA D 757 -21.85 -28.29 14.41
N ASN D 758 -23.11 -28.42 14.81
CA ASN D 758 -24.06 -27.30 14.92
C ASN D 758 -24.34 -26.66 13.57
N ILE D 759 -25.38 -25.83 13.51
CA ILE D 759 -25.73 -25.13 12.28
C ILE D 759 -25.60 -23.61 12.43
N VAL D 760 -25.72 -23.07 13.63
CA VAL D 760 -25.54 -21.63 13.83
C VAL D 760 -24.08 -21.25 13.67
N GLU D 761 -23.17 -22.08 14.19
CA GLU D 761 -21.74 -21.78 14.07
C GLU D 761 -21.28 -21.78 12.63
N VAL D 762 -21.73 -22.76 11.83
CA VAL D 762 -21.33 -22.83 10.44
C VAL D 762 -21.87 -21.64 9.65
N GLU D 763 -23.14 -21.30 9.87
CA GLU D 763 -23.75 -20.19 9.15
C GLU D 763 -23.08 -18.86 9.48
N VAL D 764 -22.79 -18.64 10.76
CA VAL D 764 -22.18 -17.37 11.18
C VAL D 764 -20.75 -17.27 10.67
N ILE D 765 -20.01 -18.37 10.67
CA ILE D 765 -18.59 -18.33 10.32
C ILE D 765 -18.41 -17.86 8.88
N LEU D 766 -19.21 -18.39 7.95
CA LEU D 766 -19.13 -17.96 6.57
C LEU D 766 -19.89 -16.67 6.31
N LYS D 767 -20.66 -16.18 7.28
CA LYS D 767 -21.38 -14.92 7.11
C LYS D 767 -20.46 -13.71 7.26
N ASN D 768 -19.46 -13.79 8.14
CA ASN D 768 -18.60 -12.66 8.45
C ASN D 768 -17.32 -12.63 7.62
N ALA D 769 -17.13 -13.60 6.72
CA ALA D 769 -15.93 -13.60 5.88
C ALA D 769 -15.99 -12.56 4.76
N VAL D 770 -17.18 -12.30 4.23
CA VAL D 770 -17.38 -11.36 3.14
C VAL D 770 -17.12 -9.95 3.66
N PRO D 771 -16.59 -9.04 2.84
CA PRO D 771 -16.53 -7.63 3.24
C PRO D 771 -17.91 -7.07 3.55
N PHE D 772 -17.94 -5.86 4.10
CA PHE D 772 -19.17 -5.29 4.62
C PHE D 772 -20.26 -5.20 3.55
N LYS D 773 -20.03 -4.38 2.53
CA LYS D 773 -20.93 -4.26 1.39
C LYS D 773 -22.36 -3.92 1.84
N SER D 774 -22.49 -2.72 2.40
CA SER D 774 -23.77 -2.24 2.90
C SER D 774 -24.87 -2.40 1.86
N ALA D 775 -26.09 -2.61 2.34
CA ALA D 775 -27.23 -2.94 1.48
C ALA D 775 -28.38 -1.96 1.72
N ARG D 776 -28.05 -0.67 1.75
CA ARG D 776 -29.06 0.38 1.82
C ARG D 776 -28.65 1.53 0.94
N LYS D 777 -29.61 2.08 0.19
CA LYS D 777 -29.31 3.16 -0.73
C LYS D 777 -28.93 4.43 0.02
N ALA D 778 -27.90 5.10 -0.47
CA ALA D 778 -27.41 6.32 0.15
C ALA D 778 -28.13 7.54 -0.42
N VAL D 779 -27.75 8.72 0.05
CA VAL D 779 -28.40 9.96 -0.39
C VAL D 779 -27.94 10.41 -1.76
N ASP D 780 -27.00 9.70 -2.38
CA ASP D 780 -26.50 10.06 -3.70
C ASP D 780 -26.39 8.90 -4.67
N GLU D 781 -26.57 7.66 -4.21
CA GLU D 781 -26.42 6.49 -5.07
C GLU D 781 -27.66 6.30 -5.93
N GLU D 782 -27.69 5.21 -6.69
CA GLU D 782 -28.82 4.85 -7.54
C GLU D 782 -29.22 3.42 -7.25
N GLU D 783 -30.37 3.02 -7.82
CA GLU D 783 -30.88 1.67 -7.59
C GLU D 783 -29.93 0.61 -8.12
N GLU D 784 -29.34 0.84 -9.30
CA GLU D 784 -28.44 -0.15 -9.89
C GLU D 784 -27.19 -0.35 -9.04
N ALA D 785 -26.67 0.73 -8.45
CA ALA D 785 -25.46 0.63 -7.64
C ALA D 785 -25.70 -0.22 -6.40
N VAL D 786 -26.86 -0.05 -5.75
CA VAL D 786 -27.14 -0.81 -4.53
C VAL D 786 -27.38 -2.28 -4.85
N GLU D 787 -28.06 -2.56 -5.96
CA GLU D 787 -28.36 -3.94 -6.31
C GLU D 787 -27.09 -4.74 -6.57
N GLU D 788 -26.10 -4.12 -7.22
CA GLU D 788 -24.82 -4.79 -7.41
C GLU D 788 -24.14 -5.08 -6.07
N ARG D 789 -24.42 -4.28 -5.05
CA ARG D 789 -23.88 -4.53 -3.72
C ARG D 789 -24.70 -5.57 -2.95
N ARG D 790 -25.91 -5.87 -3.40
CA ARG D 790 -26.76 -6.86 -2.76
C ARG D 790 -26.65 -8.24 -3.40
N ASN D 791 -26.32 -8.31 -4.69
CA ASN D 791 -26.20 -9.58 -5.38
C ASN D 791 -24.84 -10.24 -5.18
N MET D 792 -23.92 -9.58 -4.48
CA MET D 792 -22.61 -10.16 -4.22
C MET D 792 -22.58 -11.00 -2.95
N ARG D 793 -23.41 -10.68 -1.96
CA ARG D 793 -23.46 -11.41 -0.71
C ARG D 793 -24.22 -12.73 -0.82
N THR D 794 -24.93 -12.96 -1.92
CA THR D 794 -25.65 -14.21 -2.10
C THR D 794 -24.67 -15.37 -2.22
N ILE D 795 -25.04 -16.51 -1.62
CA ILE D 795 -24.16 -17.67 -1.60
C ILE D 795 -23.99 -18.20 -3.03
N TRP D 796 -22.74 -18.46 -3.41
CA TRP D 796 -22.44 -18.96 -4.75
C TRP D 796 -21.60 -20.22 -4.68
N ARG D 800 -23.82 -21.83 -8.94
CA ARG D 800 -23.55 -20.63 -8.14
C ARG D 800 -24.79 -19.74 -8.05
N LYS D 801 -24.78 -18.82 -7.09
CA LYS D 801 -25.87 -17.89 -6.86
C LYS D 801 -27.19 -18.63 -6.61
N GLY D 802 -27.20 -19.41 -5.54
CA GLY D 802 -28.35 -20.23 -5.21
C GLY D 802 -29.37 -19.55 -4.33
N LEU D 803 -29.65 -20.15 -3.17
CA LEU D 803 -30.68 -19.64 -2.27
C LEU D 803 -30.14 -18.48 -1.46
N THR D 804 -30.86 -18.08 -0.41
CA THR D 804 -30.45 -16.98 0.44
C THR D 804 -29.32 -17.41 1.36
N GLU D 805 -28.94 -16.52 2.28
CA GLU D 805 -27.82 -16.79 3.17
C GLU D 805 -28.14 -17.90 4.17
N ARG D 806 -29.31 -17.82 4.81
CA ARG D 806 -29.66 -18.81 5.83
C ARG D 806 -30.01 -20.17 5.23
N GLU D 807 -30.62 -20.18 4.04
CA GLU D 807 -31.03 -21.45 3.44
C GLU D 807 -29.82 -22.32 3.10
N ALA D 808 -28.73 -21.70 2.63
CA ALA D 808 -27.55 -22.47 2.27
C ALA D 808 -26.94 -23.17 3.47
N ALA D 809 -27.14 -22.64 4.68
CA ALA D 809 -26.60 -23.28 5.87
C ALA D 809 -27.23 -24.65 6.08
N ALA D 810 -28.55 -24.75 5.91
CA ALA D 810 -29.22 -26.04 6.07
C ALA D 810 -28.89 -26.98 4.91
N LEU D 811 -28.79 -26.44 3.69
CA LEU D 811 -28.47 -27.27 2.53
C LEU D 811 -27.08 -27.88 2.65
N ILE D 812 -26.11 -27.09 3.11
CA ILE D 812 -24.75 -27.59 3.25
C ILE D 812 -24.67 -28.72 4.28
N VAL D 813 -25.35 -28.55 5.42
CA VAL D 813 -25.34 -29.58 6.45
C VAL D 813 -26.04 -30.84 5.96
N GLU D 814 -27.19 -30.68 5.30
CA GLU D 814 -27.92 -31.84 4.79
C GLU D 814 -27.12 -32.58 3.72
N GLU D 815 -26.47 -31.83 2.83
CA GLU D 815 -25.67 -32.46 1.78
C GLU D 815 -24.47 -33.19 2.36
N ALA D 816 -23.85 -32.62 3.40
CA ALA D 816 -22.69 -33.27 4.02
C ALA D 816 -23.08 -34.59 4.67
N ARG D 817 -24.26 -34.64 5.30
CA ARG D 817 -24.71 -35.88 5.94
C ARG D 817 -24.91 -36.99 4.91
N MET D 818 -25.49 -36.65 3.75
CA MET D 818 -25.69 -37.66 2.71
C MET D 818 -24.36 -38.16 2.18
N ILE D 819 -23.39 -37.28 2.00
CA ILE D 819 -22.08 -37.69 1.50
C ILE D 819 -21.37 -38.54 2.55
N LEU D 820 -21.52 -38.19 3.83
CA LEU D 820 -20.87 -38.97 4.89
C LEU D 820 -21.42 -40.39 4.96
N GLN D 821 -22.73 -40.57 4.76
CA GLN D 821 -23.32 -41.90 4.79
C GLN D 821 -22.78 -42.78 3.68
N GLN D 822 -22.63 -42.22 2.47
CA GLN D 822 -22.11 -43.00 1.35
C GLN D 822 -20.66 -43.42 1.60
N ASP D 823 -19.85 -42.51 2.14
CA ASP D 823 -18.46 -42.84 2.43
C ASP D 823 -18.35 -43.92 3.50
N LEU D 824 -19.17 -43.84 4.54
CA LEU D 824 -19.14 -44.83 5.62
C LEU D 824 -20.15 -45.94 5.37
#